data_1WKC
# 
_entry.id   1WKC 
# 
_audit_conform.dict_name       mmcif_pdbx.dic 
_audit_conform.dict_version    5.399 
_audit_conform.dict_location   http://mmcif.pdb.org/dictionaries/ascii/mmcif_pdbx.dic 
# 
loop_
_database_2.database_id 
_database_2.database_code 
_database_2.pdbx_database_accession 
_database_2.pdbx_DOI 
PDB   1WKC         pdb_00001wkc 10.2210/pdb1wkc/pdb 
RCSB  RCSB023672   ?            ?                   
WWPDB D_1000023672 ?            ?                   
# 
loop_
_pdbx_audit_revision_history.ordinal 
_pdbx_audit_revision_history.data_content_type 
_pdbx_audit_revision_history.major_revision 
_pdbx_audit_revision_history.minor_revision 
_pdbx_audit_revision_history.revision_date 
1 'Structure model' 1 0 2004-12-01 
2 'Structure model' 1 1 2008-04-30 
3 'Structure model' 1 2 2011-07-13 
4 'Structure model' 1 3 2024-11-20 
# 
_pdbx_audit_revision_details.ordinal             1 
_pdbx_audit_revision_details.revision_ordinal    1 
_pdbx_audit_revision_details.data_content_type   'Structure model' 
_pdbx_audit_revision_details.provider            repository 
_pdbx_audit_revision_details.type                'Initial release' 
_pdbx_audit_revision_details.description         ? 
_pdbx_audit_revision_details.details             ? 
# 
loop_
_pdbx_audit_revision_group.ordinal 
_pdbx_audit_revision_group.revision_ordinal 
_pdbx_audit_revision_group.data_content_type 
_pdbx_audit_revision_group.group 
1 2 'Structure model' 'Version format compliance' 
2 3 'Structure model' 'Source and taxonomy'       
3 3 'Structure model' 'Version format compliance' 
4 4 'Structure model' 'Data collection'           
5 4 'Structure model' 'Database references'       
6 4 'Structure model' 'Derived calculations'      
7 4 'Structure model' 'Structure summary'         
# 
loop_
_pdbx_audit_revision_category.ordinal 
_pdbx_audit_revision_category.revision_ordinal 
_pdbx_audit_revision_category.data_content_type 
_pdbx_audit_revision_category.category 
1 4 'Structure model' chem_comp_atom            
2 4 'Structure model' chem_comp_bond            
3 4 'Structure model' database_2                
4 4 'Structure model' pdbx_entry_details        
5 4 'Structure model' pdbx_modification_feature 
6 4 'Structure model' struct_conn               
7 4 'Structure model' struct_ref_seq_dif        
8 4 'Structure model' struct_site               
# 
loop_
_pdbx_audit_revision_item.ordinal 
_pdbx_audit_revision_item.revision_ordinal 
_pdbx_audit_revision_item.data_content_type 
_pdbx_audit_revision_item.item 
1 4 'Structure model' '_database_2.pdbx_DOI'                
2 4 'Structure model' '_database_2.pdbx_database_accession' 
3 4 'Structure model' '_struct_conn.pdbx_leaving_atom_flag' 
4 4 'Structure model' '_struct_ref_seq_dif.details'         
5 4 'Structure model' '_struct_site.pdbx_auth_asym_id'      
6 4 'Structure model' '_struct_site.pdbx_auth_comp_id'      
7 4 'Structure model' '_struct_site.pdbx_auth_seq_id'       
# 
_pdbx_database_status.status_code                     REL 
_pdbx_database_status.entry_id                        1WKC 
_pdbx_database_status.recvd_initial_deposition_date   2004-05-31 
_pdbx_database_status.deposit_site                    PDBJ 
_pdbx_database_status.process_site                    PDBJ 
_pdbx_database_status.status_code_sf                  REL 
_pdbx_database_status.SG_entry                        Y 
_pdbx_database_status.pdb_format_compatible           Y 
_pdbx_database_status.status_code_mr                  ? 
_pdbx_database_status.status_code_cs                  ? 
_pdbx_database_status.status_code_nmr_data            ? 
_pdbx_database_status.methods_development_category    ? 
# 
_pdbx_database_related.db_name        TargetDB 
_pdbx_database_related.db_id          ttk003001367.1 
_pdbx_database_related.details        . 
_pdbx_database_related.content_type   unspecified 
# 
loop_
_audit_author.name 
_audit_author.pdbx_ordinal 
'Yanai, H.'                                              1 
'Tsuge, H.'                                              2 
'Utsunomiya, H.'                                         3 
'Yokoyama, S.'                                           4 
'Kuramitsu, S.'                                          5 
'RIKEN Structural Genomics/Proteomics Initiative (RSGI)' 6 
# 
_citation.id                        primary 
_citation.title                     
'Crystal structure of a 5-formyltetrahydrofolate cycloligase-related protein from Thermus thermophilus HB8' 
_citation.journal_abbrev            'To be Published' 
_citation.journal_volume            ? 
_citation.page_first                ? 
_citation.page_last                 ? 
_citation.year                      ? 
_citation.journal_id_ASTM           ? 
_citation.country                   ? 
_citation.journal_id_ISSN           ? 
_citation.journal_id_CSD            0353 
_citation.book_publisher            ? 
_citation.pdbx_database_id_PubMed   ? 
_citation.pdbx_database_id_DOI      ? 
# 
loop_
_citation_author.citation_id 
_citation_author.name 
_citation_author.ordinal 
_citation_author.identifier_ORCID 
primary 'Yanai, H.'      1 ? 
primary 'Tsuge, H.'      2 ? 
primary 'Utsunomiya, H.' 3 ? 
primary 'Yokoyama, S.'   4 ? 
primary 'Kuramitsu, S.'  5 ? 
# 
loop_
_entity.id 
_entity.type 
_entity.src_method 
_entity.pdbx_description 
_entity.formula_weight 
_entity.pdbx_number_of_molecules 
_entity.pdbx_ec 
_entity.pdbx_mutation 
_entity.pdbx_fragment 
_entity.details 
1 polymer     man 'HB8 TT1367 protein' 20457.561 1   ? ? ? ? 
2 non-polymer syn 'SULFATE ION'        96.063    4   ? ? ? ? 
3 water       nat water                18.015    146 ? ? ? ? 
# 
_entity_poly.entity_id                      1 
_entity_poly.type                           'polypeptide(L)' 
_entity_poly.nstd_linkage                   no 
_entity_poly.nstd_monomer                   yes 
_entity_poly.pdbx_seq_one_letter_code       
;(MSE)TKAELRRRARAAWRRLDLKALSRAVGAALLPWLRERGFRHILLYHPLPHELNLLPL(MSE)EAYPARYYLPKVAG
KGLTVHPFGPLAPGPFGLLEPTTPPEDPRVLDLVVVPGLAFDREGYRLGHGQGFYDRFLKEVRAATVGVVPQALLFPALP
RDPWDVPVDHLATEAGVEAVKRPAPGPGGLLD
;
_entity_poly.pdbx_seq_one_letter_code_can   
;MTKAELRRRARAAWRRLDLKALSRAVGAALLPWLRERGFRHILLYHPLPHELNLLPLMEAYPARYYLPKVAGKGLTVHPF
GPLAPGPFGLLEPTTPPEDPRVLDLVVVPGLAFDREGYRLGHGQGFYDRFLKEVRAATVGVVPQALLFPALPRDPWDVPV
DHLATEAGVEAVKRPAPGPGGLLD
;
_entity_poly.pdbx_strand_id                 A 
_entity_poly.pdbx_target_identifier         ttk003001367.1 
# 
loop_
_pdbx_entity_nonpoly.entity_id 
_pdbx_entity_nonpoly.name 
_pdbx_entity_nonpoly.comp_id 
2 'SULFATE ION' SO4 
3 water         HOH 
# 
loop_
_entity_poly_seq.entity_id 
_entity_poly_seq.num 
_entity_poly_seq.mon_id 
_entity_poly_seq.hetero 
1 1   MSE n 
1 2   THR n 
1 3   LYS n 
1 4   ALA n 
1 5   GLU n 
1 6   LEU n 
1 7   ARG n 
1 8   ARG n 
1 9   ARG n 
1 10  ALA n 
1 11  ARG n 
1 12  ALA n 
1 13  ALA n 
1 14  TRP n 
1 15  ARG n 
1 16  ARG n 
1 17  LEU n 
1 18  ASP n 
1 19  LEU n 
1 20  LYS n 
1 21  ALA n 
1 22  LEU n 
1 23  SER n 
1 24  ARG n 
1 25  ALA n 
1 26  VAL n 
1 27  GLY n 
1 28  ALA n 
1 29  ALA n 
1 30  LEU n 
1 31  LEU n 
1 32  PRO n 
1 33  TRP n 
1 34  LEU n 
1 35  ARG n 
1 36  GLU n 
1 37  ARG n 
1 38  GLY n 
1 39  PHE n 
1 40  ARG n 
1 41  HIS n 
1 42  ILE n 
1 43  LEU n 
1 44  LEU n 
1 45  TYR n 
1 46  HIS n 
1 47  PRO n 
1 48  LEU n 
1 49  PRO n 
1 50  HIS n 
1 51  GLU n 
1 52  LEU n 
1 53  ASN n 
1 54  LEU n 
1 55  LEU n 
1 56  PRO n 
1 57  LEU n 
1 58  MSE n 
1 59  GLU n 
1 60  ALA n 
1 61  TYR n 
1 62  PRO n 
1 63  ALA n 
1 64  ARG n 
1 65  TYR n 
1 66  TYR n 
1 67  LEU n 
1 68  PRO n 
1 69  LYS n 
1 70  VAL n 
1 71  ALA n 
1 72  GLY n 
1 73  LYS n 
1 74  GLY n 
1 75  LEU n 
1 76  THR n 
1 77  VAL n 
1 78  HIS n 
1 79  PRO n 
1 80  PHE n 
1 81  GLY n 
1 82  PRO n 
1 83  LEU n 
1 84  ALA n 
1 85  PRO n 
1 86  GLY n 
1 87  PRO n 
1 88  PHE n 
1 89  GLY n 
1 90  LEU n 
1 91  LEU n 
1 92  GLU n 
1 93  PRO n 
1 94  THR n 
1 95  THR n 
1 96  PRO n 
1 97  PRO n 
1 98  GLU n 
1 99  ASP n 
1 100 PRO n 
1 101 ARG n 
1 102 VAL n 
1 103 LEU n 
1 104 ASP n 
1 105 LEU n 
1 106 VAL n 
1 107 VAL n 
1 108 VAL n 
1 109 PRO n 
1 110 GLY n 
1 111 LEU n 
1 112 ALA n 
1 113 PHE n 
1 114 ASP n 
1 115 ARG n 
1 116 GLU n 
1 117 GLY n 
1 118 TYR n 
1 119 ARG n 
1 120 LEU n 
1 121 GLY n 
1 122 HIS n 
1 123 GLY n 
1 124 GLN n 
1 125 GLY n 
1 126 PHE n 
1 127 TYR n 
1 128 ASP n 
1 129 ARG n 
1 130 PHE n 
1 131 LEU n 
1 132 LYS n 
1 133 GLU n 
1 134 VAL n 
1 135 ARG n 
1 136 ALA n 
1 137 ALA n 
1 138 THR n 
1 139 VAL n 
1 140 GLY n 
1 141 VAL n 
1 142 VAL n 
1 143 PRO n 
1 144 GLN n 
1 145 ALA n 
1 146 LEU n 
1 147 LEU n 
1 148 PHE n 
1 149 PRO n 
1 150 ALA n 
1 151 LEU n 
1 152 PRO n 
1 153 ARG n 
1 154 ASP n 
1 155 PRO n 
1 156 TRP n 
1 157 ASP n 
1 158 VAL n 
1 159 PRO n 
1 160 VAL n 
1 161 ASP n 
1 162 HIS n 
1 163 LEU n 
1 164 ALA n 
1 165 THR n 
1 166 GLU n 
1 167 ALA n 
1 168 GLY n 
1 169 VAL n 
1 170 GLU n 
1 171 ALA n 
1 172 VAL n 
1 173 LYS n 
1 174 ARG n 
1 175 PRO n 
1 176 ALA n 
1 177 PRO n 
1 178 GLY n 
1 179 PRO n 
1 180 GLY n 
1 181 GLY n 
1 182 LEU n 
1 183 LEU n 
1 184 ASP n 
# 
_entity_src_gen.entity_id                          1 
_entity_src_gen.pdbx_src_id                        1 
_entity_src_gen.pdbx_alt_source_flag               sample 
_entity_src_gen.pdbx_seq_type                      ? 
_entity_src_gen.pdbx_beg_seq_num                   ? 
_entity_src_gen.pdbx_end_seq_num                   ? 
_entity_src_gen.gene_src_common_name               ? 
_entity_src_gen.gene_src_genus                     Thermus 
_entity_src_gen.pdbx_gene_src_gene                 ? 
_entity_src_gen.gene_src_species                   'Thermus thermophilus' 
_entity_src_gen.gene_src_strain                    HB8 
_entity_src_gen.gene_src_tissue                    ? 
_entity_src_gen.gene_src_tissue_fraction           ? 
_entity_src_gen.gene_src_details                   ? 
_entity_src_gen.pdbx_gene_src_fragment             ? 
_entity_src_gen.pdbx_gene_src_scientific_name      'Thermus thermophilus' 
_entity_src_gen.pdbx_gene_src_ncbi_taxonomy_id     300852 
_entity_src_gen.pdbx_gene_src_variant              ? 
_entity_src_gen.pdbx_gene_src_cell_line            ? 
_entity_src_gen.pdbx_gene_src_atcc                 ? 
_entity_src_gen.pdbx_gene_src_organ                ? 
_entity_src_gen.pdbx_gene_src_organelle            ? 
_entity_src_gen.pdbx_gene_src_cell                 ? 
_entity_src_gen.pdbx_gene_src_cellular_location    ? 
_entity_src_gen.host_org_common_name               ? 
_entity_src_gen.pdbx_host_org_scientific_name      'Escherichia coli' 
_entity_src_gen.pdbx_host_org_ncbi_taxonomy_id     562 
_entity_src_gen.host_org_genus                     Escherichia 
_entity_src_gen.pdbx_host_org_gene                 ? 
_entity_src_gen.pdbx_host_org_organ                ? 
_entity_src_gen.host_org_species                   ? 
_entity_src_gen.pdbx_host_org_tissue               ? 
_entity_src_gen.pdbx_host_org_tissue_fraction      ? 
_entity_src_gen.pdbx_host_org_strain               ? 
_entity_src_gen.pdbx_host_org_variant              ? 
_entity_src_gen.pdbx_host_org_cell_line            ? 
_entity_src_gen.pdbx_host_org_atcc                 ? 
_entity_src_gen.pdbx_host_org_culture_collection   ? 
_entity_src_gen.pdbx_host_org_cell                 ? 
_entity_src_gen.pdbx_host_org_organelle            ? 
_entity_src_gen.pdbx_host_org_cellular_location    ? 
_entity_src_gen.pdbx_host_org_vector_type          plasmid 
_entity_src_gen.pdbx_host_org_vector               ? 
_entity_src_gen.host_org_details                   ? 
_entity_src_gen.expression_system_id               ? 
_entity_src_gen.plasmid_name                       'B834(DE3)' 
_entity_src_gen.plasmid_details                    ? 
_entity_src_gen.pdbx_description                   ? 
# 
loop_
_chem_comp.id 
_chem_comp.type 
_chem_comp.mon_nstd_flag 
_chem_comp.name 
_chem_comp.pdbx_synonyms 
_chem_comp.formula 
_chem_comp.formula_weight 
ALA 'L-peptide linking' y ALANINE          ? 'C3 H7 N O2'     89.093  
ARG 'L-peptide linking' y ARGININE         ? 'C6 H15 N4 O2 1' 175.209 
ASN 'L-peptide linking' y ASPARAGINE       ? 'C4 H8 N2 O3'    132.118 
ASP 'L-peptide linking' y 'ASPARTIC ACID'  ? 'C4 H7 N O4'     133.103 
GLN 'L-peptide linking' y GLUTAMINE        ? 'C5 H10 N2 O3'   146.144 
GLU 'L-peptide linking' y 'GLUTAMIC ACID'  ? 'C5 H9 N O4'     147.129 
GLY 'peptide linking'   y GLYCINE          ? 'C2 H5 N O2'     75.067  
HIS 'L-peptide linking' y HISTIDINE        ? 'C6 H10 N3 O2 1' 156.162 
HOH non-polymer         . WATER            ? 'H2 O'           18.015  
ILE 'L-peptide linking' y ISOLEUCINE       ? 'C6 H13 N O2'    131.173 
LEU 'L-peptide linking' y LEUCINE          ? 'C6 H13 N O2'    131.173 
LYS 'L-peptide linking' y LYSINE           ? 'C6 H15 N2 O2 1' 147.195 
MET 'L-peptide linking' y METHIONINE       ? 'C5 H11 N O2 S'  149.211 
MSE 'L-peptide linking' n SELENOMETHIONINE ? 'C5 H11 N O2 Se' 196.106 
PHE 'L-peptide linking' y PHENYLALANINE    ? 'C9 H11 N O2'    165.189 
PRO 'L-peptide linking' y PROLINE          ? 'C5 H9 N O2'     115.130 
SER 'L-peptide linking' y SERINE           ? 'C3 H7 N O3'     105.093 
SO4 non-polymer         . 'SULFATE ION'    ? 'O4 S -2'        96.063  
THR 'L-peptide linking' y THREONINE        ? 'C4 H9 N O3'     119.119 
TRP 'L-peptide linking' y TRYPTOPHAN       ? 'C11 H12 N2 O2'  204.225 
TYR 'L-peptide linking' y TYROSINE         ? 'C9 H11 N O3'    181.189 
VAL 'L-peptide linking' y VALINE           ? 'C5 H11 N O2'    117.146 
# 
loop_
_pdbx_poly_seq_scheme.asym_id 
_pdbx_poly_seq_scheme.entity_id 
_pdbx_poly_seq_scheme.seq_id 
_pdbx_poly_seq_scheme.mon_id 
_pdbx_poly_seq_scheme.ndb_seq_num 
_pdbx_poly_seq_scheme.pdb_seq_num 
_pdbx_poly_seq_scheme.auth_seq_num 
_pdbx_poly_seq_scheme.pdb_mon_id 
_pdbx_poly_seq_scheme.auth_mon_id 
_pdbx_poly_seq_scheme.pdb_strand_id 
_pdbx_poly_seq_scheme.pdb_ins_code 
_pdbx_poly_seq_scheme.hetero 
A 1 1   MSE 1   1   1   MSE MSE A . n 
A 1 2   THR 2   2   2   THR THR A . n 
A 1 3   LYS 3   3   3   LYS LYS A . n 
A 1 4   ALA 4   4   4   ALA ALA A . n 
A 1 5   GLU 5   5   5   GLU GLU A . n 
A 1 6   LEU 6   6   6   LEU LEU A . n 
A 1 7   ARG 7   7   7   ARG ARG A . n 
A 1 8   ARG 8   8   8   ARG ARG A . n 
A 1 9   ARG 9   9   9   ARG ARG A . n 
A 1 10  ALA 10  10  10  ALA ALA A . n 
A 1 11  ARG 11  11  11  ARG ARG A . n 
A 1 12  ALA 12  12  12  ALA ALA A . n 
A 1 13  ALA 13  13  13  ALA ALA A . n 
A 1 14  TRP 14  14  14  TRP TRP A . n 
A 1 15  ARG 15  15  15  ARG ARG A . n 
A 1 16  ARG 16  16  16  ARG ARG A . n 
A 1 17  LEU 17  17  17  LEU LEU A . n 
A 1 18  ASP 18  18  18  ASP ASP A . n 
A 1 19  LEU 19  19  19  LEU LEU A . n 
A 1 20  LYS 20  20  20  LYS LYS A . n 
A 1 21  ALA 21  21  21  ALA ALA A . n 
A 1 22  LEU 22  22  22  LEU LEU A . n 
A 1 23  SER 23  23  23  SER SER A . n 
A 1 24  ARG 24  24  24  ARG ARG A . n 
A 1 25  ALA 25  25  25  ALA ALA A . n 
A 1 26  VAL 26  26  26  VAL VAL A . n 
A 1 27  GLY 27  27  27  GLY GLY A . n 
A 1 28  ALA 28  28  28  ALA ALA A . n 
A 1 29  ALA 29  29  29  ALA ALA A . n 
A 1 30  LEU 30  30  30  LEU LEU A . n 
A 1 31  LEU 31  31  31  LEU LEU A . n 
A 1 32  PRO 32  32  32  PRO PRO A . n 
A 1 33  TRP 33  33  33  TRP TRP A . n 
A 1 34  LEU 34  34  34  LEU LEU A . n 
A 1 35  ARG 35  35  35  ARG ARG A . n 
A 1 36  GLU 36  36  36  GLU GLU A . n 
A 1 37  ARG 37  37  37  ARG ARG A . n 
A 1 38  GLY 38  38  38  GLY GLY A . n 
A 1 39  PHE 39  39  39  PHE PHE A . n 
A 1 40  ARG 40  40  40  ARG ARG A . n 
A 1 41  HIS 41  41  41  HIS HIS A . n 
A 1 42  ILE 42  42  42  ILE ILE A . n 
A 1 43  LEU 43  43  43  LEU LEU A . n 
A 1 44  LEU 44  44  44  LEU LEU A . n 
A 1 45  TYR 45  45  45  TYR TYR A . n 
A 1 46  HIS 46  46  46  HIS HIS A . n 
A 1 47  PRO 47  47  47  PRO PRO A . n 
A 1 48  LEU 48  48  48  LEU LEU A . n 
A 1 49  PRO 49  49  49  PRO PRO A . n 
A 1 50  HIS 50  50  50  HIS HIS A . n 
A 1 51  GLU 51  51  51  GLU GLU A . n 
A 1 52  LEU 52  52  52  LEU LEU A . n 
A 1 53  ASN 53  53  53  ASN ASN A . n 
A 1 54  LEU 54  54  54  LEU LEU A . n 
A 1 55  LEU 55  55  55  LEU LEU A . n 
A 1 56  PRO 56  56  56  PRO PRO A . n 
A 1 57  LEU 57  57  57  LEU LEU A . n 
A 1 58  MSE 58  58  58  MSE MSE A . n 
A 1 59  GLU 59  59  59  GLU GLU A . n 
A 1 60  ALA 60  60  60  ALA ALA A . n 
A 1 61  TYR 61  61  61  TYR TYR A . n 
A 1 62  PRO 62  62  62  PRO PRO A . n 
A 1 63  ALA 63  63  63  ALA ALA A . n 
A 1 64  ARG 64  64  64  ARG ARG A . n 
A 1 65  TYR 65  65  65  TYR TYR A . n 
A 1 66  TYR 66  66  66  TYR TYR A . n 
A 1 67  LEU 67  67  67  LEU LEU A . n 
A 1 68  PRO 68  68  68  PRO PRO A . n 
A 1 69  LYS 69  69  69  LYS LYS A . n 
A 1 70  VAL 70  70  70  VAL VAL A . n 
A 1 71  ALA 71  71  71  ALA ALA A . n 
A 1 72  GLY 72  72  72  GLY GLY A . n 
A 1 73  LYS 73  73  73  LYS LYS A . n 
A 1 74  GLY 74  74  74  GLY GLY A . n 
A 1 75  LEU 75  75  75  LEU LEU A . n 
A 1 76  THR 76  76  76  THR THR A . n 
A 1 77  VAL 77  77  77  VAL VAL A . n 
A 1 78  HIS 78  78  78  HIS HIS A . n 
A 1 79  PRO 79  79  79  PRO PRO A . n 
A 1 80  PHE 80  80  80  PHE PHE A . n 
A 1 81  GLY 81  81  81  GLY GLY A . n 
A 1 82  PRO 82  82  82  PRO PRO A . n 
A 1 83  LEU 83  83  83  LEU LEU A . n 
A 1 84  ALA 84  84  84  ALA ALA A . n 
A 1 85  PRO 85  85  ?   ?   ?   A . n 
A 1 86  GLY 86  86  ?   ?   ?   A . n 
A 1 87  PRO 87  87  ?   ?   ?   A . n 
A 1 88  PHE 88  88  ?   ?   ?   A . n 
A 1 89  GLY 89  89  ?   ?   ?   A . n 
A 1 90  LEU 90  90  ?   ?   ?   A . n 
A 1 91  LEU 91  91  ?   ?   ?   A . n 
A 1 92  GLU 92  92  92  GLU GLU A . n 
A 1 93  PRO 93  93  93  PRO PRO A . n 
A 1 94  THR 94  94  94  THR THR A . n 
A 1 95  THR 95  95  95  THR THR A . n 
A 1 96  PRO 96  96  96  PRO PRO A . n 
A 1 97  PRO 97  97  97  PRO PRO A . n 
A 1 98  GLU 98  98  98  GLU GLU A . n 
A 1 99  ASP 99  99  99  ASP ASP A . n 
A 1 100 PRO 100 100 100 PRO PRO A . n 
A 1 101 ARG 101 101 101 ARG ARG A . n 
A 1 102 VAL 102 102 102 VAL VAL A . n 
A 1 103 LEU 103 103 103 LEU LEU A . n 
A 1 104 ASP 104 104 104 ASP ASP A . n 
A 1 105 LEU 105 105 105 LEU LEU A . n 
A 1 106 VAL 106 106 106 VAL VAL A . n 
A 1 107 VAL 107 107 107 VAL VAL A . n 
A 1 108 VAL 108 108 108 VAL VAL A . n 
A 1 109 PRO 109 109 109 PRO PRO A . n 
A 1 110 GLY 110 110 110 GLY GLY A . n 
A 1 111 LEU 111 111 111 LEU LEU A . n 
A 1 112 ALA 112 112 112 ALA ALA A . n 
A 1 113 PHE 113 113 113 PHE PHE A . n 
A 1 114 ASP 114 114 114 ASP ASP A . n 
A 1 115 ARG 115 115 115 ARG ARG A . n 
A 1 116 GLU 116 116 116 GLU GLU A . n 
A 1 117 GLY 117 117 117 GLY GLY A . n 
A 1 118 TYR 118 118 118 TYR TYR A . n 
A 1 119 ARG 119 119 119 ARG ARG A . n 
A 1 120 LEU 120 120 120 LEU LEU A . n 
A 1 121 GLY 121 121 121 GLY GLY A . n 
A 1 122 HIS 122 122 122 HIS HIS A . n 
A 1 123 GLY 123 123 123 GLY GLY A . n 
A 1 124 GLN 124 124 124 GLN GLN A . n 
A 1 125 GLY 125 125 125 GLY GLY A . n 
A 1 126 PHE 126 126 126 PHE PHE A . n 
A 1 127 TYR 127 127 127 TYR TYR A . n 
A 1 128 ASP 128 128 128 ASP ASP A . n 
A 1 129 ARG 129 129 129 ARG ARG A . n 
A 1 130 PHE 130 130 130 PHE PHE A . n 
A 1 131 LEU 131 131 131 LEU LEU A . n 
A 1 132 LYS 132 132 132 LYS LYS A . n 
A 1 133 GLU 133 133 133 GLU GLU A . n 
A 1 134 VAL 134 134 134 VAL VAL A . n 
A 1 135 ARG 135 135 135 ARG ARG A . n 
A 1 136 ALA 136 136 136 ALA ALA A . n 
A 1 137 ALA 137 137 137 ALA ALA A . n 
A 1 138 THR 138 138 138 THR THR A . n 
A 1 139 VAL 139 139 139 VAL VAL A . n 
A 1 140 GLY 140 140 140 GLY GLY A . n 
A 1 141 VAL 141 141 141 VAL VAL A . n 
A 1 142 VAL 142 142 142 VAL VAL A . n 
A 1 143 PRO 143 143 143 PRO PRO A . n 
A 1 144 GLN 144 144 144 GLN GLN A . n 
A 1 145 ALA 145 145 145 ALA ALA A . n 
A 1 146 LEU 146 146 146 LEU LEU A . n 
A 1 147 LEU 147 147 147 LEU LEU A . n 
A 1 148 PHE 148 148 148 PHE PHE A . n 
A 1 149 PRO 149 149 149 PRO PRO A . n 
A 1 150 ALA 150 150 150 ALA ALA A . n 
A 1 151 LEU 151 151 151 LEU LEU A . n 
A 1 152 PRO 152 152 152 PRO PRO A . n 
A 1 153 ARG 153 153 153 ARG ARG A . n 
A 1 154 ASP 154 154 154 ASP ASP A . n 
A 1 155 PRO 155 155 155 PRO PRO A . n 
A 1 156 TRP 156 156 156 TRP TRP A . n 
A 1 157 ASP 157 157 157 ASP ASP A . n 
A 1 158 VAL 158 158 158 VAL VAL A . n 
A 1 159 PRO 159 159 159 PRO PRO A . n 
A 1 160 VAL 160 160 160 VAL VAL A . n 
A 1 161 ASP 161 161 161 ASP ASP A . n 
A 1 162 HIS 162 162 162 HIS HIS A . n 
A 1 163 LEU 163 163 163 LEU LEU A . n 
A 1 164 ALA 164 164 164 ALA ALA A . n 
A 1 165 THR 165 165 165 THR THR A . n 
A 1 166 GLU 166 166 166 GLU GLU A . n 
A 1 167 ALA 167 167 167 ALA ALA A . n 
A 1 168 GLY 168 168 168 GLY GLY A . n 
A 1 169 VAL 169 169 169 VAL VAL A . n 
A 1 170 GLU 170 170 170 GLU GLU A . n 
A 1 171 ALA 171 171 171 ALA ALA A . n 
A 1 172 VAL 172 172 172 VAL VAL A . n 
A 1 173 LYS 173 173 173 LYS LYS A . n 
A 1 174 ARG 174 174 174 ARG ARG A . n 
A 1 175 PRO 175 175 175 PRO PRO A . n 
A 1 176 ALA 176 176 ?   ?   ?   A . n 
A 1 177 PRO 177 177 ?   ?   ?   A . n 
A 1 178 GLY 178 178 ?   ?   ?   A . n 
A 1 179 PRO 179 179 ?   ?   ?   A . n 
A 1 180 GLY 180 180 ?   ?   ?   A . n 
A 1 181 GLY 181 181 ?   ?   ?   A . n 
A 1 182 LEU 182 182 ?   ?   ?   A . n 
A 1 183 LEU 183 183 ?   ?   ?   A . n 
A 1 184 ASP 184 184 ?   ?   ?   A . n 
# 
loop_
_pdbx_nonpoly_scheme.asym_id 
_pdbx_nonpoly_scheme.entity_id 
_pdbx_nonpoly_scheme.mon_id 
_pdbx_nonpoly_scheme.ndb_seq_num 
_pdbx_nonpoly_scheme.pdb_seq_num 
_pdbx_nonpoly_scheme.auth_seq_num 
_pdbx_nonpoly_scheme.pdb_mon_id 
_pdbx_nonpoly_scheme.auth_mon_id 
_pdbx_nonpoly_scheme.pdb_strand_id 
_pdbx_nonpoly_scheme.pdb_ins_code 
B 2 SO4 1   200 200 SO4 SO4 A . 
C 2 SO4 1   201 201 SO4 SO4 A . 
D 2 SO4 1   202 202 SO4 SO4 A . 
E 2 SO4 1   203 203 SO4 SO4 A . 
F 3 HOH 1   204 1   HOH HOH A . 
F 3 HOH 2   205 2   HOH HOH A . 
F 3 HOH 3   206 3   HOH HOH A . 
F 3 HOH 4   207 4   HOH HOH A . 
F 3 HOH 5   208 5   HOH HOH A . 
F 3 HOH 6   209 6   HOH HOH A . 
F 3 HOH 7   210 7   HOH HOH A . 
F 3 HOH 8   211 8   HOH HOH A . 
F 3 HOH 9   212 9   HOH HOH A . 
F 3 HOH 10  213 10  HOH HOH A . 
F 3 HOH 11  214 11  HOH HOH A . 
F 3 HOH 12  215 12  HOH HOH A . 
F 3 HOH 13  216 13  HOH HOH A . 
F 3 HOH 14  217 14  HOH HOH A . 
F 3 HOH 15  218 15  HOH HOH A . 
F 3 HOH 16  219 16  HOH HOH A . 
F 3 HOH 17  220 18  HOH HOH A . 
F 3 HOH 18  221 19  HOH HOH A . 
F 3 HOH 19  222 20  HOH HOH A . 
F 3 HOH 20  223 21  HOH HOH A . 
F 3 HOH 21  224 22  HOH HOH A . 
F 3 HOH 22  225 23  HOH HOH A . 
F 3 HOH 23  226 24  HOH HOH A . 
F 3 HOH 24  227 25  HOH HOH A . 
F 3 HOH 25  228 26  HOH HOH A . 
F 3 HOH 26  229 27  HOH HOH A . 
F 3 HOH 27  230 28  HOH HOH A . 
F 3 HOH 28  231 29  HOH HOH A . 
F 3 HOH 29  232 30  HOH HOH A . 
F 3 HOH 30  233 31  HOH HOH A . 
F 3 HOH 31  234 32  HOH HOH A . 
F 3 HOH 32  235 33  HOH HOH A . 
F 3 HOH 33  236 34  HOH HOH A . 
F 3 HOH 34  237 35  HOH HOH A . 
F 3 HOH 35  238 36  HOH HOH A . 
F 3 HOH 36  239 37  HOH HOH A . 
F 3 HOH 37  240 38  HOH HOH A . 
F 3 HOH 38  241 39  HOH HOH A . 
F 3 HOH 39  242 40  HOH HOH A . 
F 3 HOH 40  243 41  HOH HOH A . 
F 3 HOH 41  244 42  HOH HOH A . 
F 3 HOH 42  245 43  HOH HOH A . 
F 3 HOH 43  246 44  HOH HOH A . 
F 3 HOH 44  247 45  HOH HOH A . 
F 3 HOH 45  248 46  HOH HOH A . 
F 3 HOH 46  249 47  HOH HOH A . 
F 3 HOH 47  250 48  HOH HOH A . 
F 3 HOH 48  251 49  HOH HOH A . 
F 3 HOH 49  252 50  HOH HOH A . 
F 3 HOH 50  253 51  HOH HOH A . 
F 3 HOH 51  254 53  HOH HOH A . 
F 3 HOH 52  255 54  HOH HOH A . 
F 3 HOH 53  256 55  HOH HOH A . 
F 3 HOH 54  257 56  HOH HOH A . 
F 3 HOH 55  258 57  HOH HOH A . 
F 3 HOH 56  259 58  HOH HOH A . 
F 3 HOH 57  260 59  HOH HOH A . 
F 3 HOH 58  261 60  HOH HOH A . 
F 3 HOH 59  262 61  HOH HOH A . 
F 3 HOH 60  263 62  HOH HOH A . 
F 3 HOH 61  264 63  HOH HOH A . 
F 3 HOH 62  265 64  HOH HOH A . 
F 3 HOH 63  266 65  HOH HOH A . 
F 3 HOH 64  267 66  HOH HOH A . 
F 3 HOH 65  268 67  HOH HOH A . 
F 3 HOH 66  269 68  HOH HOH A . 
F 3 HOH 67  270 69  HOH HOH A . 
F 3 HOH 68  271 70  HOH HOH A . 
F 3 HOH 69  272 71  HOH HOH A . 
F 3 HOH 70  273 72  HOH HOH A . 
F 3 HOH 71  274 73  HOH HOH A . 
F 3 HOH 72  275 75  HOH HOH A . 
F 3 HOH 73  276 76  HOH HOH A . 
F 3 HOH 74  277 77  HOH HOH A . 
F 3 HOH 75  278 78  HOH HOH A . 
F 3 HOH 76  279 79  HOH HOH A . 
F 3 HOH 77  280 80  HOH HOH A . 
F 3 HOH 78  281 81  HOH HOH A . 
F 3 HOH 79  282 82  HOH HOH A . 
F 3 HOH 80  283 83  HOH HOH A . 
F 3 HOH 81  284 84  HOH HOH A . 
F 3 HOH 82  285 85  HOH HOH A . 
F 3 HOH 83  286 86  HOH HOH A . 
F 3 HOH 84  287 88  HOH HOH A . 
F 3 HOH 85  288 89  HOH HOH A . 
F 3 HOH 86  289 90  HOH HOH A . 
F 3 HOH 87  290 91  HOH HOH A . 
F 3 HOH 88  291 94  HOH HOH A . 
F 3 HOH 89  292 96  HOH HOH A . 
F 3 HOH 90  293 98  HOH HOH A . 
F 3 HOH 91  294 99  HOH HOH A . 
F 3 HOH 92  295 100 HOH HOH A . 
F 3 HOH 93  296 101 HOH HOH A . 
F 3 HOH 94  297 102 HOH HOH A . 
F 3 HOH 95  298 103 HOH HOH A . 
F 3 HOH 96  299 104 HOH HOH A . 
F 3 HOH 97  300 105 HOH HOH A . 
F 3 HOH 98  301 106 HOH HOH A . 
F 3 HOH 99  302 107 HOH HOH A . 
F 3 HOH 100 303 108 HOH HOH A . 
F 3 HOH 101 304 109 HOH HOH A . 
F 3 HOH 102 305 110 HOH HOH A . 
F 3 HOH 103 306 111 HOH HOH A . 
F 3 HOH 104 307 112 HOH HOH A . 
F 3 HOH 105 308 113 HOH HOH A . 
F 3 HOH 106 309 114 HOH HOH A . 
F 3 HOH 107 310 115 HOH HOH A . 
F 3 HOH 108 311 116 HOH HOH A . 
F 3 HOH 109 312 117 HOH HOH A . 
F 3 HOH 110 313 119 HOH HOH A . 
F 3 HOH 111 314 120 HOH HOH A . 
F 3 HOH 112 315 121 HOH HOH A . 
F 3 HOH 113 316 122 HOH HOH A . 
F 3 HOH 114 317 124 HOH HOH A . 
F 3 HOH 115 318 125 HOH HOH A . 
F 3 HOH 116 319 126 HOH HOH A . 
F 3 HOH 117 320 127 HOH HOH A . 
F 3 HOH 118 321 128 HOH HOH A . 
F 3 HOH 119 322 129 HOH HOH A . 
F 3 HOH 120 323 130 HOH HOH A . 
F 3 HOH 121 324 131 HOH HOH A . 
F 3 HOH 122 325 132 HOH HOH A . 
F 3 HOH 123 326 133 HOH HOH A . 
F 3 HOH 124 327 134 HOH HOH A . 
F 3 HOH 125 328 135 HOH HOH A . 
F 3 HOH 126 329 136 HOH HOH A . 
F 3 HOH 127 330 137 HOH HOH A . 
F 3 HOH 128 331 138 HOH HOH A . 
F 3 HOH 129 332 139 HOH HOH A . 
F 3 HOH 130 333 140 HOH HOH A . 
F 3 HOH 131 334 141 HOH HOH A . 
F 3 HOH 132 335 142 HOH HOH A . 
F 3 HOH 133 336 143 HOH HOH A . 
F 3 HOH 134 337 144 HOH HOH A . 
F 3 HOH 135 338 145 HOH HOH A . 
F 3 HOH 136 339 146 HOH HOH A . 
F 3 HOH 137 340 147 HOH HOH A . 
F 3 HOH 138 341 148 HOH HOH A . 
F 3 HOH 139 342 149 HOH HOH A . 
F 3 HOH 140 343 150 HOH HOH A . 
F 3 HOH 141 344 151 HOH HOH A . 
F 3 HOH 142 345 152 HOH HOH A . 
F 3 HOH 143 346 153 HOH HOH A . 
F 3 HOH 144 347 154 HOH HOH A . 
F 3 HOH 145 348 155 HOH HOH A . 
F 3 HOH 146 349 156 HOH HOH A . 
# 
loop_
_software.name 
_software.classification 
_software.version 
_software.citation_id 
_software.pdbx_ordinal 
REFMAC       refinement       5.1.24         ? 1 
CrystalClear 'data reduction' '(MSC/RIGAKU)' ? 2 
CrystalClear 'data scaling'   '(MSC/RIGAKU)' ? 3 
SOLVE        phasing          .              ? 4 
# 
_cell.entry_id           1WKC 
_cell.length_a           54.010 
_cell.length_b           73.370 
_cell.length_c           107.220 
_cell.angle_alpha        90.00 
_cell.angle_beta         90.00 
_cell.angle_gamma        90.00 
_cell.Z_PDB              8 
_cell.pdbx_unique_axis   ? 
# 
_symmetry.entry_id                         1WKC 
_symmetry.space_group_name_H-M             'I 2 2 2' 
_symmetry.pdbx_full_space_group_name_H-M   ? 
_symmetry.cell_setting                     ? 
_symmetry.Int_Tables_number                23 
_symmetry.space_group_name_Hall            ? 
# 
_exptl.entry_id          1WKC 
_exptl.method            'X-RAY DIFFRACTION' 
_exptl.crystals_number   1 
# 
_exptl_crystal.id                    1 
_exptl_crystal.density_meas          ? 
_exptl_crystal.density_Matthews      2.7 
_exptl_crystal.density_percent_sol   53.3 
_exptl_crystal.description           ? 
_exptl_crystal.F_000                 ? 
_exptl_crystal.preparation           ? 
# 
_diffrn.id                     1 
_diffrn.ambient_temp           100 
_diffrn.ambient_temp_details   ? 
_diffrn.crystal_id             1 
# 
_diffrn_detector.diffrn_id              1 
_diffrn_detector.detector               CCD 
_diffrn_detector.type                   'RIGAKU JUPITER 210' 
_diffrn_detector.pdbx_collection_date   2004-04-20 
_diffrn_detector.details                ? 
# 
_diffrn_radiation.diffrn_id                        1 
_diffrn_radiation.wavelength_id                    1 
_diffrn_radiation.pdbx_monochromatic_or_laue_m_l   M 
_diffrn_radiation.monochromator                    ? 
_diffrn_radiation.pdbx_diffrn_protocol             MAD 
_diffrn_radiation.pdbx_scattering_type             x-ray 
# 
loop_
_diffrn_radiation_wavelength.id 
_diffrn_radiation_wavelength.wavelength 
_diffrn_radiation_wavelength.wt 
1 0.97923 1.0 
2 0.97954 1.0 
3 0.90000 1.0 
# 
_diffrn_source.diffrn_id                   1 
_diffrn_source.source                      SYNCHROTRON 
_diffrn_source.type                        'SPRING-8 BEAMLINE BL26B2' 
_diffrn_source.pdbx_synchrotron_site       SPring-8 
_diffrn_source.pdbx_synchrotron_beamline   BL26B2 
_diffrn_source.pdbx_wavelength             ? 
_diffrn_source.pdbx_wavelength_list        '0.97923, 0.97954, 0.90000' 
# 
_reflns.entry_id                     1WKC 
_reflns.observed_criterion_sigma_F   ? 
_reflns.observed_criterion_sigma_I   ? 
_reflns.d_resolution_high            1.7 
_reflns.d_resolution_low             60.86 
_reflns.number_all                   ? 
_reflns.number_obs                   23751 
_reflns.percent_possible_obs         99.6 
_reflns.pdbx_Rmerge_I_obs            0.043 
_reflns.pdbx_Rsym_value              ? 
_reflns.pdbx_netI_over_sigmaI        21.7 
_reflns.B_iso_Wilson_estimate        ? 
_reflns.pdbx_redundancy              7.04 
_reflns.R_free_details               ? 
_reflns.limit_h_max                  ? 
_reflns.limit_h_min                  ? 
_reflns.limit_k_max                  ? 
_reflns.limit_k_min                  ? 
_reflns.limit_l_max                  ? 
_reflns.limit_l_min                  ? 
_reflns.observed_criterion_F_max     ? 
_reflns.observed_criterion_F_min     ? 
_reflns.pdbx_chi_squared             ? 
_reflns.pdbx_scaling_rejects         ? 
_reflns.pdbx_ordinal                 1 
_reflns.pdbx_diffrn_id               1 
# 
_reflns_shell.d_res_high             1.7 
_reflns_shell.d_res_low              1.76 
_reflns_shell.percent_possible_all   100 
_reflns_shell.Rmerge_I_obs           0.264 
_reflns_shell.pdbx_Rsym_value        ? 
_reflns_shell.meanI_over_sigI_obs    ? 
_reflns_shell.pdbx_redundancy        7.13 
_reflns_shell.percent_possible_obs   ? 
_reflns_shell.number_unique_all      ? 
_reflns_shell.number_measured_all    ? 
_reflns_shell.number_measured_obs    ? 
_reflns_shell.number_unique_obs      ? 
_reflns_shell.pdbx_chi_squared       ? 
_reflns_shell.pdbx_ordinal           1 
_reflns_shell.pdbx_diffrn_id         1 
# 
_refine.entry_id                                 1WKC 
_refine.ls_number_reflns_obs                     22527 
_refine.ls_number_reflns_all                     22548 
_refine.pdbx_ls_sigma_I                          ? 
_refine.pdbx_ls_sigma_F                          ? 
_refine.pdbx_data_cutoff_high_absF               ? 
_refine.pdbx_data_cutoff_low_absF                ? 
_refine.pdbx_data_cutoff_high_rms_absF           ? 
_refine.ls_d_res_low                             19.93 
_refine.ls_d_res_high                            1.70 
_refine.ls_percent_reflns_obs                    99.52 
_refine.ls_R_factor_obs                          0.21995 
_refine.ls_R_factor_all                          ? 
_refine.ls_R_factor_R_work                       0.21834 
_refine.ls_R_factor_R_free                       0.25082 
_refine.ls_R_factor_R_free_error                 ? 
_refine.ls_R_factor_R_free_error_details         ? 
_refine.ls_percent_reflns_R_free                 5.1 
_refine.ls_number_reflns_R_free                  1212 
_refine.ls_number_parameters                     ? 
_refine.ls_number_restraints                     ? 
_refine.occupancy_min                            ? 
_refine.occupancy_max                            ? 
_refine.correlation_coeff_Fo_to_Fc               0.942 
_refine.correlation_coeff_Fo_to_Fc_free          0.918 
_refine.B_iso_mean                               24.702 
_refine.aniso_B[1][1]                            0.02 
_refine.aniso_B[2][2]                            0.02 
_refine.aniso_B[3][3]                            -0.04 
_refine.aniso_B[1][2]                            0.00 
_refine.aniso_B[1][3]                            0.00 
_refine.aniso_B[2][3]                            0.00 
_refine.solvent_model_details                    'BABINET MODEL WITH MASK' 
_refine.solvent_model_param_ksol                 ? 
_refine.solvent_model_param_bsol                 ? 
_refine.pdbx_solvent_vdw_probe_radii             1.40 
_refine.pdbx_solvent_ion_probe_radii             0.80 
_refine.pdbx_solvent_shrinkage_radii             0.80 
_refine.pdbx_ls_cross_valid_method               THROUGHOUT 
_refine.details                                  'HYDROGENS HAVE BEEN ADDED IN THE RIDING POSITIONS' 
_refine.pdbx_starting_model                      ? 
_refine.pdbx_method_to_determine_struct          MAD 
_refine.pdbx_isotropic_thermal_model             ? 
_refine.pdbx_stereochemistry_target_values       'MAXIMUM LIKELIHOOD' 
_refine.pdbx_stereochem_target_val_spec_case     ? 
_refine.pdbx_R_Free_selection_details            RANDOM 
_refine.pdbx_overall_ESU_R                       0.114 
_refine.pdbx_overall_ESU_R_Free                  0.112 
_refine.overall_SU_ML                            0.067 
_refine.overall_SU_B                             1.972 
_refine.ls_redundancy_reflns_obs                 ? 
_refine.B_iso_min                                ? 
_refine.B_iso_max                                ? 
_refine.overall_SU_R_Cruickshank_DPI             ? 
_refine.overall_SU_R_free                        ? 
_refine.ls_wR_factor_R_free                      ? 
_refine.ls_wR_factor_R_work                      ? 
_refine.overall_FOM_free_R_set                   ? 
_refine.overall_FOM_work_R_set                   ? 
_refine.pdbx_refine_id                           'X-RAY DIFFRACTION' 
_refine.pdbx_diffrn_id                           1 
_refine.pdbx_TLS_residual_ADP_flag               ? 
_refine.pdbx_overall_phase_error                 ? 
_refine.pdbx_overall_SU_R_free_Cruickshank_DPI   ? 
_refine.pdbx_overall_SU_R_Blow_DPI               ? 
_refine.pdbx_overall_SU_R_free_Blow_DPI          ? 
# 
_refine_hist.pdbx_refine_id                   'X-RAY DIFFRACTION' 
_refine_hist.cycle_id                         LAST 
_refine_hist.pdbx_number_atoms_protein        1338 
_refine_hist.pdbx_number_atoms_nucleic_acid   0 
_refine_hist.pdbx_number_atoms_ligand         20 
_refine_hist.number_atoms_solvent             146 
_refine_hist.number_atoms_total               1504 
_refine_hist.d_res_high                       1.70 
_refine_hist.d_res_low                        19.93 
# 
loop_
_refine_ls_restr.type 
_refine_ls_restr.dev_ideal 
_refine_ls_restr.dev_ideal_target 
_refine_ls_restr.weight 
_refine_ls_restr.number 
_refine_ls_restr.pdbx_refine_id 
_refine_ls_restr.pdbx_restraint_function 
r_bond_refined_d         0.022 0.021 ? 1395 'X-RAY DIFFRACTION' ? 
r_bond_other_d           0.002 0.020 ? 1327 'X-RAY DIFFRACTION' ? 
r_angle_refined_deg      2.028 1.995 ? 1905 'X-RAY DIFFRACTION' ? 
r_angle_other_deg        0.975 3.000 ? 3055 'X-RAY DIFFRACTION' ? 
r_dihedral_angle_1_deg   6.891 5.000 ? 166  'X-RAY DIFFRACTION' ? 
r_chiral_restr           0.121 0.200 ? 204  'X-RAY DIFFRACTION' ? 
r_gen_planes_refined     0.010 0.020 ? 1511 'X-RAY DIFFRACTION' ? 
r_gen_planes_other       0.008 0.020 ? 300  'X-RAY DIFFRACTION' ? 
r_nbd_refined            0.235 0.200 ? 308  'X-RAY DIFFRACTION' ? 
r_nbd_other              0.252 0.200 ? 1543 'X-RAY DIFFRACTION' ? 
r_nbtor_other            0.090 0.200 ? 862  'X-RAY DIFFRACTION' ? 
r_xyhbond_nbd_refined    0.182 0.200 ? 102  'X-RAY DIFFRACTION' ? 
r_symmetry_vdw_refined   0.277 0.200 ? 22   'X-RAY DIFFRACTION' ? 
r_symmetry_vdw_other     0.278 0.200 ? 74   'X-RAY DIFFRACTION' ? 
r_symmetry_hbond_refined 0.534 0.200 ? 12   'X-RAY DIFFRACTION' ? 
r_mcbond_it              1.348 1.500 ? 845  'X-RAY DIFFRACTION' ? 
r_mcangle_it             2.333 2.000 ? 1361 'X-RAY DIFFRACTION' ? 
r_scbond_it              3.243 3.000 ? 550  'X-RAY DIFFRACTION' ? 
r_scangle_it             5.292 4.500 ? 544  'X-RAY DIFFRACTION' ? 
# 
_refine_ls_shell.pdbx_total_number_of_bins_used   20 
_refine_ls_shell.d_res_high                       1.700 
_refine_ls_shell.d_res_low                        1.744 
_refine_ls_shell.number_reflns_R_work             1651 
_refine_ls_shell.R_factor_R_work                  0.212 
_refine_ls_shell.percent_reflns_obs               ? 
_refine_ls_shell.R_factor_R_free                  0.237 
_refine_ls_shell.R_factor_R_free_error            ? 
_refine_ls_shell.percent_reflns_R_free            ? 
_refine_ls_shell.number_reflns_R_free             90 
_refine_ls_shell.number_reflns_obs                ? 
_refine_ls_shell.redundancy_reflns_obs            ? 
_refine_ls_shell.number_reflns_all                ? 
_refine_ls_shell.pdbx_refine_id                   'X-RAY DIFFRACTION' 
_refine_ls_shell.R_factor_all                     ? 
# 
_struct.entry_id                  1WKC 
_struct.title                     
'Crystal structure of a 5-formyltetrahydrofolate cycloligase-related protein from Thermus thermophilus HB8' 
_struct.pdbx_model_details        ? 
_struct.pdbx_CASP_flag            ? 
_struct.pdbx_model_type_details   ? 
# 
_struct_keywords.entry_id        1WKC 
_struct_keywords.pdbx_keywords   'STRUCTURAL GENOMICS, UNKNOWN FUNCTION' 
_struct_keywords.text            
'HB8, STRUCTURAL GENOMICS, RIKEN Structural Genomics/Proteomics Initiative, RSGI, UNKNOWN FUNCTION' 
# 
loop_
_struct_asym.id 
_struct_asym.pdbx_blank_PDB_chainid_flag 
_struct_asym.pdbx_modified 
_struct_asym.entity_id 
_struct_asym.details 
A N N 1 ? 
B N N 2 ? 
C N N 2 ? 
D N N 2 ? 
E N N 2 ? 
F N N 3 ? 
# 
_struct_ref.id                         1 
_struct_ref.db_name                    GB 
_struct_ref.db_code                    YP_144877 
_struct_ref.entity_id                  1 
_struct_ref.pdbx_seq_one_letter_code   
;MTKAELRRRARAAWRRLDLKALSRAVGAALLPWLRERGFRHILLYHPLPHELNLLPLMEAYPARYYLPKVAGKGLTVHPF
GPLAPGPFGLLEPTTPPEDPRVLDLVVVPGLAFDREGYRLGHGQGFYDRFLKEVRAATVGVVPQALLFPALPRDPWDVPV
DHLATEAGVEAVKRPAPGPGGLLD
;
_struct_ref.pdbx_align_begin           1 
_struct_ref.pdbx_db_accession          55981580 
_struct_ref.pdbx_db_isoform            ? 
# 
_struct_ref_seq.align_id                      1 
_struct_ref_seq.ref_id                        1 
_struct_ref_seq.pdbx_PDB_id_code              1WKC 
_struct_ref_seq.pdbx_strand_id                A 
_struct_ref_seq.seq_align_beg                 1 
_struct_ref_seq.pdbx_seq_align_beg_ins_code   ? 
_struct_ref_seq.seq_align_end                 184 
_struct_ref_seq.pdbx_seq_align_end_ins_code   ? 
_struct_ref_seq.pdbx_db_accession             55981580 
_struct_ref_seq.db_align_beg                  1 
_struct_ref_seq.pdbx_db_align_beg_ins_code    ? 
_struct_ref_seq.db_align_end                  184 
_struct_ref_seq.pdbx_db_align_end_ins_code    ? 
_struct_ref_seq.pdbx_auth_seq_align_beg       1 
_struct_ref_seq.pdbx_auth_seq_align_end       184 
# 
loop_
_struct_ref_seq_dif.align_id 
_struct_ref_seq_dif.pdbx_pdb_id_code 
_struct_ref_seq_dif.mon_id 
_struct_ref_seq_dif.pdbx_pdb_strand_id 
_struct_ref_seq_dif.seq_num 
_struct_ref_seq_dif.pdbx_pdb_ins_code 
_struct_ref_seq_dif.pdbx_seq_db_name 
_struct_ref_seq_dif.pdbx_seq_db_accession_code 
_struct_ref_seq_dif.db_mon_id 
_struct_ref_seq_dif.pdbx_seq_db_seq_num 
_struct_ref_seq_dif.details 
_struct_ref_seq_dif.pdbx_auth_seq_num 
_struct_ref_seq_dif.pdbx_ordinal 
1 1WKC MSE A 1  ? GB 55981580 MET 1  'modified residue' 1  1 
1 1WKC MSE A 58 ? GB 55981580 MET 58 'modified residue' 58 2 
# 
_pdbx_struct_assembly.id                   1 
_pdbx_struct_assembly.details              author_defined_assembly 
_pdbx_struct_assembly.method_details       ? 
_pdbx_struct_assembly.oligomeric_details   monomeric 
_pdbx_struct_assembly.oligomeric_count     1 
# 
_pdbx_struct_assembly_gen.assembly_id       1 
_pdbx_struct_assembly_gen.oper_expression   1 
_pdbx_struct_assembly_gen.asym_id_list      A,B,C,D,E,F 
# 
_pdbx_struct_oper_list.id                   1 
_pdbx_struct_oper_list.type                 'identity operation' 
_pdbx_struct_oper_list.name                 1_555 
_pdbx_struct_oper_list.symmetry_operation   x,y,z 
_pdbx_struct_oper_list.matrix[1][1]         1.0000000000 
_pdbx_struct_oper_list.matrix[1][2]         0.0000000000 
_pdbx_struct_oper_list.matrix[1][3]         0.0000000000 
_pdbx_struct_oper_list.vector[1]            0.0000000000 
_pdbx_struct_oper_list.matrix[2][1]         0.0000000000 
_pdbx_struct_oper_list.matrix[2][2]         1.0000000000 
_pdbx_struct_oper_list.matrix[2][3]         0.0000000000 
_pdbx_struct_oper_list.vector[2]            0.0000000000 
_pdbx_struct_oper_list.matrix[3][1]         0.0000000000 
_pdbx_struct_oper_list.matrix[3][2]         0.0000000000 
_pdbx_struct_oper_list.matrix[3][3]         1.0000000000 
_pdbx_struct_oper_list.vector[3]            0.0000000000 
# 
_struct_biol.id                    1 
_struct_biol.pdbx_parent_biol_id   ? 
_struct_biol.details               ? 
# 
loop_
_struct_conf.conf_type_id 
_struct_conf.id 
_struct_conf.pdbx_PDB_helix_id 
_struct_conf.beg_label_comp_id 
_struct_conf.beg_label_asym_id 
_struct_conf.beg_label_seq_id 
_struct_conf.pdbx_beg_PDB_ins_code 
_struct_conf.end_label_comp_id 
_struct_conf.end_label_asym_id 
_struct_conf.end_label_seq_id 
_struct_conf.pdbx_end_PDB_ins_code 
_struct_conf.beg_auth_comp_id 
_struct_conf.beg_auth_asym_id 
_struct_conf.beg_auth_seq_id 
_struct_conf.end_auth_comp_id 
_struct_conf.end_auth_asym_id 
_struct_conf.end_auth_seq_id 
_struct_conf.pdbx_PDB_helix_class 
_struct_conf.details 
_struct_conf.pdbx_PDB_helix_length 
HELX_P HELX_P1 1 THR A 2   ? ARG A 16  ? THR A 2   ARG A 16  1 ? 15 
HELX_P HELX_P2 2 ASP A 18  ? GLY A 38  ? ASP A 18  GLY A 38  1 ? 21 
HELX_P HELX_P3 3 PRO A 56  ? TYR A 61  ? PRO A 56  TYR A 61  1 ? 6  
HELX_P HELX_P4 4 ASP A 99  ? LEU A 103 ? ASP A 99  LEU A 103 5 ? 5  
HELX_P HELX_P5 5 GLY A 125 ? VAL A 134 ? GLY A 125 VAL A 134 1 ? 10 
HELX_P HELX_P6 6 PRO A 143 ? ALA A 145 ? PRO A 143 ALA A 145 5 ? 3  
# 
_struct_conf_type.id          HELX_P 
_struct_conf_type.criteria    ? 
_struct_conf_type.reference   ? 
# 
loop_
_struct_conn.id 
_struct_conn.conn_type_id 
_struct_conn.pdbx_leaving_atom_flag 
_struct_conn.pdbx_PDB_id 
_struct_conn.ptnr1_label_asym_id 
_struct_conn.ptnr1_label_comp_id 
_struct_conn.ptnr1_label_seq_id 
_struct_conn.ptnr1_label_atom_id 
_struct_conn.pdbx_ptnr1_label_alt_id 
_struct_conn.pdbx_ptnr1_PDB_ins_code 
_struct_conn.pdbx_ptnr1_standard_comp_id 
_struct_conn.ptnr1_symmetry 
_struct_conn.ptnr2_label_asym_id 
_struct_conn.ptnr2_label_comp_id 
_struct_conn.ptnr2_label_seq_id 
_struct_conn.ptnr2_label_atom_id 
_struct_conn.pdbx_ptnr2_label_alt_id 
_struct_conn.pdbx_ptnr2_PDB_ins_code 
_struct_conn.ptnr1_auth_asym_id 
_struct_conn.ptnr1_auth_comp_id 
_struct_conn.ptnr1_auth_seq_id 
_struct_conn.ptnr2_auth_asym_id 
_struct_conn.ptnr2_auth_comp_id 
_struct_conn.ptnr2_auth_seq_id 
_struct_conn.ptnr2_symmetry 
_struct_conn.pdbx_ptnr3_label_atom_id 
_struct_conn.pdbx_ptnr3_label_seq_id 
_struct_conn.pdbx_ptnr3_label_comp_id 
_struct_conn.pdbx_ptnr3_label_asym_id 
_struct_conn.pdbx_ptnr3_label_alt_id 
_struct_conn.pdbx_ptnr3_PDB_ins_code 
_struct_conn.details 
_struct_conn.pdbx_dist_value 
_struct_conn.pdbx_value_order 
_struct_conn.pdbx_role 
covale1 covale both ? A MSE 1  C ? ? ? 1_555 A THR 2  N ? ? A MSE 1  A THR 2  1_555 ? ? ? ? ? ? ? 1.322 ? ? 
covale2 covale both ? A LEU 57 C ? ? ? 1_555 A MSE 58 N ? ? A LEU 57 A MSE 58 1_555 ? ? ? ? ? ? ? 1.340 ? ? 
covale3 covale both ? A MSE 58 C ? ? ? 1_555 A GLU 59 N ? ? A MSE 58 A GLU 59 1_555 ? ? ? ? ? ? ? 1.321 ? ? 
# 
_struct_conn_type.id          covale 
_struct_conn_type.criteria    ? 
_struct_conn_type.reference   ? 
# 
loop_
_pdbx_modification_feature.ordinal 
_pdbx_modification_feature.label_comp_id 
_pdbx_modification_feature.label_asym_id 
_pdbx_modification_feature.label_seq_id 
_pdbx_modification_feature.label_alt_id 
_pdbx_modification_feature.modified_residue_label_comp_id 
_pdbx_modification_feature.modified_residue_label_asym_id 
_pdbx_modification_feature.modified_residue_label_seq_id 
_pdbx_modification_feature.modified_residue_label_alt_id 
_pdbx_modification_feature.auth_comp_id 
_pdbx_modification_feature.auth_asym_id 
_pdbx_modification_feature.auth_seq_id 
_pdbx_modification_feature.PDB_ins_code 
_pdbx_modification_feature.symmetry 
_pdbx_modification_feature.modified_residue_auth_comp_id 
_pdbx_modification_feature.modified_residue_auth_asym_id 
_pdbx_modification_feature.modified_residue_auth_seq_id 
_pdbx_modification_feature.modified_residue_PDB_ins_code 
_pdbx_modification_feature.modified_residue_symmetry 
_pdbx_modification_feature.comp_id_linking_atom 
_pdbx_modification_feature.modified_residue_id_linking_atom 
_pdbx_modification_feature.modified_residue_id 
_pdbx_modification_feature.ref_pcm_id 
_pdbx_modification_feature.ref_comp_id 
_pdbx_modification_feature.type 
_pdbx_modification_feature.category 
1 MSE A 1  ? . . . . MSE A 1  ? 1_555 . . . . . . . MET 1 MSE Selenomethionine 'Named protein modification' 
2 MSE A 58 ? . . . . MSE A 58 ? 1_555 . . . . . . . MET 1 MSE Selenomethionine 'Named protein modification' 
# 
loop_
_struct_sheet.id 
_struct_sheet.type 
_struct_sheet.number_strands 
_struct_sheet.details 
A ? 7 ? 
B ? 3 ? 
# 
loop_
_struct_sheet_order.sheet_id 
_struct_sheet_order.range_id_1 
_struct_sheet_order.range_id_2 
_struct_sheet_order.offset 
_struct_sheet_order.sense 
A 1 2 ? anti-parallel 
A 2 3 ? parallel      
A 3 4 ? parallel      
A 4 5 ? parallel      
A 5 6 ? parallel      
A 6 7 ? anti-parallel 
B 1 2 ? anti-parallel 
B 2 3 ? parallel      
# 
loop_
_struct_sheet_range.sheet_id 
_struct_sheet_range.id 
_struct_sheet_range.beg_label_comp_id 
_struct_sheet_range.beg_label_asym_id 
_struct_sheet_range.beg_label_seq_id 
_struct_sheet_range.pdbx_beg_PDB_ins_code 
_struct_sheet_range.end_label_comp_id 
_struct_sheet_range.end_label_asym_id 
_struct_sheet_range.end_label_seq_id 
_struct_sheet_range.pdbx_end_PDB_ins_code 
_struct_sheet_range.beg_auth_comp_id 
_struct_sheet_range.beg_auth_asym_id 
_struct_sheet_range.beg_auth_seq_id 
_struct_sheet_range.end_auth_comp_id 
_struct_sheet_range.end_auth_asym_id 
_struct_sheet_range.end_auth_seq_id 
A 1 GLY A 74  ? PRO A 79  ? GLY A 74  PRO A 79  
A 2 ARG A 64  ? ALA A 71  ? ARG A 64  ALA A 71  
A 3 HIS A 41  ? LEU A 43  ? HIS A 41  LEU A 43  
A 4 LEU A 105 ? VAL A 108 ? LEU A 105 VAL A 108 
A 5 ALA A 137 ? VAL A 141 ? ALA A 137 VAL A 141 
A 6 HIS A 162 ? THR A 165 ? HIS A 162 THR A 165 
A 7 GLY A 168 ? ALA A 171 ? GLY A 168 ALA A 171 
B 1 ARG A 119 ? LEU A 120 ? ARG A 119 LEU A 120 
B 2 ALA A 112 ? ASP A 114 ? ALA A 112 ASP A 114 
B 3 LEU A 147 ? PHE A 148 ? LEU A 147 PHE A 148 
# 
loop_
_pdbx_struct_sheet_hbond.sheet_id 
_pdbx_struct_sheet_hbond.range_id_1 
_pdbx_struct_sheet_hbond.range_id_2 
_pdbx_struct_sheet_hbond.range_1_label_atom_id 
_pdbx_struct_sheet_hbond.range_1_label_comp_id 
_pdbx_struct_sheet_hbond.range_1_label_asym_id 
_pdbx_struct_sheet_hbond.range_1_label_seq_id 
_pdbx_struct_sheet_hbond.range_1_PDB_ins_code 
_pdbx_struct_sheet_hbond.range_1_auth_atom_id 
_pdbx_struct_sheet_hbond.range_1_auth_comp_id 
_pdbx_struct_sheet_hbond.range_1_auth_asym_id 
_pdbx_struct_sheet_hbond.range_1_auth_seq_id 
_pdbx_struct_sheet_hbond.range_2_label_atom_id 
_pdbx_struct_sheet_hbond.range_2_label_comp_id 
_pdbx_struct_sheet_hbond.range_2_label_asym_id 
_pdbx_struct_sheet_hbond.range_2_label_seq_id 
_pdbx_struct_sheet_hbond.range_2_PDB_ins_code 
_pdbx_struct_sheet_hbond.range_2_auth_atom_id 
_pdbx_struct_sheet_hbond.range_2_auth_comp_id 
_pdbx_struct_sheet_hbond.range_2_auth_asym_id 
_pdbx_struct_sheet_hbond.range_2_auth_seq_id 
A 1 2 O HIS A 78  ? O HIS A 78  N LEU A 67  ? N LEU A 67  
A 2 3 O ARG A 64  ? O ARG A 64  N ILE A 42  ? N ILE A 42  
A 3 4 N LEU A 43  ? N LEU A 43  O LEU A 105 ? O LEU A 105 
A 4 5 N VAL A 108 ? N VAL A 108 O VAL A 139 ? O VAL A 139 
A 5 6 N GLY A 140 ? N GLY A 140 O ALA A 164 ? O ALA A 164 
A 6 7 N LEU A 163 ? N LEU A 163 O GLU A 170 ? O GLU A 170 
B 1 2 O LEU A 120 ? O LEU A 120 N ALA A 112 ? N ALA A 112 
B 2 3 N PHE A 113 ? N PHE A 113 O PHE A 148 ? O PHE A 148 
# 
loop_
_struct_site.id 
_struct_site.pdbx_evidence_code 
_struct_site.pdbx_auth_asym_id 
_struct_site.pdbx_auth_comp_id 
_struct_site.pdbx_auth_seq_id 
_struct_site.pdbx_auth_ins_code 
_struct_site.pdbx_num_residues 
_struct_site.details 
AC1 Software A SO4 200 ? 10 'BINDING SITE FOR RESIDUE SO4 A 200' 
AC2 Software A SO4 201 ? 11 'BINDING SITE FOR RESIDUE SO4 A 201' 
AC3 Software A SO4 202 ? 9  'BINDING SITE FOR RESIDUE SO4 A 202' 
AC4 Software A SO4 203 ? 4  'BINDING SITE FOR RESIDUE SO4 A 203' 
# 
loop_
_struct_site_gen.id 
_struct_site_gen.site_id 
_struct_site_gen.pdbx_num_res 
_struct_site_gen.label_comp_id 
_struct_site_gen.label_asym_id 
_struct_site_gen.label_seq_id 
_struct_site_gen.pdbx_auth_ins_code 
_struct_site_gen.auth_comp_id 
_struct_site_gen.auth_asym_id 
_struct_site_gen.auth_seq_id 
_struct_site_gen.label_atom_id 
_struct_site_gen.label_alt_id 
_struct_site_gen.symmetry 
_struct_site_gen.details 
1  AC1 10 ARG A 119 ? ARG A 119 . ? 1_555 ? 
2  AC1 10 GLY A 121 ? GLY A 121 . ? 1_555 ? 
3  AC1 10 HIS A 122 ? HIS A 122 . ? 1_555 ? 
4  AC1 10 GLY A 123 ? GLY A 123 . ? 1_555 ? 
5  AC1 10 GLN A 124 ? GLN A 124 . ? 1_555 ? 
6  AC1 10 GLY A 125 ? GLY A 125 . ? 1_555 ? 
7  AC1 10 PHE A 126 ? PHE A 126 . ? 1_555 ? 
8  AC1 10 TYR A 127 ? TYR A 127 . ? 1_555 ? 
9  AC1 10 HOH F .   ? HOH A 204 . ? 1_555 ? 
10 AC1 10 HOH F .   ? HOH A 313 . ? 1_555 ? 
11 AC2 11 LYS A 3   ? LYS A 3   . ? 1_555 ? 
12 AC2 11 ARG A 119 ? ARG A 119 . ? 1_555 ? 
13 AC2 11 LEU A 120 ? LEU A 120 . ? 1_555 ? 
14 AC2 11 GLY A 121 ? GLY A 121 . ? 1_555 ? 
15 AC2 11 HIS A 122 ? HIS A 122 . ? 1_555 ? 
16 AC2 11 GLY A 123 ? GLY A 123 . ? 1_555 ? 
17 AC2 11 HOH F .   ? HOH A 228 . ? 1_555 ? 
18 AC2 11 HOH F .   ? HOH A 233 . ? 1_555 ? 
19 AC2 11 HOH F .   ? HOH A 254 . ? 1_555 ? 
20 AC2 11 HOH F .   ? HOH A 278 . ? 1_555 ? 
21 AC2 11 HOH F .   ? HOH A 299 . ? 1_555 ? 
22 AC3 9  THR A 2   ? THR A 2   . ? 1_555 ? 
23 AC3 9  LYS A 3   ? LYS A 3   . ? 1_555 ? 
24 AC3 9  ARG A 37  ? ARG A 37  . ? 8_455 ? 
25 AC3 9  ALA A 137 ? ALA A 137 . ? 8_455 ? 
26 AC3 9  ASP A 161 ? ASP A 161 . ? 8_455 ? 
27 AC3 9  HIS A 162 ? HIS A 162 . ? 8_455 ? 
28 AC3 9  HOH F .   ? HOH A 232 . ? 8_455 ? 
29 AC3 9  HOH F .   ? HOH A 267 . ? 1_555 ? 
30 AC3 9  HOH F .   ? HOH A 300 . ? 1_555 ? 
31 AC4 4  GLU A 116 ? GLU A 116 . ? 1_555 ? 
32 AC4 4  PRO A 149 ? PRO A 149 . ? 1_555 ? 
33 AC4 4  ALA A 150 ? ALA A 150 . ? 1_555 ? 
34 AC4 4  HOH F .   ? HOH A 209 . ? 1_555 ? 
# 
_pdbx_entry_details.entry_id                   1WKC 
_pdbx_entry_details.compound_details           ? 
_pdbx_entry_details.source_details             ? 
_pdbx_entry_details.nonpolymer_details         ? 
_pdbx_entry_details.sequence_details           ? 
_pdbx_entry_details.has_ligand_of_interest     ? 
_pdbx_entry_details.has_protein_modification   Y 
# 
loop_
_pdbx_validate_close_contact.id 
_pdbx_validate_close_contact.PDB_model_num 
_pdbx_validate_close_contact.auth_atom_id_1 
_pdbx_validate_close_contact.auth_asym_id_1 
_pdbx_validate_close_contact.auth_comp_id_1 
_pdbx_validate_close_contact.auth_seq_id_1 
_pdbx_validate_close_contact.PDB_ins_code_1 
_pdbx_validate_close_contact.label_alt_id_1 
_pdbx_validate_close_contact.auth_atom_id_2 
_pdbx_validate_close_contact.auth_asym_id_2 
_pdbx_validate_close_contact.auth_comp_id_2 
_pdbx_validate_close_contact.auth_seq_id_2 
_pdbx_validate_close_contact.PDB_ins_code_2 
_pdbx_validate_close_contact.label_alt_id_2 
_pdbx_validate_close_contact.dist 
1 1 O3  A SO4 202 ? ? O A HOH 300 ? ? 2.09 
2 1 NH2 A ARG 64  ? ? O A HOH 275 ? ? 2.14 
3 1 SE  A MSE 58  ? ? O A HOH 307 ? ? 2.16 
# 
loop_
_pdbx_validate_symm_contact.id 
_pdbx_validate_symm_contact.PDB_model_num 
_pdbx_validate_symm_contact.auth_atom_id_1 
_pdbx_validate_symm_contact.auth_asym_id_1 
_pdbx_validate_symm_contact.auth_comp_id_1 
_pdbx_validate_symm_contact.auth_seq_id_1 
_pdbx_validate_symm_contact.PDB_ins_code_1 
_pdbx_validate_symm_contact.label_alt_id_1 
_pdbx_validate_symm_contact.site_symmetry_1 
_pdbx_validate_symm_contact.auth_atom_id_2 
_pdbx_validate_symm_contact.auth_asym_id_2 
_pdbx_validate_symm_contact.auth_comp_id_2 
_pdbx_validate_symm_contact.auth_seq_id_2 
_pdbx_validate_symm_contact.PDB_ins_code_2 
_pdbx_validate_symm_contact.label_alt_id_2 
_pdbx_validate_symm_contact.site_symmetry_2 
_pdbx_validate_symm_contact.dist 
1 1 O A HOH 318 ? ? 1_555 O A HOH 318 ? ? 2_655 1.56 
2 1 O A HOH 304 ? ? 1_555 O A HOH 304 ? ? 3_655 1.58 
3 1 O A HOH 286 ? ? 1_555 O A HOH 312 ? ? 3_655 2.13 
# 
_pdbx_validate_rmsd_bond.id                        1 
_pdbx_validate_rmsd_bond.PDB_model_num             1 
_pdbx_validate_rmsd_bond.auth_atom_id_1            CB 
_pdbx_validate_rmsd_bond.auth_asym_id_1            A 
_pdbx_validate_rmsd_bond.auth_comp_id_1            VAL 
_pdbx_validate_rmsd_bond.auth_seq_id_1             142 
_pdbx_validate_rmsd_bond.PDB_ins_code_1            ? 
_pdbx_validate_rmsd_bond.label_alt_id_1            ? 
_pdbx_validate_rmsd_bond.auth_atom_id_2            CG2 
_pdbx_validate_rmsd_bond.auth_asym_id_2            A 
_pdbx_validate_rmsd_bond.auth_comp_id_2            VAL 
_pdbx_validate_rmsd_bond.auth_seq_id_2             142 
_pdbx_validate_rmsd_bond.PDB_ins_code_2            ? 
_pdbx_validate_rmsd_bond.label_alt_id_2            ? 
_pdbx_validate_rmsd_bond.bond_value                1.385 
_pdbx_validate_rmsd_bond.bond_target_value         1.524 
_pdbx_validate_rmsd_bond.bond_deviation            -0.139 
_pdbx_validate_rmsd_bond.bond_standard_deviation   0.021 
_pdbx_validate_rmsd_bond.linker_flag               N 
# 
_pdbx_validate_rmsd_angle.id                         1 
_pdbx_validate_rmsd_angle.PDB_model_num              1 
_pdbx_validate_rmsd_angle.auth_atom_id_1             NE 
_pdbx_validate_rmsd_angle.auth_asym_id_1             A 
_pdbx_validate_rmsd_angle.auth_comp_id_1             ARG 
_pdbx_validate_rmsd_angle.auth_seq_id_1              64 
_pdbx_validate_rmsd_angle.PDB_ins_code_1             ? 
_pdbx_validate_rmsd_angle.label_alt_id_1             ? 
_pdbx_validate_rmsd_angle.auth_atom_id_2             CZ 
_pdbx_validate_rmsd_angle.auth_asym_id_2             A 
_pdbx_validate_rmsd_angle.auth_comp_id_2             ARG 
_pdbx_validate_rmsd_angle.auth_seq_id_2              64 
_pdbx_validate_rmsd_angle.PDB_ins_code_2             ? 
_pdbx_validate_rmsd_angle.label_alt_id_2             ? 
_pdbx_validate_rmsd_angle.auth_atom_id_3             NH2 
_pdbx_validate_rmsd_angle.auth_asym_id_3             A 
_pdbx_validate_rmsd_angle.auth_comp_id_3             ARG 
_pdbx_validate_rmsd_angle.auth_seq_id_3              64 
_pdbx_validate_rmsd_angle.PDB_ins_code_3             ? 
_pdbx_validate_rmsd_angle.label_alt_id_3             ? 
_pdbx_validate_rmsd_angle.angle_value                117.22 
_pdbx_validate_rmsd_angle.angle_target_value         120.30 
_pdbx_validate_rmsd_angle.angle_deviation            -3.08 
_pdbx_validate_rmsd_angle.angle_standard_deviation   0.50 
_pdbx_validate_rmsd_angle.linker_flag                N 
# 
loop_
_pdbx_validate_torsion.id 
_pdbx_validate_torsion.PDB_model_num 
_pdbx_validate_torsion.auth_comp_id 
_pdbx_validate_torsion.auth_asym_id 
_pdbx_validate_torsion.auth_seq_id 
_pdbx_validate_torsion.PDB_ins_code 
_pdbx_validate_torsion.label_alt_id 
_pdbx_validate_torsion.phi 
_pdbx_validate_torsion.psi 
1 1 LEU A 44  ? ? -99.82  -147.99 
2 1 ARG A 135 ? ? -119.44 78.69   
3 1 ALA A 150 ? ? -34.33  120.34  
# 
_pdbx_SG_project.id                    1 
_pdbx_SG_project.project_name          ? 
_pdbx_SG_project.full_name_of_center   'RIKEN Structural Genomics/Proteomics Initiative' 
_pdbx_SG_project.initial_of_center     RSGI 
# 
loop_
_pdbx_struct_mod_residue.id 
_pdbx_struct_mod_residue.label_asym_id 
_pdbx_struct_mod_residue.label_comp_id 
_pdbx_struct_mod_residue.label_seq_id 
_pdbx_struct_mod_residue.auth_asym_id 
_pdbx_struct_mod_residue.auth_comp_id 
_pdbx_struct_mod_residue.auth_seq_id 
_pdbx_struct_mod_residue.PDB_ins_code 
_pdbx_struct_mod_residue.parent_comp_id 
_pdbx_struct_mod_residue.details 
1 A MSE 1  A MSE 1  ? MET SELENOMETHIONINE 
2 A MSE 58 A MSE 58 ? MET SELENOMETHIONINE 
# 
_pdbx_struct_special_symmetry.id              1 
_pdbx_struct_special_symmetry.PDB_model_num   1 
_pdbx_struct_special_symmetry.auth_asym_id    A 
_pdbx_struct_special_symmetry.auth_comp_id    HOH 
_pdbx_struct_special_symmetry.auth_seq_id     321 
_pdbx_struct_special_symmetry.PDB_ins_code    ? 
_pdbx_struct_special_symmetry.label_asym_id   F 
_pdbx_struct_special_symmetry.label_comp_id   HOH 
_pdbx_struct_special_symmetry.label_seq_id    . 
# 
loop_
_pdbx_unobs_or_zero_occ_residues.id 
_pdbx_unobs_or_zero_occ_residues.PDB_model_num 
_pdbx_unobs_or_zero_occ_residues.polymer_flag 
_pdbx_unobs_or_zero_occ_residues.occupancy_flag 
_pdbx_unobs_or_zero_occ_residues.auth_asym_id 
_pdbx_unobs_or_zero_occ_residues.auth_comp_id 
_pdbx_unobs_or_zero_occ_residues.auth_seq_id 
_pdbx_unobs_or_zero_occ_residues.PDB_ins_code 
_pdbx_unobs_or_zero_occ_residues.label_asym_id 
_pdbx_unobs_or_zero_occ_residues.label_comp_id 
_pdbx_unobs_or_zero_occ_residues.label_seq_id 
1  1 Y 1 A PRO 85  ? A PRO 85  
2  1 Y 1 A GLY 86  ? A GLY 86  
3  1 Y 1 A PRO 87  ? A PRO 87  
4  1 Y 1 A PHE 88  ? A PHE 88  
5  1 Y 1 A GLY 89  ? A GLY 89  
6  1 Y 1 A LEU 90  ? A LEU 90  
7  1 Y 1 A LEU 91  ? A LEU 91  
8  1 Y 1 A ALA 176 ? A ALA 176 
9  1 Y 1 A PRO 177 ? A PRO 177 
10 1 Y 1 A GLY 178 ? A GLY 178 
11 1 Y 1 A PRO 179 ? A PRO 179 
12 1 Y 1 A GLY 180 ? A GLY 180 
13 1 Y 1 A GLY 181 ? A GLY 181 
14 1 Y 1 A LEU 182 ? A LEU 182 
15 1 Y 1 A LEU 183 ? A LEU 183 
16 1 Y 1 A ASP 184 ? A ASP 184 
# 
loop_
_chem_comp_atom.comp_id 
_chem_comp_atom.atom_id 
_chem_comp_atom.type_symbol 
_chem_comp_atom.pdbx_aromatic_flag 
_chem_comp_atom.pdbx_stereo_config 
_chem_comp_atom.pdbx_ordinal 
ALA N    N  N N 1   
ALA CA   C  N S 2   
ALA C    C  N N 3   
ALA O    O  N N 4   
ALA CB   C  N N 5   
ALA OXT  O  N N 6   
ALA H    H  N N 7   
ALA H2   H  N N 8   
ALA HA   H  N N 9   
ALA HB1  H  N N 10  
ALA HB2  H  N N 11  
ALA HB3  H  N N 12  
ALA HXT  H  N N 13  
ARG N    N  N N 14  
ARG CA   C  N S 15  
ARG C    C  N N 16  
ARG O    O  N N 17  
ARG CB   C  N N 18  
ARG CG   C  N N 19  
ARG CD   C  N N 20  
ARG NE   N  N N 21  
ARG CZ   C  N N 22  
ARG NH1  N  N N 23  
ARG NH2  N  N N 24  
ARG OXT  O  N N 25  
ARG H    H  N N 26  
ARG H2   H  N N 27  
ARG HA   H  N N 28  
ARG HB2  H  N N 29  
ARG HB3  H  N N 30  
ARG HG2  H  N N 31  
ARG HG3  H  N N 32  
ARG HD2  H  N N 33  
ARG HD3  H  N N 34  
ARG HE   H  N N 35  
ARG HH11 H  N N 36  
ARG HH12 H  N N 37  
ARG HH21 H  N N 38  
ARG HH22 H  N N 39  
ARG HXT  H  N N 40  
ASN N    N  N N 41  
ASN CA   C  N S 42  
ASN C    C  N N 43  
ASN O    O  N N 44  
ASN CB   C  N N 45  
ASN CG   C  N N 46  
ASN OD1  O  N N 47  
ASN ND2  N  N N 48  
ASN OXT  O  N N 49  
ASN H    H  N N 50  
ASN H2   H  N N 51  
ASN HA   H  N N 52  
ASN HB2  H  N N 53  
ASN HB3  H  N N 54  
ASN HD21 H  N N 55  
ASN HD22 H  N N 56  
ASN HXT  H  N N 57  
ASP N    N  N N 58  
ASP CA   C  N S 59  
ASP C    C  N N 60  
ASP O    O  N N 61  
ASP CB   C  N N 62  
ASP CG   C  N N 63  
ASP OD1  O  N N 64  
ASP OD2  O  N N 65  
ASP OXT  O  N N 66  
ASP H    H  N N 67  
ASP H2   H  N N 68  
ASP HA   H  N N 69  
ASP HB2  H  N N 70  
ASP HB3  H  N N 71  
ASP HD2  H  N N 72  
ASP HXT  H  N N 73  
GLN N    N  N N 74  
GLN CA   C  N S 75  
GLN C    C  N N 76  
GLN O    O  N N 77  
GLN CB   C  N N 78  
GLN CG   C  N N 79  
GLN CD   C  N N 80  
GLN OE1  O  N N 81  
GLN NE2  N  N N 82  
GLN OXT  O  N N 83  
GLN H    H  N N 84  
GLN H2   H  N N 85  
GLN HA   H  N N 86  
GLN HB2  H  N N 87  
GLN HB3  H  N N 88  
GLN HG2  H  N N 89  
GLN HG3  H  N N 90  
GLN HE21 H  N N 91  
GLN HE22 H  N N 92  
GLN HXT  H  N N 93  
GLU N    N  N N 94  
GLU CA   C  N S 95  
GLU C    C  N N 96  
GLU O    O  N N 97  
GLU CB   C  N N 98  
GLU CG   C  N N 99  
GLU CD   C  N N 100 
GLU OE1  O  N N 101 
GLU OE2  O  N N 102 
GLU OXT  O  N N 103 
GLU H    H  N N 104 
GLU H2   H  N N 105 
GLU HA   H  N N 106 
GLU HB2  H  N N 107 
GLU HB3  H  N N 108 
GLU HG2  H  N N 109 
GLU HG3  H  N N 110 
GLU HE2  H  N N 111 
GLU HXT  H  N N 112 
GLY N    N  N N 113 
GLY CA   C  N N 114 
GLY C    C  N N 115 
GLY O    O  N N 116 
GLY OXT  O  N N 117 
GLY H    H  N N 118 
GLY H2   H  N N 119 
GLY HA2  H  N N 120 
GLY HA3  H  N N 121 
GLY HXT  H  N N 122 
HIS N    N  N N 123 
HIS CA   C  N S 124 
HIS C    C  N N 125 
HIS O    O  N N 126 
HIS CB   C  N N 127 
HIS CG   C  Y N 128 
HIS ND1  N  Y N 129 
HIS CD2  C  Y N 130 
HIS CE1  C  Y N 131 
HIS NE2  N  Y N 132 
HIS OXT  O  N N 133 
HIS H    H  N N 134 
HIS H2   H  N N 135 
HIS HA   H  N N 136 
HIS HB2  H  N N 137 
HIS HB3  H  N N 138 
HIS HD1  H  N N 139 
HIS HD2  H  N N 140 
HIS HE1  H  N N 141 
HIS HE2  H  N N 142 
HIS HXT  H  N N 143 
HOH O    O  N N 144 
HOH H1   H  N N 145 
HOH H2   H  N N 146 
ILE N    N  N N 147 
ILE CA   C  N S 148 
ILE C    C  N N 149 
ILE O    O  N N 150 
ILE CB   C  N S 151 
ILE CG1  C  N N 152 
ILE CG2  C  N N 153 
ILE CD1  C  N N 154 
ILE OXT  O  N N 155 
ILE H    H  N N 156 
ILE H2   H  N N 157 
ILE HA   H  N N 158 
ILE HB   H  N N 159 
ILE HG12 H  N N 160 
ILE HG13 H  N N 161 
ILE HG21 H  N N 162 
ILE HG22 H  N N 163 
ILE HG23 H  N N 164 
ILE HD11 H  N N 165 
ILE HD12 H  N N 166 
ILE HD13 H  N N 167 
ILE HXT  H  N N 168 
LEU N    N  N N 169 
LEU CA   C  N S 170 
LEU C    C  N N 171 
LEU O    O  N N 172 
LEU CB   C  N N 173 
LEU CG   C  N N 174 
LEU CD1  C  N N 175 
LEU CD2  C  N N 176 
LEU OXT  O  N N 177 
LEU H    H  N N 178 
LEU H2   H  N N 179 
LEU HA   H  N N 180 
LEU HB2  H  N N 181 
LEU HB3  H  N N 182 
LEU HG   H  N N 183 
LEU HD11 H  N N 184 
LEU HD12 H  N N 185 
LEU HD13 H  N N 186 
LEU HD21 H  N N 187 
LEU HD22 H  N N 188 
LEU HD23 H  N N 189 
LEU HXT  H  N N 190 
LYS N    N  N N 191 
LYS CA   C  N S 192 
LYS C    C  N N 193 
LYS O    O  N N 194 
LYS CB   C  N N 195 
LYS CG   C  N N 196 
LYS CD   C  N N 197 
LYS CE   C  N N 198 
LYS NZ   N  N N 199 
LYS OXT  O  N N 200 
LYS H    H  N N 201 
LYS H2   H  N N 202 
LYS HA   H  N N 203 
LYS HB2  H  N N 204 
LYS HB3  H  N N 205 
LYS HG2  H  N N 206 
LYS HG3  H  N N 207 
LYS HD2  H  N N 208 
LYS HD3  H  N N 209 
LYS HE2  H  N N 210 
LYS HE3  H  N N 211 
LYS HZ1  H  N N 212 
LYS HZ2  H  N N 213 
LYS HZ3  H  N N 214 
LYS HXT  H  N N 215 
MET N    N  N N 216 
MET CA   C  N S 217 
MET C    C  N N 218 
MET O    O  N N 219 
MET CB   C  N N 220 
MET CG   C  N N 221 
MET SD   S  N N 222 
MET CE   C  N N 223 
MET OXT  O  N N 224 
MET H    H  N N 225 
MET H2   H  N N 226 
MET HA   H  N N 227 
MET HB2  H  N N 228 
MET HB3  H  N N 229 
MET HG2  H  N N 230 
MET HG3  H  N N 231 
MET HE1  H  N N 232 
MET HE2  H  N N 233 
MET HE3  H  N N 234 
MET HXT  H  N N 235 
MSE N    N  N N 236 
MSE CA   C  N S 237 
MSE C    C  N N 238 
MSE O    O  N N 239 
MSE OXT  O  N N 240 
MSE CB   C  N N 241 
MSE CG   C  N N 242 
MSE SE   SE N N 243 
MSE CE   C  N N 244 
MSE H    H  N N 245 
MSE H2   H  N N 246 
MSE HA   H  N N 247 
MSE HXT  H  N N 248 
MSE HB2  H  N N 249 
MSE HB3  H  N N 250 
MSE HG2  H  N N 251 
MSE HG3  H  N N 252 
MSE HE1  H  N N 253 
MSE HE2  H  N N 254 
MSE HE3  H  N N 255 
PHE N    N  N N 256 
PHE CA   C  N S 257 
PHE C    C  N N 258 
PHE O    O  N N 259 
PHE CB   C  N N 260 
PHE CG   C  Y N 261 
PHE CD1  C  Y N 262 
PHE CD2  C  Y N 263 
PHE CE1  C  Y N 264 
PHE CE2  C  Y N 265 
PHE CZ   C  Y N 266 
PHE OXT  O  N N 267 
PHE H    H  N N 268 
PHE H2   H  N N 269 
PHE HA   H  N N 270 
PHE HB2  H  N N 271 
PHE HB3  H  N N 272 
PHE HD1  H  N N 273 
PHE HD2  H  N N 274 
PHE HE1  H  N N 275 
PHE HE2  H  N N 276 
PHE HZ   H  N N 277 
PHE HXT  H  N N 278 
PRO N    N  N N 279 
PRO CA   C  N S 280 
PRO C    C  N N 281 
PRO O    O  N N 282 
PRO CB   C  N N 283 
PRO CG   C  N N 284 
PRO CD   C  N N 285 
PRO OXT  O  N N 286 
PRO H    H  N N 287 
PRO HA   H  N N 288 
PRO HB2  H  N N 289 
PRO HB3  H  N N 290 
PRO HG2  H  N N 291 
PRO HG3  H  N N 292 
PRO HD2  H  N N 293 
PRO HD3  H  N N 294 
PRO HXT  H  N N 295 
SER N    N  N N 296 
SER CA   C  N S 297 
SER C    C  N N 298 
SER O    O  N N 299 
SER CB   C  N N 300 
SER OG   O  N N 301 
SER OXT  O  N N 302 
SER H    H  N N 303 
SER H2   H  N N 304 
SER HA   H  N N 305 
SER HB2  H  N N 306 
SER HB3  H  N N 307 
SER HG   H  N N 308 
SER HXT  H  N N 309 
SO4 S    S  N N 310 
SO4 O1   O  N N 311 
SO4 O2   O  N N 312 
SO4 O3   O  N N 313 
SO4 O4   O  N N 314 
THR N    N  N N 315 
THR CA   C  N S 316 
THR C    C  N N 317 
THR O    O  N N 318 
THR CB   C  N R 319 
THR OG1  O  N N 320 
THR CG2  C  N N 321 
THR OXT  O  N N 322 
THR H    H  N N 323 
THR H2   H  N N 324 
THR HA   H  N N 325 
THR HB   H  N N 326 
THR HG1  H  N N 327 
THR HG21 H  N N 328 
THR HG22 H  N N 329 
THR HG23 H  N N 330 
THR HXT  H  N N 331 
TRP N    N  N N 332 
TRP CA   C  N S 333 
TRP C    C  N N 334 
TRP O    O  N N 335 
TRP CB   C  N N 336 
TRP CG   C  Y N 337 
TRP CD1  C  Y N 338 
TRP CD2  C  Y N 339 
TRP NE1  N  Y N 340 
TRP CE2  C  Y N 341 
TRP CE3  C  Y N 342 
TRP CZ2  C  Y N 343 
TRP CZ3  C  Y N 344 
TRP CH2  C  Y N 345 
TRP OXT  O  N N 346 
TRP H    H  N N 347 
TRP H2   H  N N 348 
TRP HA   H  N N 349 
TRP HB2  H  N N 350 
TRP HB3  H  N N 351 
TRP HD1  H  N N 352 
TRP HE1  H  N N 353 
TRP HE3  H  N N 354 
TRP HZ2  H  N N 355 
TRP HZ3  H  N N 356 
TRP HH2  H  N N 357 
TRP HXT  H  N N 358 
TYR N    N  N N 359 
TYR CA   C  N S 360 
TYR C    C  N N 361 
TYR O    O  N N 362 
TYR CB   C  N N 363 
TYR CG   C  Y N 364 
TYR CD1  C  Y N 365 
TYR CD2  C  Y N 366 
TYR CE1  C  Y N 367 
TYR CE2  C  Y N 368 
TYR CZ   C  Y N 369 
TYR OH   O  N N 370 
TYR OXT  O  N N 371 
TYR H    H  N N 372 
TYR H2   H  N N 373 
TYR HA   H  N N 374 
TYR HB2  H  N N 375 
TYR HB3  H  N N 376 
TYR HD1  H  N N 377 
TYR HD2  H  N N 378 
TYR HE1  H  N N 379 
TYR HE2  H  N N 380 
TYR HH   H  N N 381 
TYR HXT  H  N N 382 
VAL N    N  N N 383 
VAL CA   C  N S 384 
VAL C    C  N N 385 
VAL O    O  N N 386 
VAL CB   C  N N 387 
VAL CG1  C  N N 388 
VAL CG2  C  N N 389 
VAL OXT  O  N N 390 
VAL H    H  N N 391 
VAL H2   H  N N 392 
VAL HA   H  N N 393 
VAL HB   H  N N 394 
VAL HG11 H  N N 395 
VAL HG12 H  N N 396 
VAL HG13 H  N N 397 
VAL HG21 H  N N 398 
VAL HG22 H  N N 399 
VAL HG23 H  N N 400 
VAL HXT  H  N N 401 
# 
loop_
_chem_comp_bond.comp_id 
_chem_comp_bond.atom_id_1 
_chem_comp_bond.atom_id_2 
_chem_comp_bond.value_order 
_chem_comp_bond.pdbx_aromatic_flag 
_chem_comp_bond.pdbx_stereo_config 
_chem_comp_bond.pdbx_ordinal 
ALA N   CA   sing N N 1   
ALA N   H    sing N N 2   
ALA N   H2   sing N N 3   
ALA CA  C    sing N N 4   
ALA CA  CB   sing N N 5   
ALA CA  HA   sing N N 6   
ALA C   O    doub N N 7   
ALA C   OXT  sing N N 8   
ALA CB  HB1  sing N N 9   
ALA CB  HB2  sing N N 10  
ALA CB  HB3  sing N N 11  
ALA OXT HXT  sing N N 12  
ARG N   CA   sing N N 13  
ARG N   H    sing N N 14  
ARG N   H2   sing N N 15  
ARG CA  C    sing N N 16  
ARG CA  CB   sing N N 17  
ARG CA  HA   sing N N 18  
ARG C   O    doub N N 19  
ARG C   OXT  sing N N 20  
ARG CB  CG   sing N N 21  
ARG CB  HB2  sing N N 22  
ARG CB  HB3  sing N N 23  
ARG CG  CD   sing N N 24  
ARG CG  HG2  sing N N 25  
ARG CG  HG3  sing N N 26  
ARG CD  NE   sing N N 27  
ARG CD  HD2  sing N N 28  
ARG CD  HD3  sing N N 29  
ARG NE  CZ   sing N N 30  
ARG NE  HE   sing N N 31  
ARG CZ  NH1  sing N N 32  
ARG CZ  NH2  doub N N 33  
ARG NH1 HH11 sing N N 34  
ARG NH1 HH12 sing N N 35  
ARG NH2 HH21 sing N N 36  
ARG NH2 HH22 sing N N 37  
ARG OXT HXT  sing N N 38  
ASN N   CA   sing N N 39  
ASN N   H    sing N N 40  
ASN N   H2   sing N N 41  
ASN CA  C    sing N N 42  
ASN CA  CB   sing N N 43  
ASN CA  HA   sing N N 44  
ASN C   O    doub N N 45  
ASN C   OXT  sing N N 46  
ASN CB  CG   sing N N 47  
ASN CB  HB2  sing N N 48  
ASN CB  HB3  sing N N 49  
ASN CG  OD1  doub N N 50  
ASN CG  ND2  sing N N 51  
ASN ND2 HD21 sing N N 52  
ASN ND2 HD22 sing N N 53  
ASN OXT HXT  sing N N 54  
ASP N   CA   sing N N 55  
ASP N   H    sing N N 56  
ASP N   H2   sing N N 57  
ASP CA  C    sing N N 58  
ASP CA  CB   sing N N 59  
ASP CA  HA   sing N N 60  
ASP C   O    doub N N 61  
ASP C   OXT  sing N N 62  
ASP CB  CG   sing N N 63  
ASP CB  HB2  sing N N 64  
ASP CB  HB3  sing N N 65  
ASP CG  OD1  doub N N 66  
ASP CG  OD2  sing N N 67  
ASP OD2 HD2  sing N N 68  
ASP OXT HXT  sing N N 69  
GLN N   CA   sing N N 70  
GLN N   H    sing N N 71  
GLN N   H2   sing N N 72  
GLN CA  C    sing N N 73  
GLN CA  CB   sing N N 74  
GLN CA  HA   sing N N 75  
GLN C   O    doub N N 76  
GLN C   OXT  sing N N 77  
GLN CB  CG   sing N N 78  
GLN CB  HB2  sing N N 79  
GLN CB  HB3  sing N N 80  
GLN CG  CD   sing N N 81  
GLN CG  HG2  sing N N 82  
GLN CG  HG3  sing N N 83  
GLN CD  OE1  doub N N 84  
GLN CD  NE2  sing N N 85  
GLN NE2 HE21 sing N N 86  
GLN NE2 HE22 sing N N 87  
GLN OXT HXT  sing N N 88  
GLU N   CA   sing N N 89  
GLU N   H    sing N N 90  
GLU N   H2   sing N N 91  
GLU CA  C    sing N N 92  
GLU CA  CB   sing N N 93  
GLU CA  HA   sing N N 94  
GLU C   O    doub N N 95  
GLU C   OXT  sing N N 96  
GLU CB  CG   sing N N 97  
GLU CB  HB2  sing N N 98  
GLU CB  HB3  sing N N 99  
GLU CG  CD   sing N N 100 
GLU CG  HG2  sing N N 101 
GLU CG  HG3  sing N N 102 
GLU CD  OE1  doub N N 103 
GLU CD  OE2  sing N N 104 
GLU OE2 HE2  sing N N 105 
GLU OXT HXT  sing N N 106 
GLY N   CA   sing N N 107 
GLY N   H    sing N N 108 
GLY N   H2   sing N N 109 
GLY CA  C    sing N N 110 
GLY CA  HA2  sing N N 111 
GLY CA  HA3  sing N N 112 
GLY C   O    doub N N 113 
GLY C   OXT  sing N N 114 
GLY OXT HXT  sing N N 115 
HIS N   CA   sing N N 116 
HIS N   H    sing N N 117 
HIS N   H2   sing N N 118 
HIS CA  C    sing N N 119 
HIS CA  CB   sing N N 120 
HIS CA  HA   sing N N 121 
HIS C   O    doub N N 122 
HIS C   OXT  sing N N 123 
HIS CB  CG   sing N N 124 
HIS CB  HB2  sing N N 125 
HIS CB  HB3  sing N N 126 
HIS CG  ND1  sing Y N 127 
HIS CG  CD2  doub Y N 128 
HIS ND1 CE1  doub Y N 129 
HIS ND1 HD1  sing N N 130 
HIS CD2 NE2  sing Y N 131 
HIS CD2 HD2  sing N N 132 
HIS CE1 NE2  sing Y N 133 
HIS CE1 HE1  sing N N 134 
HIS NE2 HE2  sing N N 135 
HIS OXT HXT  sing N N 136 
HOH O   H1   sing N N 137 
HOH O   H2   sing N N 138 
ILE N   CA   sing N N 139 
ILE N   H    sing N N 140 
ILE N   H2   sing N N 141 
ILE CA  C    sing N N 142 
ILE CA  CB   sing N N 143 
ILE CA  HA   sing N N 144 
ILE C   O    doub N N 145 
ILE C   OXT  sing N N 146 
ILE CB  CG1  sing N N 147 
ILE CB  CG2  sing N N 148 
ILE CB  HB   sing N N 149 
ILE CG1 CD1  sing N N 150 
ILE CG1 HG12 sing N N 151 
ILE CG1 HG13 sing N N 152 
ILE CG2 HG21 sing N N 153 
ILE CG2 HG22 sing N N 154 
ILE CG2 HG23 sing N N 155 
ILE CD1 HD11 sing N N 156 
ILE CD1 HD12 sing N N 157 
ILE CD1 HD13 sing N N 158 
ILE OXT HXT  sing N N 159 
LEU N   CA   sing N N 160 
LEU N   H    sing N N 161 
LEU N   H2   sing N N 162 
LEU CA  C    sing N N 163 
LEU CA  CB   sing N N 164 
LEU CA  HA   sing N N 165 
LEU C   O    doub N N 166 
LEU C   OXT  sing N N 167 
LEU CB  CG   sing N N 168 
LEU CB  HB2  sing N N 169 
LEU CB  HB3  sing N N 170 
LEU CG  CD1  sing N N 171 
LEU CG  CD2  sing N N 172 
LEU CG  HG   sing N N 173 
LEU CD1 HD11 sing N N 174 
LEU CD1 HD12 sing N N 175 
LEU CD1 HD13 sing N N 176 
LEU CD2 HD21 sing N N 177 
LEU CD2 HD22 sing N N 178 
LEU CD2 HD23 sing N N 179 
LEU OXT HXT  sing N N 180 
LYS N   CA   sing N N 181 
LYS N   H    sing N N 182 
LYS N   H2   sing N N 183 
LYS CA  C    sing N N 184 
LYS CA  CB   sing N N 185 
LYS CA  HA   sing N N 186 
LYS C   O    doub N N 187 
LYS C   OXT  sing N N 188 
LYS CB  CG   sing N N 189 
LYS CB  HB2  sing N N 190 
LYS CB  HB3  sing N N 191 
LYS CG  CD   sing N N 192 
LYS CG  HG2  sing N N 193 
LYS CG  HG3  sing N N 194 
LYS CD  CE   sing N N 195 
LYS CD  HD2  sing N N 196 
LYS CD  HD3  sing N N 197 
LYS CE  NZ   sing N N 198 
LYS CE  HE2  sing N N 199 
LYS CE  HE3  sing N N 200 
LYS NZ  HZ1  sing N N 201 
LYS NZ  HZ2  sing N N 202 
LYS NZ  HZ3  sing N N 203 
LYS OXT HXT  sing N N 204 
MET N   CA   sing N N 205 
MET N   H    sing N N 206 
MET N   H2   sing N N 207 
MET CA  C    sing N N 208 
MET CA  CB   sing N N 209 
MET CA  HA   sing N N 210 
MET C   O    doub N N 211 
MET C   OXT  sing N N 212 
MET CB  CG   sing N N 213 
MET CB  HB2  sing N N 214 
MET CB  HB3  sing N N 215 
MET CG  SD   sing N N 216 
MET CG  HG2  sing N N 217 
MET CG  HG3  sing N N 218 
MET SD  CE   sing N N 219 
MET CE  HE1  sing N N 220 
MET CE  HE2  sing N N 221 
MET CE  HE3  sing N N 222 
MET OXT HXT  sing N N 223 
MSE N   CA   sing N N 224 
MSE N   H    sing N N 225 
MSE N   H2   sing N N 226 
MSE CA  C    sing N N 227 
MSE CA  CB   sing N N 228 
MSE CA  HA   sing N N 229 
MSE C   O    doub N N 230 
MSE C   OXT  sing N N 231 
MSE OXT HXT  sing N N 232 
MSE CB  CG   sing N N 233 
MSE CB  HB2  sing N N 234 
MSE CB  HB3  sing N N 235 
MSE CG  SE   sing N N 236 
MSE CG  HG2  sing N N 237 
MSE CG  HG3  sing N N 238 
MSE SE  CE   sing N N 239 
MSE CE  HE1  sing N N 240 
MSE CE  HE2  sing N N 241 
MSE CE  HE3  sing N N 242 
PHE N   CA   sing N N 243 
PHE N   H    sing N N 244 
PHE N   H2   sing N N 245 
PHE CA  C    sing N N 246 
PHE CA  CB   sing N N 247 
PHE CA  HA   sing N N 248 
PHE C   O    doub N N 249 
PHE C   OXT  sing N N 250 
PHE CB  CG   sing N N 251 
PHE CB  HB2  sing N N 252 
PHE CB  HB3  sing N N 253 
PHE CG  CD1  doub Y N 254 
PHE CG  CD2  sing Y N 255 
PHE CD1 CE1  sing Y N 256 
PHE CD1 HD1  sing N N 257 
PHE CD2 CE2  doub Y N 258 
PHE CD2 HD2  sing N N 259 
PHE CE1 CZ   doub Y N 260 
PHE CE1 HE1  sing N N 261 
PHE CE2 CZ   sing Y N 262 
PHE CE2 HE2  sing N N 263 
PHE CZ  HZ   sing N N 264 
PHE OXT HXT  sing N N 265 
PRO N   CA   sing N N 266 
PRO N   CD   sing N N 267 
PRO N   H    sing N N 268 
PRO CA  C    sing N N 269 
PRO CA  CB   sing N N 270 
PRO CA  HA   sing N N 271 
PRO C   O    doub N N 272 
PRO C   OXT  sing N N 273 
PRO CB  CG   sing N N 274 
PRO CB  HB2  sing N N 275 
PRO CB  HB3  sing N N 276 
PRO CG  CD   sing N N 277 
PRO CG  HG2  sing N N 278 
PRO CG  HG3  sing N N 279 
PRO CD  HD2  sing N N 280 
PRO CD  HD3  sing N N 281 
PRO OXT HXT  sing N N 282 
SER N   CA   sing N N 283 
SER N   H    sing N N 284 
SER N   H2   sing N N 285 
SER CA  C    sing N N 286 
SER CA  CB   sing N N 287 
SER CA  HA   sing N N 288 
SER C   O    doub N N 289 
SER C   OXT  sing N N 290 
SER CB  OG   sing N N 291 
SER CB  HB2  sing N N 292 
SER CB  HB3  sing N N 293 
SER OG  HG   sing N N 294 
SER OXT HXT  sing N N 295 
SO4 S   O1   doub N N 296 
SO4 S   O2   doub N N 297 
SO4 S   O3   sing N N 298 
SO4 S   O4   sing N N 299 
THR N   CA   sing N N 300 
THR N   H    sing N N 301 
THR N   H2   sing N N 302 
THR CA  C    sing N N 303 
THR CA  CB   sing N N 304 
THR CA  HA   sing N N 305 
THR C   O    doub N N 306 
THR C   OXT  sing N N 307 
THR CB  OG1  sing N N 308 
THR CB  CG2  sing N N 309 
THR CB  HB   sing N N 310 
THR OG1 HG1  sing N N 311 
THR CG2 HG21 sing N N 312 
THR CG2 HG22 sing N N 313 
THR CG2 HG23 sing N N 314 
THR OXT HXT  sing N N 315 
TRP N   CA   sing N N 316 
TRP N   H    sing N N 317 
TRP N   H2   sing N N 318 
TRP CA  C    sing N N 319 
TRP CA  CB   sing N N 320 
TRP CA  HA   sing N N 321 
TRP C   O    doub N N 322 
TRP C   OXT  sing N N 323 
TRP CB  CG   sing N N 324 
TRP CB  HB2  sing N N 325 
TRP CB  HB3  sing N N 326 
TRP CG  CD1  doub Y N 327 
TRP CG  CD2  sing Y N 328 
TRP CD1 NE1  sing Y N 329 
TRP CD1 HD1  sing N N 330 
TRP CD2 CE2  doub Y N 331 
TRP CD2 CE3  sing Y N 332 
TRP NE1 CE2  sing Y N 333 
TRP NE1 HE1  sing N N 334 
TRP CE2 CZ2  sing Y N 335 
TRP CE3 CZ3  doub Y N 336 
TRP CE3 HE3  sing N N 337 
TRP CZ2 CH2  doub Y N 338 
TRP CZ2 HZ2  sing N N 339 
TRP CZ3 CH2  sing Y N 340 
TRP CZ3 HZ3  sing N N 341 
TRP CH2 HH2  sing N N 342 
TRP OXT HXT  sing N N 343 
TYR N   CA   sing N N 344 
TYR N   H    sing N N 345 
TYR N   H2   sing N N 346 
TYR CA  C    sing N N 347 
TYR CA  CB   sing N N 348 
TYR CA  HA   sing N N 349 
TYR C   O    doub N N 350 
TYR C   OXT  sing N N 351 
TYR CB  CG   sing N N 352 
TYR CB  HB2  sing N N 353 
TYR CB  HB3  sing N N 354 
TYR CG  CD1  doub Y N 355 
TYR CG  CD2  sing Y N 356 
TYR CD1 CE1  sing Y N 357 
TYR CD1 HD1  sing N N 358 
TYR CD2 CE2  doub Y N 359 
TYR CD2 HD2  sing N N 360 
TYR CE1 CZ   doub Y N 361 
TYR CE1 HE1  sing N N 362 
TYR CE2 CZ   sing Y N 363 
TYR CE2 HE2  sing N N 364 
TYR CZ  OH   sing N N 365 
TYR OH  HH   sing N N 366 
TYR OXT HXT  sing N N 367 
VAL N   CA   sing N N 368 
VAL N   H    sing N N 369 
VAL N   H2   sing N N 370 
VAL CA  C    sing N N 371 
VAL CA  CB   sing N N 372 
VAL CA  HA   sing N N 373 
VAL C   O    doub N N 374 
VAL C   OXT  sing N N 375 
VAL CB  CG1  sing N N 376 
VAL CB  CG2  sing N N 377 
VAL CB  HB   sing N N 378 
VAL CG1 HG11 sing N N 379 
VAL CG1 HG12 sing N N 380 
VAL CG1 HG13 sing N N 381 
VAL CG2 HG21 sing N N 382 
VAL CG2 HG22 sing N N 383 
VAL CG2 HG23 sing N N 384 
VAL OXT HXT  sing N N 385 
# 
_atom_sites.entry_id                    1WKC 
_atom_sites.fract_transf_matrix[1][1]   -0.00944827 
_atom_sites.fract_transf_matrix[1][2]   -0.01522749 
_atom_sites.fract_transf_matrix[1][3]   0.00465394 
_atom_sites.fract_transf_matrix[2][1]   0.01151797 
_atom_sites.fract_transf_matrix[2][2]   -0.00727564 
_atom_sites.fract_transf_matrix[2][3]   -0.00042219 
_atom_sites.fract_transf_matrix[3][1]   0.00148906 
_atom_sites.fract_transf_matrix[3][2]   0.00183373 
_atom_sites.fract_transf_matrix[3][3]   0.00902292 
_atom_sites.fract_transf_vector[1]      0.400882 
_atom_sites.fract_transf_vector[2]      0.278989 
_atom_sites.fract_transf_vector[3]      0.151098 
# 
loop_
_atom_type.symbol 
C  
N  
O  
S  
SE 
# 
loop_
_atom_site.group_PDB 
_atom_site.id 
_atom_site.type_symbol 
_atom_site.label_atom_id 
_atom_site.label_alt_id 
_atom_site.label_comp_id 
_atom_site.label_asym_id 
_atom_site.label_entity_id 
_atom_site.label_seq_id 
_atom_site.pdbx_PDB_ins_code 
_atom_site.Cartn_x 
_atom_site.Cartn_y 
_atom_site.Cartn_z 
_atom_site.occupancy 
_atom_site.B_iso_or_equiv 
_atom_site.pdbx_formal_charge 
_atom_site.auth_seq_id 
_atom_site.auth_comp_id 
_atom_site.auth_asym_id 
_atom_site.auth_atom_id 
_atom_site.pdbx_PDB_model_num 
HETATM 1    N  N   . MSE A 1 1   ? 16.667  8.831   15.207  1.00 41.48 ? 1   MSE A N   1 
HETATM 2    C  CA  . MSE A 1 1   ? 17.117  9.521   13.973  1.00 40.53 ? 1   MSE A CA  1 
HETATM 3    C  C   . MSE A 1 1   ? 15.966  10.064  13.105  1.00 36.88 ? 1   MSE A C   1 
HETATM 4    O  O   . MSE A 1 1   ? 14.842  10.143  13.559  1.00 36.66 ? 1   MSE A O   1 
HETATM 5    C  CB  . MSE A 1 1   ? 17.997  8.603   13.159  1.00 42.85 ? 1   MSE A CB  1 
HETATM 6    C  CG  . MSE A 1 1   ? 17.324  7.681   12.157  1.00 48.87 ? 1   MSE A CG  1 
HETATM 7    SE SE  . MSE A 1 1   ? 18.496  6.209   12.155  1.00 68.13 ? 1   MSE A SE  1 
HETATM 8    C  CE  . MSE A 1 1   ? 18.954  5.994   10.275  1.00 64.29 ? 1   MSE A CE  1 
ATOM   9    N  N   . THR A 1 2   ? 16.298  10.466  11.891  1.00 33.03 ? 2   THR A N   1 
ATOM   10   C  CA  . THR A 1 2   ? 15.411  11.243  11.046  1.00 30.51 ? 2   THR A CA  1 
ATOM   11   C  C   . THR A 1 2   ? 14.846  10.329  9.988   1.00 28.66 ? 2   THR A C   1 
ATOM   12   O  O   . THR A 1 2   ? 15.437  9.299   9.688   1.00 26.10 ? 2   THR A O   1 
ATOM   13   C  CB  . THR A 1 2   ? 16.147  12.369  10.352  1.00 30.79 ? 2   THR A CB  1 
ATOM   14   O  OG1 . THR A 1 2   ? 17.138  11.810  9.464   1.00 31.13 ? 2   THR A OG1 1 
ATOM   15   C  CG2 . THR A 1 2   ? 16.970  13.244  11.384  1.00 30.71 ? 2   THR A CG2 1 
ATOM   16   N  N   . LYS A 1 3   ? 13.707  10.729  9.441   1.00 27.41 ? 3   LYS A N   1 
ATOM   17   C  CA  . LYS A 1 3   ? 13.120  9.994   8.295   1.00 27.01 ? 3   LYS A CA  1 
ATOM   18   C  C   . LYS A 1 3   ? 14.030  10.005  7.112   1.00 26.37 ? 3   LYS A C   1 
ATOM   19   O  O   . LYS A 1 3   ? 14.131  9.007   6.420   1.00 26.14 ? 3   LYS A O   1 
ATOM   20   C  CB  . LYS A 1 3   ? 11.755  10.550  7.946   1.00 26.75 ? 3   LYS A CB  1 
ATOM   21   C  CG  . LYS A 1 3   ? 10.755  10.272  9.026   1.00 26.21 ? 3   LYS A CG  1 
ATOM   22   C  CD  . LYS A 1 3   ? 9.344   10.476  8.490   1.00 29.45 ? 3   LYS A CD  1 
ATOM   23   C  CE  . LYS A 1 3   ? 8.246   9.904   9.319   1.00 32.86 ? 3   LYS A CE  1 
ATOM   24   N  NZ  . LYS A 1 3   ? 7.014   10.054  8.510   1.00 34.40 ? 3   LYS A NZ  1 
ATOM   25   N  N   . ALA A 1 4   ? 14.748  11.104  6.859   1.00 26.55 ? 4   ALA A N   1 
ATOM   26   C  CA  . ALA A 1 4   ? 15.701  11.069  5.769   1.00 27.01 ? 4   ALA A CA  1 
ATOM   27   C  C   . ALA A 1 4   ? 16.747  9.978   5.885   1.00 26.14 ? 4   ALA A C   1 
ATOM   28   O  O   . ALA A 1 4   ? 17.110  9.349   4.868   1.00 27.38 ? 4   ALA A O   1 
ATOM   29   C  CB  . ALA A 1 4   ? 16.414  12.426  5.649   1.00 27.62 ? 4   ALA A CB  1 
ATOM   30   N  N   . GLU A 1 5   ? 17.309  9.812   7.080   1.00 26.08 ? 5   GLU A N   1 
ATOM   31   C  CA  . GLU A 1 5   ? 18.324  8.770   7.347   1.00 27.08 ? 5   GLU A CA  1 
ATOM   32   C  C   . GLU A 1 5   ? 17.684  7.355   7.172   1.00 26.90 ? 5   GLU A C   1 
ATOM   33   O  O   . GLU A 1 5   ? 18.338  6.413   6.722   1.00 26.60 ? 5   GLU A O   1 
ATOM   34   C  CB  . GLU A 1 5   ? 18.888  8.943   8.756   1.00 28.48 ? 5   GLU A CB  1 
ATOM   35   C  CG  . GLU A 1 5   ? 19.855  10.122  8.840   1.00 31.17 ? 5   GLU A CG  1 
ATOM   36   C  CD  . GLU A 1 5   ? 20.172  10.621  10.244  1.00 35.19 ? 5   GLU A CD  1 
ATOM   37   O  OE1 . GLU A 1 5   ? 19.341  10.466  11.151  1.00 32.44 ? 5   GLU A OE1 1 
ATOM   38   O  OE2 . GLU A 1 5   ? 21.305  11.170  10.425  1.00 41.56 ? 5   GLU A OE2 1 
ATOM   39   N  N   . LEU A 1 6   ? 16.423  7.217   7.572   1.00 26.65 ? 6   LEU A N   1 
ATOM   40   C  CA  . LEU A 1 6   ? 15.756  5.906   7.464   1.00 26.62 ? 6   LEU A CA  1 
ATOM   41   C  C   . LEU A 1 6   ? 15.503  5.520   6.029   1.00 27.10 ? 6   LEU A C   1 
ATOM   42   O  O   . LEU A 1 6   ? 15.566  4.318   5.660   1.00 26.37 ? 6   LEU A O   1 
ATOM   43   C  CB  . LEU A 1 6   ? 14.449  5.945   8.247   1.00 25.54 ? 6   LEU A CB  1 
ATOM   44   C  CG  . LEU A 1 6   ? 14.691  5.924   9.736   1.00 26.12 ? 6   LEU A CG  1 
ATOM   45   C  CD1 . LEU A 1 6   ? 13.429  6.347   10.539  1.00 25.53 ? 6   LEU A CD1 1 
ATOM   46   C  CD2 . LEU A 1 6   ? 15.145  4.561   10.134  1.00 26.59 ? 6   LEU A CD2 1 
ATOM   47   N  N   . ARG A 1 7   ? 15.208  6.510   5.211   1.00 26.51 ? 7   ARG A N   1 
ATOM   48   C  CA  . ARG A 1 7   ? 14.943  6.287   3.797   1.00 28.13 ? 7   ARG A CA  1 
ATOM   49   C  C   . ARG A 1 7   ? 16.208  5.824   3.095   1.00 29.60 ? 7   ARG A C   1 
ATOM   50   O  O   . ARG A 1 7   ? 16.138  4.970   2.202   1.00 29.48 ? 7   ARG A O   1 
ATOM   51   C  CB  . ARG A 1 7   ? 14.442  7.510   3.126   1.00 26.35 ? 7   ARG A CB  1 
ATOM   52   C  CG  . ARG A 1 7   ? 12.999  7.935   3.443   1.00 27.16 ? 7   ARG A CG  1 
ATOM   53   C  CD  . ARG A 1 7   ? 12.467  8.923   2.461   1.00 28.97 ? 7   ARG A CD  1 
ATOM   54   N  NE  . ARG A 1 7   ? 13.154  10.213  2.582   1.00 30.36 ? 7   ARG A NE  1 
ATOM   55   C  CZ  . ARG A 1 7   ? 12.848  11.147  3.491   1.00 34.23 ? 7   ARG A CZ  1 
ATOM   56   N  NH1 . ARG A 1 7   ? 11.895  10.935  4.399   1.00 36.94 ? 7   ARG A NH1 1 
ATOM   57   N  NH2 . ARG A 1 7   ? 13.504  12.307  3.493   1.00 34.38 ? 7   ARG A NH2 1 
ATOM   58   N  N   . ARG A 1 8   ? 17.362  6.371   3.483   1.00 29.55 ? 8   ARG A N   1 
ATOM   59   C  CA  . ARG A 1 8   ? 18.629  5.885   2.939   1.00 31.81 ? 8   ARG A CA  1 
ATOM   60   C  C   . ARG A 1 8   ? 18.849  4.400   3.276   1.00 31.55 ? 8   ARG A C   1 
ATOM   61   O  O   . ARG A 1 8   ? 19.274  3.598   2.451   1.00 31.99 ? 8   ARG A O   1 
ATOM   62   C  CB  . ARG A 1 8   ? 19.799  6.750   3.486   1.00 32.76 ? 8   ARG A CB  1 
ATOM   63   C  CG  . ARG A 1 8   ? 21.153  6.439   2.866   1.00 38.13 ? 8   ARG A CG  1 
ATOM   64   C  CD  . ARG A 1 8   ? 22.307  7.366   3.304   1.00 43.01 ? 8   ARG A CD  1 
ATOM   65   N  NE  . ARG A 1 8   ? 22.459  7.415   4.766   1.00 48.66 ? 8   ARG A NE  1 
ATOM   66   C  CZ  . ARG A 1 8   ? 23.409  8.111   5.406   1.00 53.32 ? 8   ARG A CZ  1 
ATOM   67   N  NH1 . ARG A 1 8   ? 24.313  8.809   4.717   1.00 53.54 ? 8   ARG A NH1 1 
ATOM   68   N  NH2 . ARG A 1 8   ? 23.468  8.104   6.744   1.00 55.24 ? 8   ARG A NH2 1 
ATOM   69   N  N   . ARG A 1 9   ? 18.542  4.042   4.494   1.00 31.48 ? 9   ARG A N   1 
ATOM   70   C  CA  . ARG A 1 9   ? 18.683  2.676   4.962   1.00 32.10 ? 9   ARG A CA  1 
ATOM   71   C  C   . ARG A 1 9   ? 17.713  1.749   4.209   1.00 31.41 ? 9   ARG A C   1 
ATOM   72   O  O   . ARG A 1 9   ? 18.060  0.592   3.917   1.00 31.16 ? 9   ARG A O   1 
ATOM   73   C  CB  . ARG A 1 9   ? 18.450  2.593   6.457   1.00 33.38 ? 9   ARG A CB  1 
ATOM   74   C  CG  . ARG A 1 9   ? 18.447  1.169   7.008   1.00 37.18 ? 9   ARG A CG  1 
ATOM   75   C  CD  . ARG A 1 9   ? 18.414  1.069   8.531   1.00 43.95 ? 9   ARG A CD  1 
ATOM   76   N  NE  . ARG A 1 9   ? 19.534  1.830   9.102   1.00 48.45 ? 9   ARG A NE  1 
ATOM   77   C  CZ  . ARG A 1 9   ? 19.531  2.478   10.268  1.00 50.97 ? 9   ARG A CZ  1 
ATOM   78   N  NH1 . ARG A 1 9   ? 18.459  2.471   11.063  1.00 49.06 ? 9   ARG A NH1 1 
ATOM   79   N  NH2 . ARG A 1 9   ? 20.629  3.151   10.642  1.00 52.82 ? 9   ARG A NH2 1 
ATOM   80   N  N   . ALA A 1 10  ? 16.504  2.239   3.952   1.00 29.62 ? 10  ALA A N   1 
ATOM   81   C  CA  . ALA A 1 10  ? 15.477  1.408   3.278   1.00 29.74 ? 10  ALA A CA  1 
ATOM   82   C  C   . ALA A 1 10  ? 15.925  1.154   1.849   1.00 29.69 ? 10  ALA A C   1 
ATOM   83   O  O   . ALA A 1 10  ? 15.836  0.037   1.330   1.00 27.59 ? 10  ALA A O   1 
ATOM   84   C  CB  . ALA A 1 10  ? 14.087  2.088   3.309   1.00 28.89 ? 10  ALA A CB  1 
ATOM   85   N  N   . ARG A 1 11  ? 16.453  2.188   1.218   1.00 30.33 ? 11  ARG A N   1 
ATOM   86   C  CA  . ARG A 1 11  ? 17.011  2.015   -0.158  1.00 31.04 ? 11  ARG A CA  1 
ATOM   87   C  C   . ARG A 1 11  ? 18.145  1.001   -0.234  1.00 31.51 ? 11  ARG A C   1 
ATOM   88   O  O   . ARG A 1 11  ? 18.180  0.199   -1.158  1.00 32.98 ? 11  ARG A O   1 
ATOM   89   C  CB  . ARG A 1 11  ? 17.439  3.367   -0.719  1.00 31.59 ? 11  ARG A CB  1 
ATOM   90   C  CG  . ARG A 1 11  ? 16.272  4.330   -0.994  1.00 29.82 ? 11  ARG A CG  1 
ATOM   91   C  CD  . ARG A 1 11  ? 16.698  5.687   -1.437  1.00 35.70 ? 11  ARG A CD  1 
ATOM   92   N  NE  . ARG A 1 11  ? 15.588  6.634   -1.328  1.00 36.63 ? 11  ARG A NE  1 
ATOM   93   C  CZ  . ARG A 1 11  ? 15.635  7.811   -0.700  1.00 36.75 ? 11  ARG A CZ  1 
ATOM   94   N  NH1 . ARG A 1 11  ? 16.754  8.248   -0.113  1.00 39.22 ? 11  ARG A NH1 1 
ATOM   95   N  NH2 . ARG A 1 11  ? 14.546  8.551   -0.657  1.00 36.23 ? 11  ARG A NH2 1 
ATOM   96   N  N   . ALA A 1 12  ? 19.086  1.034   0.687   1.00 32.03 ? 12  ALA A N   1 
ATOM   97   C  CA  . ALA A 1 12  ? 20.162  0.028   0.738   1.00 32.36 ? 12  ALA A CA  1 
ATOM   98   C  C   . ALA A 1 12  ? 19.584  -1.415  0.855   1.00 31.59 ? 12  ALA A C   1 
ATOM   99   O  O   . ALA A 1 12  ? 20.027  -2.337  0.170   1.00 29.39 ? 12  ALA A O   1 
ATOM   100  C  CB  . ALA A 1 12  ? 21.124  0.305   1.849   1.00 32.19 ? 12  ALA A CB  1 
ATOM   101  N  N   . ALA A 1 13  ? 18.545  -1.570  1.664   1.00 30.88 ? 13  ALA A N   1 
ATOM   102  C  CA  . ALA A 1 13  ? 17.846  -2.840  1.777   1.00 30.40 ? 13  ALA A CA  1 
ATOM   103  C  C   . ALA A 1 13  ? 17.126  -3.271  0.498   1.00 29.83 ? 13  ALA A C   1 
ATOM   104  O  O   . ALA A 1 13  ? 17.180  -4.467  0.175   1.00 29.36 ? 13  ALA A O   1 
ATOM   105  C  CB  . ALA A 1 13  ? 16.872  -2.801  2.928   1.00 29.62 ? 13  ALA A CB  1 
ATOM   106  N  N   . TRP A 1 14  ? 16.448  -2.349  -0.191  1.00 27.69 ? 14  TRP A N   1 
ATOM   107  C  CA  . TRP A 1 14  ? 15.729  -2.665  -1.414  1.00 27.64 ? 14  TRP A CA  1 
ATOM   108  C  C   . TRP A 1 14  ? 16.748  -3.155  -2.465  1.00 29.44 ? 14  TRP A C   1 
ATOM   109  O  O   . TRP A 1 14  ? 16.443  -3.983  -3.316  1.00 28.12 ? 14  TRP A O   1 
ATOM   110  C  CB  . TRP A 1 14  ? 14.905  -1.495  -1.974  1.00 26.64 ? 14  TRP A CB  1 
ATOM   111  C  CG  . TRP A 1 14  ? 13.526  -1.235  -1.300  1.00 24.67 ? 14  TRP A CG  1 
ATOM   112  C  CD1 . TRP A 1 14  ? 13.234  -0.291  -0.341  1.00 24.60 ? 14  TRP A CD1 1 
ATOM   113  C  CD2 . TRP A 1 14  ? 12.280  -1.884  -1.600  1.00 26.02 ? 14  TRP A CD2 1 
ATOM   114  N  NE1 . TRP A 1 14  ? 11.900  -0.346  0.007   1.00 21.58 ? 14  TRP A NE1 1 
ATOM   115  C  CE2 . TRP A 1 14  ? 11.294  -1.345  -0.738  1.00 23.51 ? 14  TRP A CE2 1 
ATOM   116  C  CE3 . TRP A 1 14  ? 11.902  -2.893  -2.495  1.00 22.49 ? 14  TRP A CE3 1 
ATOM   117  C  CZ2 . TRP A 1 14  ? 9.943   -1.755  -0.772  1.00 23.93 ? 14  TRP A CZ2 1 
ATOM   118  C  CZ3 . TRP A 1 14  ? 10.572  -3.333  -2.495  1.00 23.07 ? 14  TRP A CZ3 1 
ATOM   119  C  CH2 . TRP A 1 14  ? 9.603   -2.761  -1.670  1.00 22.18 ? 14  TRP A CH2 1 
ATOM   120  N  N   . ARG A 1 15  ? 17.979  -2.643  -2.426  1.00 31.40 ? 15  ARG A N   1 
ATOM   121  C  CA  . ARG A 1 15  ? 18.863  -3.053  -3.516  1.00 32.29 ? 15  ARG A CA  1 
ATOM   122  C  C   . ARG A 1 15  ? 19.503  -4.426  -3.318  1.00 32.47 ? 15  ARG A C   1 
ATOM   123  O  O   . ARG A 1 15  ? 20.076  -4.969  -4.262  1.00 32.63 ? 15  ARG A O   1 
ATOM   124  C  CB  . ARG A 1 15  ? 19.840  -1.897  -3.924  1.00 34.54 ? 15  ARG A CB  1 
ATOM   125  C  CG  . ARG A 1 15  ? 20.809  -1.409  -2.951  1.00 39.26 ? 15  ARG A CG  1 
ATOM   126  C  CD  . ARG A 1 15  ? 21.607  -0.123  -3.421  1.00 41.33 ? 15  ARG A CD  1 
ATOM   127  N  NE  . ARG A 1 15  ? 20.771  0.994   -3.912  1.00 44.80 ? 15  ARG A NE  1 
ATOM   128  C  CZ  . ARG A 1 15  ? 20.647  2.192   -3.310  1.00 45.87 ? 15  ARG A CZ  1 
ATOM   129  N  NH1 . ARG A 1 15  ? 19.854  3.125   -3.824  1.00 48.10 ? 15  ARG A NH1 1 
ATOM   130  N  NH2 . ARG A 1 15  ? 21.302  2.465   -2.194  1.00 44.17 ? 15  ARG A NH2 1 
ATOM   131  N  N   . ARG A 1 16  ? 19.485  -4.980  -2.114  1.00 31.17 ? 16  ARG A N   1 
ATOM   132  C  CA  . ARG A 1 16  ? 20.016  -6.320  -1.918  1.00 31.93 ? 16  ARG A CA  1 
ATOM   133  C  C   . ARG A 1 16  ? 18.973  -7.373  -2.277  1.00 29.67 ? 16  ARG A C   1 
ATOM   134  O  O   . ARG A 1 16  ? 19.345  -8.551  -2.306  1.00 30.97 ? 16  ARG A O   1 
ATOM   135  C  CB  . ARG A 1 16  ? 20.592  -6.571  -0.528  1.00 33.73 ? 16  ARG A CB  1 
ATOM   136  C  CG  . ARG A 1 16  ? 19.681  -6.284  0.602   1.00 40.49 ? 16  ARG A CG  1 
ATOM   137  C  CD  . ARG A 1 16  ? 20.295  -5.542  1.814   1.00 45.80 ? 16  ARG A CD  1 
ATOM   138  N  NE  . ARG A 1 16  ? 21.332  -4.555  1.505   1.00 48.75 ? 16  ARG A NE  1 
ATOM   139  C  CZ  . ARG A 1 16  ? 21.783  -3.654  2.387   1.00 51.07 ? 16  ARG A CZ  1 
ATOM   140  N  NH1 . ARG A 1 16  ? 21.267  -3.586  3.614   1.00 50.53 ? 16  ARG A NH1 1 
ATOM   141  N  NH2 . ARG A 1 16  ? 22.737  -2.804  2.025   1.00 53.05 ? 16  ARG A NH2 1 
ATOM   142  N  N   . LEU A 1 17  ? 17.717  -6.953  -2.563  1.00 27.72 ? 17  LEU A N   1 
ATOM   143  C  CA  . LEU A 1 17  ? 16.648  -7.902  -2.952  1.00 26.23 ? 17  LEU A CA  1 
ATOM   144  C  C   . LEU A 1 17  ? 16.111  -7.865  -4.426  1.00 24.25 ? 17  LEU A C   1 
ATOM   145  O  O   . LEU A 1 17  ? 16.223  -6.883  -5.184  1.00 23.58 ? 17  LEU A O   1 
ATOM   146  C  CB  . LEU A 1 17  ? 15.467  -7.753  -1.966  1.00 28.15 ? 17  LEU A CB  1 
ATOM   147  C  CG  . LEU A 1 17  ? 14.631  -6.496  -2.086  1.00 29.77 ? 17  LEU A CG  1 
ATOM   148  C  CD1 . LEU A 1 17  ? 13.622  -6.456  -3.255  1.00 31.78 ? 17  LEU A CD1 1 
ATOM   149  C  CD2 . LEU A 1 17  ? 13.931  -6.314  -0.721  1.00 32.35 ? 17  LEU A CD2 1 
ATOM   150  N  N   . ASP A 1 18  ? 15.440  -8.963  -4.782  1.00 21.36 ? 18  ASP A N   1 
ATOM   151  C  CA  . ASP A 1 18  ? 14.880  -9.205  -6.074  1.00 20.32 ? 18  ASP A CA  1 
ATOM   152  C  C   . ASP A 1 18  ? 13.421  -8.737  -6.077  1.00 20.51 ? 18  ASP A C   1 
ATOM   153  O  O   . ASP A 1 18  ? 12.498  -9.401  -5.536  1.00 19.38 ? 18  ASP A O   1 
ATOM   154  C  CB  . ASP A 1 18  ? 14.931  -10.691 -6.339  1.00 21.07 ? 18  ASP A CB  1 
ATOM   155  C  CG  . ASP A 1 18  ? 14.409  -11.091 -7.667  1.00 22.73 ? 18  ASP A CG  1 
ATOM   156  O  OD1 . ASP A 1 18  ? 13.601  -10.370 -8.280  1.00 22.84 ? 18  ASP A OD1 1 
ATOM   157  O  OD2 . ASP A 1 18  ? 14.727  -12.212 -8.129  1.00 23.69 ? 18  ASP A OD2 1 
ATOM   158  N  N   . LEU A 1 19  ? 13.217  -7.557  -6.655  1.00 21.22 ? 19  LEU A N   1 
ATOM   159  C  CA  . LEU A 1 19  ? 11.916  -6.922  -6.560  1.00 22.12 ? 19  LEU A CA  1 
ATOM   160  C  C   . LEU A 1 19  ? 10.769  -7.736  -7.262  1.00 21.43 ? 19  LEU A C   1 
ATOM   161  O  O   . LEU A 1 19  ? 9.662   -7.823  -6.671  1.00 22.96 ? 19  LEU A O   1 
ATOM   162  C  CB  . LEU A 1 19  ? 12.036  -5.500  -7.174  1.00 22.89 ? 19  LEU A CB  1 
ATOM   163  C  CG  . LEU A 1 19  ? 10.747  -4.704  -7.316  1.00 27.57 ? 19  LEU A CG  1 
ATOM   164  C  CD1 . LEU A 1 19  ? 10.375  -4.304  -5.978  1.00 28.73 ? 19  LEU A CD1 1 
ATOM   165  C  CD2 . LEU A 1 19  ? 11.004  -3.523  -8.278  1.00 29.67 ? 19  LEU A CD2 1 
ATOM   166  N  N   . LYS A 1 20  ? 11.022  -8.294  -8.453  1.00 21.90 ? 20  LYS A N   1 
ATOM   167  C  CA  . LYS A 1 20  ? 10.052  -9.085  -9.194  1.00 23.85 ? 20  LYS A CA  1 
ATOM   168  C  C   . LYS A 1 20  ? 9.602   -10.275 -8.363  1.00 22.54 ? 20  LYS A C   1 
ATOM   169  O  O   . LYS A 1 20  ? 8.388   -10.519 -8.241  1.00 22.03 ? 20  LYS A O   1 
ATOM   170  C  CB  . LYS A 1 20  ? 10.616  -9.658  -10.491 1.00 26.78 ? 20  LYS A CB  1 
ATOM   171  C  CG  . LYS A 1 20  ? 9.573   -9.992  -11.504 1.00 33.36 ? 20  LYS A CG  1 
ATOM   172  C  CD  . LYS A 1 20  ? 10.231  -10.498 -12.829 1.00 39.29 ? 20  LYS A CD  1 
ATOM   173  C  CE  . LYS A 1 20  ? 9.380   -11.551 -13.548 1.00 41.34 ? 20  LYS A CE  1 
ATOM   174  N  NZ  . LYS A 1 20  ? 8.001   -11.046 -13.818 1.00 46.88 ? 20  LYS A NZ  1 
ATOM   175  N  N   . ALA A 1 21  ? 10.587  -10.943 -7.762  1.00 19.53 ? 21  ALA A N   1 
ATOM   176  C  CA  . ALA A 1 21  ? 10.334  -12.179 -7.029  1.00 17.93 ? 21  ALA A CA  1 
ATOM   177  C  C   . ALA A 1 21  ? 9.561   -11.864 -5.747  1.00 17.57 ? 21  ALA A C   1 
ATOM   178  O  O   . ALA A 1 21  ? 8.596   -12.557 -5.417  1.00 16.75 ? 21  ALA A O   1 
ATOM   179  C  CB  . ALA A 1 21  ? 11.628  -12.940 -6.721  1.00 17.20 ? 21  ALA A CB  1 
ATOM   180  N  N   . LEU A 1 22  ? 9.972   -10.822 -5.043  1.00 18.16 ? 22  LEU A N   1 
ATOM   181  C  CA  . LEU A 1 22  ? 9.278   -10.451 -3.794  1.00 17.58 ? 22  LEU A CA  1 
ATOM   182  C  C   . LEU A 1 22  ? 7.867   -9.942  -4.106  1.00 16.22 ? 22  LEU A C   1 
ATOM   183  O  O   . LEU A 1 22  ? 6.951   -10.242 -3.391  1.00 16.65 ? 22  LEU A O   1 
ATOM   184  C  CB  . LEU A 1 22  ? 10.074  -9.421  -3.009  1.00 18.81 ? 22  LEU A CB  1 
ATOM   185  C  CG  . LEU A 1 22  ? 11.055  -9.819  -1.926  1.00 23.54 ? 22  LEU A CG  1 
ATOM   186  C  CD1 . LEU A 1 22  ? 10.316  -10.387 -0.666  1.00 25.92 ? 22  LEU A CD1 1 
ATOM   187  C  CD2 . LEU A 1 22  ? 12.007  -10.792 -2.461  1.00 24.28 ? 22  LEU A CD2 1 
ATOM   188  N  N   . SER A 1 23  ? 7.717   -9.318  -5.264  1.00 16.45 ? 23  SER A N   1 
ATOM   189  C  CA  . SER A 1 23  ? 6.366   -8.843  -5.720  1.00 17.34 ? 23  SER A CA  1 
ATOM   190  C  C   . SER A 1 23  ? 5.435   -10.061 -5.859  1.00 17.17 ? 23  SER A C   1 
ATOM   191  O  O   . SER A 1 23  ? 4.288   -10.040 -5.373  1.00 18.80 ? 23  SER A O   1 
ATOM   192  C  CB  . SER A 1 23  ? 6.472   -8.123  -7.064  1.00 19.35 ? 23  SER A CB  1 
ATOM   193  O  OG  . SER A 1 23  ? 7.123   -6.857  -6.870  1.00 22.24 ? 23  SER A OG  1 
ATOM   194  N  N   . ARG A 1 24  ? 5.965   -11.099 -6.466  1.00 17.74 ? 24  ARG A N   1 
ATOM   195  C  CA  . ARG A 1 24  ? 5.180   -12.305 -6.729  1.00 17.27 ? 24  ARG A CA  1 
ATOM   196  C  C   . ARG A 1 24  ? 4.866   -12.946 -5.370  1.00 17.43 ? 24  ARG A C   1 
ATOM   197  O  O   . ARG A 1 24  ? 3.791   -13.429 -5.176  1.00 17.74 ? 24  ARG A O   1 
ATOM   198  C  CB  . ARG A 1 24  ? 5.931   -13.277 -7.596  1.00 20.04 ? 24  ARG A CB  1 
ATOM   199  C  CG  . ARG A 1 24  ? 6.023   -12.941 -9.094  1.00 27.24 ? 24  ARG A CG  1 
ATOM   200  C  CD  . ARG A 1 24  ? 6.340   -14.121 -10.013 1.00 37.43 ? 24  ARG A CD  1 
ATOM   201  N  NE  . ARG A 1 24  ? 7.293   -15.106 -9.476  1.00 43.65 ? 24  ARG A NE  1 
ATOM   202  C  CZ  . ARG A 1 24  ? 7.294   -16.417 -9.774  1.00 44.05 ? 24  ARG A CZ  1 
ATOM   203  N  NH1 . ARG A 1 24  ? 6.409   -16.938 -10.626 1.00 49.62 ? 24  ARG A NH1 1 
ATOM   204  N  NH2 . ARG A 1 24  ? 8.200   -17.211 -9.251  1.00 40.86 ? 24  ARG A NH2 1 
ATOM   205  N  N   . ALA A 1 25  ? 5.859   -12.984 -4.485  1.00 16.16 ? 25  ALA A N   1 
ATOM   206  C  CA  . ALA A 1 25  ? 5.704   -13.676 -3.210  1.00 15.73 ? 25  ALA A CA  1 
ATOM   207  C  C   . ALA A 1 25  ? 4.686   -12.995 -2.319  1.00 15.40 ? 25  ALA A C   1 
ATOM   208  O  O   . ALA A 1 25  ? 3.876   -13.650 -1.665  1.00 15.60 ? 25  ALA A O   1 
ATOM   209  C  CB  . ALA A 1 25  ? 7.052   -13.806 -2.499  1.00 16.65 ? 25  ALA A CB  1 
ATOM   210  N  N   . VAL A 1 26  ? 4.741   -11.665 -2.267  1.00 16.42 ? 26  VAL A N   1 
ATOM   211  C  CA  . VAL A 1 26  ? 3.809   -10.879 -1.484  1.00 16.62 ? 26  VAL A CA  1 
ATOM   212  C  C   . VAL A 1 26  ? 2.386   -10.998 -2.051  1.00 16.83 ? 26  VAL A C   1 
ATOM   213  O  O   . VAL A 1 26  ? 1.400   -11.198 -1.345  1.00 15.93 ? 26  VAL A O   1 
ATOM   214  C  CB  . VAL A 1 26  ? 4.242   -9.395  -1.355  1.00 15.70 ? 26  VAL A CB  1 
ATOM   215  C  CG1 . VAL A 1 26  ? 3.181   -8.611  -0.609  1.00 18.17 ? 26  VAL A CG1 1 
ATOM   216  C  CG2 . VAL A 1 26  ? 5.557   -9.285  -0.607  1.00 16.99 ? 26  VAL A CG2 1 
ATOM   217  N  N   . GLY A 1 27  ? 2.281   -10.936 -3.364  1.00 16.33 ? 27  GLY A N   1 
ATOM   218  C  CA  . GLY A 1 27  ? 0.979   -11.092 -3.969  1.00 17.45 ? 27  GLY A CA  1 
ATOM   219  C  C   . GLY A 1 27  ? 0.334   -12.422 -3.688  1.00 17.51 ? 27  GLY A C   1 
ATOM   220  O  O   . GLY A 1 27  ? -0.877  -12.548 -3.397  1.00 17.11 ? 27  GLY A O   1 
ATOM   221  N  N   . ALA A 1 28  ? 1.139   -13.464 -3.752  1.00 16.83 ? 28  ALA A N   1 
ATOM   222  C  CA  . ALA A 1 28  ? 0.660   -14.820 -3.483  1.00 17.09 ? 28  ALA A CA  1 
ATOM   223  C  C   . ALA A 1 28  ? 0.212   -15.000 -2.073  1.00 18.84 ? 28  ALA A C   1 
ATOM   224  O  O   . ALA A 1 28  ? -0.842  -15.618 -1.749  1.00 18.16 ? 28  ALA A O   1 
ATOM   225  C  CB  . ALA A 1 28  ? 1.833   -15.836 -3.797  1.00 18.65 ? 28  ALA A CB  1 
ATOM   226  N  N   . ALA A 1 29  ? 1.008   -14.438 -1.164  1.00 19.36 ? 29  ALA A N   1 
ATOM   227  C  CA  . ALA A 1 29  ? 0.737   -14.632 0.252   1.00 20.02 ? 29  ALA A CA  1 
ATOM   228  C  C   . ALA A 1 29  ? -0.471  -13.770 0.724   1.00 20.48 ? 29  ALA A C   1 
ATOM   229  O  O   . ALA A 1 29  ? -1.101  -14.104 1.761   1.00 23.25 ? 29  ALA A O   1 
ATOM   230  C  CB  . ALA A 1 29  ? 2.064   -14.402 1.074   1.00 22.81 ? 29  ALA A CB  1 
ATOM   231  N  N   . LEU A 1 30  ? -0.902  -12.751 -0.052  1.00 19.17 ? 30  LEU A N   1 
ATOM   232  C  CA  . LEU A 1 30  ? -2.123  -11.982 0.177   1.00 19.93 ? 30  LEU A CA  1 
ATOM   233  C  C   . LEU A 1 30  ? -3.401  -12.780 -0.116  1.00 20.41 ? 30  LEU A C   1 
ATOM   234  O  O   . LEU A 1 30  ? -4.468  -12.502 0.402   1.00 20.53 ? 30  LEU A O   1 
ATOM   235  C  CB  . LEU A 1 30  ? -2.204  -10.729 -0.709  1.00 21.21 ? 30  LEU A CB  1 
ATOM   236  C  CG  . LEU A 1 30  ? -1.599  -9.450  -0.118  1.00 21.81 ? 30  LEU A CG  1 
ATOM   237  C  CD1 . LEU A 1 30  ? -1.295  -8.397  -1.184  1.00 23.53 ? 30  LEU A CD1 1 
ATOM   238  C  CD2 . LEU A 1 30  ? -2.545  -8.926  0.901   1.00 22.37 ? 30  LEU A CD2 1 
ATOM   239  N  N   . LEU A 1 31  ? -3.304  -13.743 -1.010  1.00 21.22 ? 31  LEU A N   1 
ATOM   240  C  CA  . LEU A 1 31  ? -4.532  -14.312 -1.563  1.00 22.45 ? 31  LEU A CA  1 
ATOM   241  C  C   . LEU A 1 31  ? -5.425  -14.986 -0.533  1.00 21.92 ? 31  LEU A C   1 
ATOM   242  O  O   . LEU A 1 31  ? -6.647  -14.744 -0.574  1.00 22.49 ? 31  LEU A O   1 
ATOM   243  C  CB  . LEU A 1 31  ? -4.166  -15.221 -2.760  1.00 22.88 ? 31  LEU A CB  1 
ATOM   244  C  CG  . LEU A 1 31  ? -5.148  -15.694 -3.817  1.00 29.74 ? 31  LEU A CG  1 
ATOM   245  C  CD1 . LEU A 1 31  ? -5.918  -14.594 -4.466  1.00 30.36 ? 31  LEU A CD1 1 
ATOM   246  C  CD2 . LEU A 1 31  ? -4.209  -16.404 -4.839  1.00 29.95 ? 31  LEU A CD2 1 
ATOM   247  N  N   . PRO A 1 32  ? -4.951  -15.790 0.407   1.00 23.18 ? 32  PRO A N   1 
ATOM   248  C  CA  . PRO A 1 32  ? -5.876  -16.351 1.416   1.00 24.28 ? 32  PRO A CA  1 
ATOM   249  C  C   . PRO A 1 32  ? -6.646  -15.339 2.209   1.00 23.36 ? 32  PRO A C   1 
ATOM   250  O  O   . PRO A 1 32  ? -7.839  -15.492 2.455   1.00 23.84 ? 32  PRO A O   1 
ATOM   251  C  CB  . PRO A 1 32  ? -4.973  -17.148 2.359   1.00 25.04 ? 32  PRO A CB  1 
ATOM   252  C  CG  . PRO A 1 32  ? -3.797  -17.443 1.540   1.00 24.88 ? 32  PRO A CG  1 
ATOM   253  C  CD  . PRO A 1 32  ? -3.581  -16.306 0.607   1.00 23.38 ? 32  PRO A CD  1 
ATOM   254  N  N   . TRP A 1 33  ? -5.993  -14.244 2.567   1.00 22.42 ? 33  TRP A N   1 
ATOM   255  C  CA  . TRP A 1 33  ? -6.696  -13.214 3.276   1.00 21.25 ? 33  TRP A CA  1 
ATOM   256  C  C   . TRP A 1 33  ? -7.770  -12.553 2.408   1.00 19.30 ? 33  TRP A C   1 
ATOM   257  O  O   . TRP A 1 33  ? -8.898  -12.297 2.893   1.00 18.41 ? 33  TRP A O   1 
ATOM   258  C  CB  . TRP A 1 33  ? -5.689  -12.162 3.815   1.00 20.97 ? 33  TRP A CB  1 
ATOM   259  C  CG  . TRP A 1 33  ? -6.303  -11.067 4.618   1.00 20.37 ? 33  TRP A CG  1 
ATOM   260  C  CD1 . TRP A 1 33  ? -6.991  -11.217 5.760   1.00 19.43 ? 33  TRP A CD1 1 
ATOM   261  C  CD2 . TRP A 1 33  ? -6.232  -9.649  4.395   1.00 17.56 ? 33  TRP A CD2 1 
ATOM   262  N  NE1 . TRP A 1 33  ? -7.368  -10.019 6.288   1.00 22.09 ? 33  TRP A NE1 1 
ATOM   263  C  CE2 . TRP A 1 33  ? -6.923  -9.021  5.470   1.00 19.37 ? 33  TRP A CE2 1 
ATOM   264  C  CE3 . TRP A 1 33  ? -5.648  -8.825  3.413   1.00 17.79 ? 33  TRP A CE3 1 
ATOM   265  C  CZ2 . TRP A 1 33  ? -7.072  -7.649  5.584   1.00 18.25 ? 33  TRP A CZ2 1 
ATOM   266  C  CZ3 . TRP A 1 33  ? -5.808  -7.458  3.542   1.00 17.67 ? 33  TRP A CZ3 1 
ATOM   267  C  CH2 . TRP A 1 33  ? -6.512  -6.886  4.599   1.00 18.41 ? 33  TRP A CH2 1 
ATOM   268  N  N   . LEU A 1 34  ? -7.437  -12.231 1.149   1.00 18.67 ? 34  LEU A N   1 
ATOM   269  C  CA  . LEU A 1 34  ? -8.387  -11.572 0.269   1.00 18.99 ? 34  LEU A CA  1 
ATOM   270  C  C   . LEU A 1 34  ? -9.634  -12.484 0.116   1.00 19.82 ? 34  LEU A C   1 
ATOM   271  O  O   . LEU A 1 34  ? -10.754 -12.019 0.152   1.00 20.18 ? 34  LEU A O   1 
ATOM   272  C  CB  . LEU A 1 34  ? -7.769  -11.289 -1.080  1.00 19.45 ? 34  LEU A CB  1 
ATOM   273  C  CG  . LEU A 1 34  ? -6.591  -10.311 -1.101  1.00 19.61 ? 34  LEU A CG  1 
ATOM   274  C  CD1 . LEU A 1 34  ? -6.014  -10.161 -2.541  1.00 20.33 ? 34  LEU A CD1 1 
ATOM   275  C  CD2 . LEU A 1 34  ? -6.864  -8.947  -0.541  1.00 21.80 ? 34  LEU A CD2 1 
ATOM   276  N  N   . ARG A 1 35  ? -9.382  -13.777 -0.105  1.00 21.52 ? 35  ARG A N   1 
ATOM   277  C  CA  . ARG A 1 35  ? -10.482 -14.743 -0.277  1.00 23.14 ? 35  ARG A CA  1 
ATOM   278  C  C   . ARG A 1 35  ? -11.317 -14.878 0.958   1.00 22.42 ? 35  ARG A C   1 
ATOM   279  O  O   . ARG A 1 35  ? -12.579 -14.847 0.860   1.00 24.66 ? 35  ARG A O   1 
ATOM   280  C  CB  . ARG A 1 35  ? -9.941  -16.100 -0.726  1.00 23.56 ? 35  ARG A CB  1 
ATOM   281  C  CG  . ARG A 1 35  ? -9.263  -16.060 -2.054  1.00 28.28 ? 35  ARG A CG  1 
ATOM   282  C  CD  . ARG A 1 35  ? -8.543  -17.345 -2.384  1.00 34.70 ? 35  ARG A CD  1 
ATOM   283  N  NE  . ARG A 1 35  ? -8.456  -17.539 -3.831  1.00 40.63 ? 35  ARG A NE  1 
ATOM   284  C  CZ  . ARG A 1 35  ? -7.477  -18.179 -4.470  1.00 43.45 ? 35  ARG A CZ  1 
ATOM   285  N  NH1 . ARG A 1 35  ? -6.407  -18.661 -3.827  1.00 46.21 ? 35  ARG A NH1 1 
ATOM   286  N  NH2 . ARG A 1 35  ? -7.567  -18.317 -5.785  1.00 44.98 ? 35  ARG A NH2 1 
ATOM   287  N  N   . GLU A 1 36  ? -10.677 -14.967 2.115   1.00 22.26 ? 36  GLU A N   1 
ATOM   288  C  CA  . GLU A 1 36  ? -11.400 -15.085 3.391   1.00 23.12 ? 36  GLU A CA  1 
ATOM   289  C  C   . GLU A 1 36  ? -12.275 -13.899 3.673   1.00 22.60 ? 36  GLU A C   1 
ATOM   290  O  O   . GLU A 1 36  ? -13.459 -14.033 4.070   1.00 22.99 ? 36  GLU A O   1 
ATOM   291  C  CB  . GLU A 1 36  ? -10.419 -15.277 4.545   1.00 24.78 ? 36  GLU A CB  1 
ATOM   292  C  CG  . GLU A 1 36  ? -10.331 -16.709 4.978   1.00 31.65 ? 36  GLU A CG  1 
ATOM   293  C  CD  . GLU A 1 36  ? -9.957  -16.799 6.424   1.00 35.60 ? 36  GLU A CD  1 
ATOM   294  O  OE1 . GLU A 1 36  ? -8.793  -16.546 6.652   1.00 37.50 ? 36  GLU A OE1 1 
ATOM   295  O  OE2 . GLU A 1 36  ? -10.817 -17.074 7.301   1.00 40.27 ? 36  GLU A OE2 1 
ATOM   296  N  N   . ARG A 1 37  ? -11.733 -12.701 3.441   1.00 20.14 ? 37  ARG A N   1 
ATOM   297  C  CA  . ARG A 1 37  ? -12.510 -11.491 3.612   1.00 20.10 ? 37  ARG A CA  1 
ATOM   298  C  C   . ARG A 1 37  ? -13.528 -11.185 2.531   1.00 19.57 ? 37  ARG A C   1 
ATOM   299  O  O   . ARG A 1 37  ? -14.502 -10.425 2.756   1.00 19.85 ? 37  ARG A O   1 
ATOM   300  C  CB  . ARG A 1 37  ? -11.577 -10.250 3.745   1.00 18.42 ? 37  ARG A CB  1 
ATOM   301  C  CG  . ARG A 1 37  ? -10.745 -10.290 4.993   1.00 21.70 ? 37  ARG A CG  1 
ATOM   302  C  CD  . ARG A 1 37  ? -11.582 -10.206 6.227   1.00 25.84 ? 37  ARG A CD  1 
ATOM   303  N  NE  . ARG A 1 37  ? -12.079 -8.904  6.378   1.00 28.18 ? 37  ARG A NE  1 
ATOM   304  C  CZ  . ARG A 1 37  ? -11.554 -7.952  7.170   1.00 29.72 ? 37  ARG A CZ  1 
ATOM   305  N  NH1 . ARG A 1 37  ? -10.551 -8.187  7.984   1.00 30.34 ? 37  ARG A NH1 1 
ATOM   306  N  NH2 . ARG A 1 37  ? -12.108 -6.765  7.170   1.00 28.09 ? 37  ARG A NH2 1 
ATOM   307  N  N   . GLY A 1 38  ? -13.309 -11.712 1.309   1.00 20.25 ? 38  GLY A N   1 
ATOM   308  C  CA  . GLY A 1 38  ? -14.166 -11.462 0.202   1.00 19.56 ? 38  GLY A CA  1 
ATOM   309  C  C   . GLY A 1 38  ? -14.231 -10.029 -0.238  1.00 19.20 ? 38  GLY A C   1 
ATOM   310  O  O   . GLY A 1 38  ? -15.294 -9.502  -0.648  1.00 19.59 ? 38  GLY A O   1 
ATOM   311  N  N   . PHE A 1 39  ? -13.098 -9.331  -0.174  1.00 16.34 ? 39  PHE A N   1 
ATOM   312  C  CA  . PHE A 1 39  ? -13.108 -7.933  -0.614  1.00 16.80 ? 39  PHE A CA  1 
ATOM   313  C  C   . PHE A 1 39  ? -13.561 -7.856  -2.066  1.00 17.81 ? 39  PHE A C   1 
ATOM   314  O  O   . PHE A 1 39  ? -13.157 -8.687  -2.896  1.00 18.03 ? 39  PHE A O   1 
ATOM   315  C  CB  . PHE A 1 39  ? -11.714 -7.298  -0.458  1.00 14.70 ? 39  PHE A CB  1 
ATOM   316  C  CG  . PHE A 1 39  ? -11.220 -7.224  0.973   1.00 13.35 ? 39  PHE A CG  1 
ATOM   317  C  CD1 . PHE A 1 39  ? -11.937 -6.523  1.959   1.00 16.93 ? 39  PHE A CD1 1 
ATOM   318  C  CD2 . PHE A 1 39  ? -9.991  -7.837  1.336   1.00 13.78 ? 39  PHE A CD2 1 
ATOM   319  C  CE1 . PHE A 1 39  ? -11.420 -6.466  3.277   1.00 15.46 ? 39  PHE A CE1 1 
ATOM   320  C  CE2 . PHE A 1 39  ? -9.516  -7.771  2.577   1.00 17.13 ? 39  PHE A CE2 1 
ATOM   321  C  CZ  . PHE A 1 39  ? -10.263 -7.087  3.562   1.00 14.08 ? 39  PHE A CZ  1 
ATOM   322  N  N   . ARG A 1 40  ? -14.345 -6.848  -2.391  1.00 17.68 ? 40  ARG A N   1 
ATOM   323  C  CA  . ARG A 1 40  ? -14.834 -6.650  -3.737  1.00 19.84 ? 40  ARG A CA  1 
ATOM   324  C  C   . ARG A 1 40  ? -14.373 -5.398  -4.459  1.00 19.41 ? 40  ARG A C   1 
ATOM   325  O  O   . ARG A 1 40  ? -14.500 -5.361  -5.673  1.00 17.56 ? 40  ARG A O   1 
ATOM   326  C  CB  . ARG A 1 40  ? -16.378 -6.662  -3.748  1.00 21.17 ? 40  ARG A CB  1 
ATOM   327  C  CG  . ARG A 1 40  ? -16.927 -8.035  -3.389  1.00 25.14 ? 40  ARG A CG  1 
ATOM   328  C  CD  . ARG A 1 40  ? -18.443 -8.101  -3.692  1.00 31.15 ? 40  ARG A CD  1 
ATOM   329  N  NE  . ARG A 1 40  ? -19.092 -6.999  -2.975  1.00 40.38 ? 40  ARG A NE  1 
ATOM   330  C  CZ  . ARG A 1 40  ? -20.065 -6.181  -3.444  1.00 46.38 ? 40  ARG A CZ  1 
ATOM   331  N  NH1 . ARG A 1 40  ? -20.587 -6.334  -4.657  1.00 49.03 ? 40  ARG A NH1 1 
ATOM   332  N  NH2 . ARG A 1 40  ? -20.521 -5.195  -2.665  1.00 49.46 ? 40  ARG A NH2 1 
ATOM   333  N  N   . HIS A 1 41  ? -13.918 -4.345  -3.738  1.00 18.42 ? 41  HIS A N   1 
ATOM   334  C  CA  . HIS A 1 41  ? -13.562 -3.077  -4.372  1.00 18.52 ? 41  HIS A CA  1 
ATOM   335  C  C   . HIS A 1 41  ? -12.228 -2.580  -3.791  1.00 19.37 ? 41  HIS A C   1 
ATOM   336  O  O   . HIS A 1 41  ? -12.194 -2.053  -2.696  1.00 19.15 ? 41  HIS A O   1 
ATOM   337  C  CB  . HIS A 1 41  ? -14.627 -2.017  -4.117  1.00 19.86 ? 41  HIS A CB  1 
ATOM   338  C  CG  . HIS A 1 41  ? -15.968 -2.358  -4.696  1.00 20.70 ? 41  HIS A CG  1 
ATOM   339  N  ND1 . HIS A 1 41  ? -16.935 -3.018  -3.969  1.00 26.41 ? 41  HIS A ND1 1 
ATOM   340  C  CD2 . HIS A 1 41  ? -16.514 -2.109  -5.916  1.00 25.73 ? 41  HIS A CD2 1 
ATOM   341  C  CE1 . HIS A 1 41  ? -18.012 -3.184  -4.729  1.00 27.98 ? 41  HIS A CE1 1 
ATOM   342  N  NE2 . HIS A 1 41  ? -17.788 -2.646  -5.914  1.00 23.74 ? 41  HIS A NE2 1 
ATOM   343  N  N   . ILE A 1 42  ? -11.160 -2.802  -4.549  1.00 16.41 ? 42  ILE A N   1 
ATOM   344  C  CA  . ILE A 1 42  ? -9.783  -2.701  -4.001  1.00 16.03 ? 42  ILE A CA  1 
ATOM   345  C  C   . ILE A 1 42  ? -9.026  -1.629  -4.686  1.00 15.57 ? 42  ILE A C   1 
ATOM   346  O  O   . ILE A 1 42  ? -8.922  -1.598  -5.935  1.00 16.13 ? 42  ILE A O   1 
ATOM   347  C  CB  . ILE A 1 42  ? -9.028  -4.056  -4.182  1.00 16.23 ? 42  ILE A CB  1 
ATOM   348  C  CG1 . ILE A 1 42  ? -9.796  -5.173  -3.554  1.00 17.13 ? 42  ILE A CG1 1 
ATOM   349  C  CG2 . ILE A 1 42  ? -7.618  -3.989  -3.688  1.00 16.95 ? 42  ILE A CG2 1 
ATOM   350  C  CD1 . ILE A 1 42  ? -9.273  -6.553  -3.841  1.00 16.34 ? 42  ILE A CD1 1 
ATOM   351  N  N   . LEU A 1 43  ? -8.413  -0.770  -3.900  1.00 15.24 ? 43  LEU A N   1 
ATOM   352  C  CA  . LEU A 1 43  ? -7.491  0.227   -4.414  1.00 14.96 ? 43  LEU A CA  1 
ATOM   353  C  C   . LEU A 1 43  ? -6.039  -0.289  -4.412  1.00 17.02 ? 43  LEU A C   1 
ATOM   354  O  O   . LEU A 1 43  ? -5.489  -0.618  -3.380  1.00 15.98 ? 43  LEU A O   1 
ATOM   355  C  CB  . LEU A 1 43  ? -7.568  1.497   -3.555  1.00 15.13 ? 43  LEU A CB  1 
ATOM   356  C  CG  . LEU A 1 43  ? -6.820  2.699   -4.075  1.00 16.31 ? 43  LEU A CG  1 
ATOM   357  C  CD1 . LEU A 1 43  ? -7.479  3.297   -5.262  1.00 17.99 ? 43  LEU A CD1 1 
ATOM   358  C  CD2 . LEU A 1 43  ? -6.772  3.748   -2.997  1.00 18.82 ? 43  LEU A CD2 1 
ATOM   359  N  N   . LEU A 1 44  ? -5.479  -0.373  -5.599  1.00 16.74 ? 44  LEU A N   1 
ATOM   360  C  CA  . LEU A 1 44  ? -4.019  -0.665  -5.703  1.00 17.30 ? 44  LEU A CA  1 
ATOM   361  C  C   . LEU A 1 44  ? -3.278  0.611   -5.944  1.00 18.55 ? 44  LEU A C   1 
ATOM   362  O  O   . LEU A 1 44  ? -3.705  1.711   -5.475  1.00 18.24 ? 44  LEU A O   1 
ATOM   363  C  CB  . LEU A 1 44  ? -3.838  -1.761  -6.756  1.00 17.50 ? 44  LEU A CB  1 
ATOM   364  C  CG  . LEU A 1 44  ? -4.489  -3.109  -6.493  1.00 20.60 ? 44  LEU A CG  1 
ATOM   365  C  CD1 . LEU A 1 44  ? -4.052  -4.113  -7.675  1.00 20.73 ? 44  LEU A CD1 1 
ATOM   366  C  CD2 . LEU A 1 44  ? -4.122  -3.719  -5.182  1.00 22.03 ? 44  LEU A CD2 1 
ATOM   367  N  N   . TYR A 1 45  ? -2.164  0.526   -6.686  1.00 20.23 ? 45  TYR A N   1 
ATOM   368  C  CA  . TYR A 1 45  ? -1.348  1.681   -6.950  1.00 20.89 ? 45  TYR A CA  1 
ATOM   369  C  C   . TYR A 1 45  ? -0.545  1.323   -8.207  1.00 21.86 ? 45  TYR A C   1 
ATOM   370  O  O   . TYR A 1 45  ? -0.330  0.143   -8.470  1.00 24.62 ? 45  TYR A O   1 
ATOM   371  C  CB  . TYR A 1 45  ? -0.455  2.037   -5.732  1.00 20.57 ? 45  TYR A CB  1 
ATOM   372  C  CG  . TYR A 1 45  ? 0.414   0.887   -5.293  1.00 18.88 ? 45  TYR A CG  1 
ATOM   373  C  CD1 . TYR A 1 45  ? 1.661   0.657   -5.865  1.00 18.85 ? 45  TYR A CD1 1 
ATOM   374  C  CD2 . TYR A 1 45  ? -0.040  -0.042  -4.356  1.00 16.03 ? 45  TYR A CD2 1 
ATOM   375  C  CE1 . TYR A 1 45  ? 2.441   -0.391  -5.509  1.00 17.80 ? 45  TYR A CE1 1 
ATOM   376  C  CE2 . TYR A 1 45  ? 0.720   -1.112  -4.006  1.00 16.66 ? 45  TYR A CE2 1 
ATOM   377  C  CZ  . TYR A 1 45  ? 1.948   -1.341  -4.590  1.00 18.57 ? 45  TYR A CZ  1 
ATOM   378  O  OH  . TYR A 1 45  ? 2.787   -2.371  -4.249  1.00 18.47 ? 45  TYR A OH  1 
ATOM   379  N  N   . HIS A 1 46  ? -0.099  2.334   -8.891  1.00 25.76 ? 46  HIS A N   1 
ATOM   380  C  CA  . HIS A 1 46  ? 0.787   2.146   -10.066 1.00 29.14 ? 46  HIS A CA  1 
ATOM   381  C  C   . HIS A 1 46  ? 2.238   2.049   -9.483  1.00 27.71 ? 46  HIS A C   1 
ATOM   382  O  O   . HIS A 1 46  ? 2.705   2.885   -8.697  1.00 27.72 ? 46  HIS A O   1 
ATOM   383  C  CB  . HIS A 1 46  ? 0.566   3.252   -11.116 1.00 30.74 ? 46  HIS A CB  1 
ATOM   384  C  CG  . HIS A 1 46  ? 1.167   2.943   -12.461 1.00 35.19 ? 46  HIS A CG  1 
ATOM   385  N  ND1 . HIS A 1 46  ? 1.027   1.721   -13.085 1.00 37.98 ? 46  HIS A ND1 1 
ATOM   386  C  CD2 . HIS A 1 46  ? 1.884   3.714   -13.317 1.00 41.68 ? 46  HIS A CD2 1 
ATOM   387  C  CE1 . HIS A 1 46  ? 1.717   1.713   -14.209 1.00 41.64 ? 46  HIS A CE1 1 
ATOM   388  N  NE2 . HIS A 1 46  ? 2.228   2.917   -14.388 1.00 42.58 ? 46  HIS A NE2 1 
ATOM   389  N  N   . PRO A 1 47  ? 2.924   0.969   -9.805  1.00 30.43 ? 47  PRO A N   1 
ATOM   390  C  CA  . PRO A 1 47  ? 4.205   0.662   -9.108  1.00 31.83 ? 47  PRO A CA  1 
ATOM   391  C  C   . PRO A 1 47  ? 5.369   1.610   -9.475  1.00 32.16 ? 47  PRO A C   1 
ATOM   392  O  O   . PRO A 1 47  ? 5.599   1.790   -10.639 1.00 35.41 ? 47  PRO A O   1 
ATOM   393  C  CB  . PRO A 1 47  ? 4.481   -0.820  -9.493  1.00 31.66 ? 47  PRO A CB  1 
ATOM   394  C  CG  . PRO A 1 47  ? 3.671   -1.092  -10.741 1.00 34.05 ? 47  PRO A CG  1 
ATOM   395  C  CD  . PRO A 1 47  ? 2.523   -0.083  -10.743 1.00 31.33 ? 47  PRO A CD  1 
ATOM   396  N  N   . LEU A 1 48  ? 6.013   2.234   -8.493  1.00 33.87 ? 48  LEU A N   1 
ATOM   397  C  CA  . LEU A 1 48  ? 7.179   3.107   -8.688  1.00 35.74 ? 48  LEU A CA  1 
ATOM   398  C  C   . LEU A 1 48  ? 8.439   2.355   -8.186  1.00 37.17 ? 48  LEU A C   1 
ATOM   399  O  O   . LEU A 1 48  ? 8.342   1.153   -7.892  1.00 37.39 ? 48  LEU A O   1 
ATOM   400  C  CB  . LEU A 1 48  ? 6.956   4.406   -7.941  1.00 36.67 ? 48  LEU A CB  1 
ATOM   401  C  CG  . LEU A 1 48  ? 5.949   5.327   -8.656  1.00 39.55 ? 48  LEU A CG  1 
ATOM   402  C  CD1 . LEU A 1 48  ? 5.860   6.653   -7.980  1.00 43.45 ? 48  LEU A CD1 1 
ATOM   403  C  CD2 . LEU A 1 48  ? 6.236   5.543   -10.170 1.00 43.41 ? 48  LEU A CD2 1 
ATOM   404  N  N   . PRO A 1 49  ? 9.621   2.989   -8.184  1.00 37.47 ? 49  PRO A N   1 
ATOM   405  C  CA  . PRO A 1 49  ? 10.823  2.356   -7.612  1.00 37.68 ? 49  PRO A CA  1 
ATOM   406  C  C   . PRO A 1 49  ? 10.789  2.165   -6.098  1.00 38.07 ? 49  PRO A C   1 
ATOM   407  O  O   . PRO A 1 49  ? 10.098  2.876   -5.317  1.00 38.39 ? 49  PRO A O   1 
ATOM   408  C  CB  . PRO A 1 49  ? 11.987  3.301   -8.030  1.00 38.06 ? 49  PRO A CB  1 
ATOM   409  C  CG  . PRO A 1 49  ? 11.417  4.232   -9.109  1.00 37.19 ? 49  PRO A CG  1 
ATOM   410  C  CD  . PRO A 1 49  ? 9.937   4.273   -8.847  1.00 37.09 ? 49  PRO A CD  1 
ATOM   411  N  N   . HIS A 1 50  ? 11.561  1.166   -5.683  1.00 38.07 ? 50  HIS A N   1 
ATOM   412  C  CA  . HIS A 1 50  ? 11.567  0.725   -4.324  1.00 38.37 ? 50  HIS A CA  1 
ATOM   413  C  C   . HIS A 1 50  ? 10.127  0.418   -3.944  1.00 37.13 ? 50  HIS A C   1 
ATOM   414  O  O   . HIS A 1 50  ? 9.700   0.815   -2.849  1.00 39.66 ? 50  HIS A O   1 
ATOM   415  C  CB  . HIS A 1 50  ? 12.274  1.789   -3.461  1.00 38.25 ? 50  HIS A CB  1 
ATOM   416  C  CG  . HIS A 1 50  ? 13.740  1.886   -3.767  1.00 41.95 ? 50  HIS A CG  1 
ATOM   417  N  ND1 . HIS A 1 50  ? 14.577  2.820   -3.201  1.00 48.36 ? 50  HIS A ND1 1 
ATOM   418  C  CD2 . HIS A 1 50  ? 14.522  1.134   -4.584  1.00 44.79 ? 50  HIS A CD2 1 
ATOM   419  C  CE1 . HIS A 1 50  ? 15.813  2.638   -3.651  1.00 46.46 ? 50  HIS A CE1 1 
ATOM   420  N  NE2 . HIS A 1 50  ? 15.806  1.618   -4.486  1.00 45.66 ? 50  HIS A NE2 1 
ATOM   421  N  N   . GLU A 1 51  ? 9.428   -0.223  -4.915  1.00 36.25 ? 51  GLU A N   1 
ATOM   422  C  CA  . GLU A 1 51  ? 8.026   -0.773  -4.811  1.00 33.78 ? 51  GLU A CA  1 
ATOM   423  C  C   . GLU A 1 51  ? 7.686   -2.091  -5.503  1.00 29.85 ? 51  GLU A C   1 
ATOM   424  O  O   . GLU A 1 51  ? 7.979   -2.364  -6.685  1.00 33.35 ? 51  GLU A O   1 
ATOM   425  C  CB  . GLU A 1 51  ? 6.963   0.224   -5.354  1.00 31.46 ? 51  GLU A CB  1 
ATOM   426  C  CG  . GLU A 1 51  ? 6.667   1.313   -4.382  1.00 32.30 ? 51  GLU A CG  1 
ATOM   427  C  CD  . GLU A 1 51  ? 5.580   2.308   -4.781  1.00 27.65 ? 51  GLU A CD  1 
ATOM   428  O  OE1 . GLU A 1 51  ? 4.883   2.210   -5.828  1.00 26.35 ? 51  GLU A OE1 1 
ATOM   429  O  OE2 . GLU A 1 51  ? 5.458   3.239   -3.975  1.00 26.37 ? 51  GLU A OE2 1 
ATOM   430  N  N   . LEU A 1 52  ? 6.824   -2.825  -4.814  1.00 29.62 ? 52  LEU A N   1 
ATOM   431  C  CA  . LEU A 1 52  ? 6.332   -4.081  -5.268  1.00 26.97 ? 52  LEU A CA  1 
ATOM   432  C  C   . LEU A 1 52  ? 5.309   -3.947  -6.418  1.00 26.40 ? 52  LEU A C   1 
ATOM   433  O  O   . LEU A 1 52  ? 4.446   -3.116  -6.332  1.00 29.90 ? 52  LEU A O   1 
ATOM   434  C  CB  . LEU A 1 52  ? 5.754   -4.828  -4.057  1.00 25.67 ? 52  LEU A CB  1 
ATOM   435  C  CG  . LEU A 1 52  ? 6.679   -5.072  -2.866  1.00 24.97 ? 52  LEU A CG  1 
ATOM   436  C  CD1 . LEU A 1 52  ? 5.955   -5.629  -1.722  1.00 23.09 ? 52  LEU A CD1 1 
ATOM   437  C  CD2 . LEU A 1 52  ? 7.822   -6.002  -3.284  1.00 21.05 ? 52  LEU A CD2 1 
ATOM   438  N  N   . ASN A 1 53  ? 5.427   -4.683  -7.515  1.00 28.22 ? 53  ASN A N   1 
ATOM   439  C  CA  . ASN A 1 53  ? 4.382   -4.716  -8.516  1.00 28.40 ? 53  ASN A CA  1 
ATOM   440  C  C   . ASN A 1 53  ? 3.306   -5.684  -8.017  1.00 25.95 ? 53  ASN A C   1 
ATOM   441  O  O   . ASN A 1 53  ? 3.459   -6.893  -8.131  1.00 28.02 ? 53  ASN A O   1 
ATOM   442  C  CB  . ASN A 1 53  ? 4.899   -5.156  -9.934  1.00 29.51 ? 53  ASN A CB  1 
ATOM   443  C  CG  . ASN A 1 53  ? 3.766   -5.446  -10.916 1.00 31.82 ? 53  ASN A CG  1 
ATOM   444  O  OD1 . ASN A 1 53  ? 2.659   -4.877  -10.798 1.00 27.75 ? 53  ASN A OD1 1 
ATOM   445  N  ND2 . ASN A 1 53  ? 4.002   -6.398  -11.860 1.00 36.78 ? 53  ASN A ND2 1 
ATOM   446  N  N   . LEU A 1 54  ? 2.173   -5.155  -7.555  1.00 25.84 ? 54  LEU A N   1 
ATOM   447  C  CA  . LEU A 1 54  ? 1.035   -6.003  -7.201  1.00 24.29 ? 54  LEU A CA  1 
ATOM   448  C  C   . LEU A 1 54  ? -0.143  -5.947  -8.179  1.00 23.76 ? 54  LEU A C   1 
ATOM   449  O  O   . LEU A 1 54  ? -1.157  -6.577  -7.948  1.00 21.67 ? 54  LEU A O   1 
ATOM   450  C  CB  . LEU A 1 54  ? 0.557   -5.719  -5.782  1.00 22.85 ? 54  LEU A CB  1 
ATOM   451  C  CG  . LEU A 1 54  ? 1.639   -5.937  -4.710  1.00 24.74 ? 54  LEU A CG  1 
ATOM   452  C  CD1 . LEU A 1 54  ? 0.933   -5.705  -3.449  1.00 25.40 ? 54  LEU A CD1 1 
ATOM   453  C  CD2 . LEU A 1 54  ? 2.211   -7.353  -4.776  1.00 27.37 ? 54  LEU A CD2 1 
ATOM   454  N  N   . LEU A 1 55  ? 0.050   -5.339  -9.350  1.00 23.04 ? 55  LEU A N   1 
ATOM   455  C  CA  . LEU A 1 55  ? -0.919  -5.506  -10.426 1.00 24.69 ? 55  LEU A CA  1 
ATOM   456  C  C   . LEU A 1 55  ? -1.276  -6.929  -10.834 1.00 24.45 ? 55  LEU A C   1 
ATOM   457  O  O   . LEU A 1 55  ? -2.403  -7.141  -11.231 1.00 23.60 ? 55  LEU A O   1 
ATOM   458  C  CB  . LEU A 1 55  ? -0.476  -4.692  -11.651 1.00 24.82 ? 55  LEU A CB  1 
ATOM   459  C  CG  . LEU A 1 55  ? -0.757  -3.206  -11.619 1.00 31.13 ? 55  LEU A CG  1 
ATOM   460  C  CD1 . LEU A 1 55  ? -0.334  -2.494  -10.449 1.00 35.96 ? 55  LEU A CD1 1 
ATOM   461  C  CD2 . LEU A 1 55  ? -0.121  -2.538  -12.850 1.00 34.38 ? 55  LEU A CD2 1 
ATOM   462  N  N   . PRO A 1 56  ? -0.374  -7.945  -10.748 1.00 24.38 ? 56  PRO A N   1 
ATOM   463  C  CA  . PRO A 1 56  ? -0.738  -9.330  -11.019 1.00 25.93 ? 56  PRO A CA  1 
ATOM   464  C  C   . PRO A 1 56  ? -1.782  -9.896  -10.057 1.00 25.10 ? 56  PRO A C   1 
ATOM   465  O  O   . PRO A 1 56  ? -2.378  -10.908 -10.344 1.00 25.04 ? 56  PRO A O   1 
ATOM   466  C  CB  . PRO A 1 56  ? 0.615   -10.086 -10.907 1.00 27.04 ? 56  PRO A CB  1 
ATOM   467  C  CG  . PRO A 1 56  ? 1.594   -9.123  -11.080 1.00 26.68 ? 56  PRO A CG  1 
ATOM   468  C  CD  . PRO A 1 56  ? 1.066   -7.837  -10.476 1.00 26.55 ? 56  PRO A CD  1 
ATOM   469  N  N   . LEU A 1 57  ? -2.077  -9.193  -8.946  1.00 22.94 ? 57  LEU A N   1 
ATOM   470  C  CA  . LEU A 1 57  ? -3.209  -9.567  -8.118  1.00 23.05 ? 57  LEU A CA  1 
ATOM   471  C  C   . LEU A 1 57  ? -4.514  -9.617  -8.834  1.00 24.25 ? 57  LEU A C   1 
ATOM   472  O  O   . LEU A 1 57  ? -5.351  -10.407 -8.494  1.00 25.47 ? 57  LEU A O   1 
ATOM   473  C  CB  . LEU A 1 57  ? -3.413  -8.562  -6.979  1.00 25.98 ? 57  LEU A CB  1 
ATOM   474  C  CG  . LEU A 1 57  ? -2.902  -8.879  -5.631  1.00 28.63 ? 57  LEU A CG  1 
ATOM   475  C  CD1 . LEU A 1 57  ? -3.301  -7.686  -4.684  1.00 27.68 ? 57  LEU A CD1 1 
ATOM   476  C  CD2 . LEU A 1 57  ? -3.410  -10.335 -5.187  1.00 25.73 ? 57  LEU A CD2 1 
HETATM 477  N  N   . MSE A 1 58  ? -4.707  -8.729  -9.819  1.00 23.07 ? 58  MSE A N   1 
HETATM 478  C  CA  . MSE A 1 58  ? -6.008  -8.563  -10.389 1.00 24.20 ? 58  MSE A CA  1 
HETATM 479  C  C   . MSE A 1 58  ? -6.417  -9.864  -11.079 1.00 24.58 ? 58  MSE A C   1 
HETATM 480  O  O   . MSE A 1 58  ? -7.496  -10.350 -10.876 1.00 26.65 ? 58  MSE A O   1 
HETATM 481  C  CB  . MSE A 1 58  ? -6.005  -7.347  -11.318 1.00 22.49 ? 58  MSE A CB  1 
HETATM 482  C  CG  . MSE A 1 58  ? -5.563  -6.058  -10.638 1.00 25.45 ? 58  MSE A CG  1 
HETATM 483  SE SE  . MSE A 1 58  ? -5.863  -4.482  -11.802 1.00 27.11 ? 58  MSE A SE  1 
HETATM 484  C  CE  . MSE A 1 58  ? -4.948  -3.219  -11.116 1.00 34.85 ? 58  MSE A CE  1 
ATOM   485  N  N   . GLU A 1 59  ? -5.505  -10.497 -11.796 1.00 25.59 ? 59  GLU A N   1 
ATOM   486  C  CA  . GLU A 1 59  ? -5.884  -11.760 -12.427 1.00 25.39 ? 59  GLU A CA  1 
ATOM   487  C  C   . GLU A 1 59  ? -6.064  -12.862 -11.362 1.00 23.77 ? 59  GLU A C   1 
ATOM   488  O  O   . GLU A 1 59  ? -6.916  -13.741 -11.461 1.00 25.70 ? 59  GLU A O   1 
ATOM   489  C  CB  . GLU A 1 59  ? -4.888  -12.132 -13.549 1.00 25.12 ? 59  GLU A CB  1 
ATOM   490  C  CG  . GLU A 1 59  ? -3.452  -12.248 -13.199 1.00 31.02 ? 59  GLU A CG  1 
ATOM   491  C  CD  . GLU A 1 59  ? -2.622  -13.142 -14.162 1.00 35.72 ? 59  GLU A CD  1 
ATOM   492  O  OE1 . GLU A 1 59  ? -1.366  -13.134 -13.979 1.00 38.98 ? 59  GLU A OE1 1 
ATOM   493  O  OE2 . GLU A 1 59  ? -3.173  -13.889 -15.033 1.00 33.99 ? 59  GLU A OE2 1 
ATOM   494  N  N   . ALA A 1 60  ? -5.275  -12.798 -10.284 1.00 22.25 ? 60  ALA A N   1 
ATOM   495  C  CA  . ALA A 1 60  ? -5.274  -13.881 -9.333  1.00 21.92 ? 60  ALA A CA  1 
ATOM   496  C  C   . ALA A 1 60  ? -6.535  -13.833 -8.420  1.00 21.97 ? 60  ALA A C   1 
ATOM   497  O  O   . ALA A 1 60  ? -6.992  -14.854 -7.946  1.00 23.51 ? 60  ALA A O   1 
ATOM   498  C  CB  . ALA A 1 60  ? -4.033  -13.865 -8.509  1.00 21.17 ? 60  ALA A CB  1 
ATOM   499  N  N   . TYR A 1 61  ? -7.056  -12.609 -8.203  1.00 22.44 ? 61  TYR A N   1 
ATOM   500  C  CA  . TYR A 1 61  ? -8.161  -12.334 -7.285  1.00 20.38 ? 61  TYR A CA  1 
ATOM   501  C  C   . TYR A 1 61  ? -9.176  -11.413 -7.971  1.00 20.47 ? 61  TYR A C   1 
ATOM   502  O  O   . TYR A 1 61  ? -9.109  -10.204 -7.854  1.00 22.48 ? 61  TYR A O   1 
ATOM   503  C  CB  . TYR A 1 61  ? -7.661  -11.711 -5.962  1.00 20.45 ? 61  TYR A CB  1 
ATOM   504  C  CG  . TYR A 1 61  ? -8.827  -11.568 -5.009  1.00 18.84 ? 61  TYR A CG  1 
ATOM   505  C  CD1 . TYR A 1 61  ? -9.444  -12.688 -4.492  1.00 23.28 ? 61  TYR A CD1 1 
ATOM   506  C  CD2 . TYR A 1 61  ? -9.411  -10.312 -4.722  1.00 17.65 ? 61  TYR A CD2 1 
ATOM   507  C  CE1 . TYR A 1 61  ? -10.579 -12.591 -3.659  1.00 23.24 ? 61  TYR A CE1 1 
ATOM   508  C  CE2 . TYR A 1 61  ? -10.528 -10.204 -3.896  1.00 19.82 ? 61  TYR A CE2 1 
ATOM   509  C  CZ  . TYR A 1 61  ? -11.127 -11.336 -3.380  1.00 20.07 ? 61  TYR A CZ  1 
ATOM   510  O  OH  . TYR A 1 61  ? -12.242 -11.276 -2.580  1.00 21.99 ? 61  TYR A OH  1 
ATOM   511  N  N   . PRO A 1 62  ? -10.090 -11.955 -8.758  1.00 21.38 ? 62  PRO A N   1 
ATOM   512  C  CA  . PRO A 1 62  ? -11.039 -11.112 -9.474  1.00 20.47 ? 62  PRO A CA  1 
ATOM   513  C  C   . PRO A 1 62  ? -11.822 -10.203 -8.553  1.00 20.63 ? 62  PRO A C   1 
ATOM   514  O  O   . PRO A 1 62  ? -12.375 -10.683 -7.581  1.00 22.37 ? 62  PRO A O   1 
ATOM   515  C  CB  . PRO A 1 62  ? -11.962 -12.117 -10.128 1.00 22.33 ? 62  PRO A CB  1 
ATOM   516  C  CG  . PRO A 1 62  ? -11.046 -13.303 -10.353 1.00 24.27 ? 62  PRO A CG  1 
ATOM   517  C  CD  . PRO A 1 62  ? -10.276 -13.412 -9.033  1.00 22.86 ? 62  PRO A CD  1 
ATOM   518  N  N   . ALA A 1 63  ? -11.886 -8.941  -8.900  1.00 21.00 ? 63  ALA A N   1 
ATOM   519  C  CA  . ALA A 1 63  ? -12.510 -7.905  -8.079  1.00 20.56 ? 63  ALA A CA  1 
ATOM   520  C  C   . ALA A 1 63  ? -12.638 -6.687  -8.935  1.00 21.88 ? 63  ALA A C   1 
ATOM   521  O  O   . ALA A 1 63  ? -12.117 -6.681  -10.057 1.00 21.65 ? 63  ALA A O   1 
ATOM   522  C  CB  . ALA A 1 63  ? -11.670 -7.608  -6.864  1.00 19.60 ? 63  ALA A CB  1 
ATOM   523  N  N   . ARG A 1 64  ? -13.354 -5.696  -8.446  1.00 21.45 ? 64  ARG A N   1 
ATOM   524  C  CA  . ARG A 1 64  ? -13.304 -4.345  -8.993  1.00 21.21 ? 64  ARG A CA  1 
ATOM   525  C  C   . ARG A 1 64  ? -12.081 -3.666  -8.418  1.00 20.37 ? 64  ARG A C   1 
ATOM   526  O  O   . ARG A 1 64  ? -11.988 -3.569  -7.207  1.00 21.28 ? 64  ARG A O   1 
ATOM   527  C  CB  . ARG A 1 64  ? -14.512 -3.555  -8.590  1.00 22.75 ? 64  ARG A CB  1 
ATOM   528  C  CG  . ARG A 1 64  ? -15.857 -4.154  -9.011  1.00 28.32 ? 64  ARG A CG  1 
ATOM   529  C  CD  . ARG A 1 64  ? -15.918 -4.543  -10.421 1.00 36.09 ? 64  ARG A CD  1 
ATOM   530  N  NE  . ARG A 1 64  ? -15.382 -3.442  -11.171 1.00 41.54 ? 64  ARG A NE  1 
ATOM   531  C  CZ  . ARG A 1 64  ? -16.078 -2.665  -11.957 1.00 49.89 ? 64  ARG A CZ  1 
ATOM   532  N  NH1 . ARG A 1 64  ? -17.377 -2.868  -12.178 1.00 48.50 ? 64  ARG A NH1 1 
ATOM   533  N  NH2 . ARG A 1 64  ? -15.437 -1.684  -12.557 1.00 54.40 ? 64  ARG A NH2 1 
ATOM   534  N  N   . TYR A 1 65  ? -11.156 -3.257  -9.278  1.00 19.66 ? 65  TYR A N   1 
ATOM   535  C  CA  . TYR A 1 65  ? -9.924  -2.604  -8.922  1.00 18.57 ? 65  TYR A CA  1 
ATOM   536  C  C   . TYR A 1 65  ? -9.923  -1.119  -9.334  1.00 18.76 ? 65  TYR A C   1 
ATOM   537  O  O   . TYR A 1 65  ? -10.516 -0.724  -10.390 1.00 20.47 ? 65  TYR A O   1 
ATOM   538  C  CB  . TYR A 1 65  ? -8.732  -3.322  -9.552  1.00 18.25 ? 65  TYR A CB  1 
ATOM   539  C  CG  . TYR A 1 65  ? -8.492  -4.604  -8.887  1.00 17.64 ? 65  TYR A CG  1 
ATOM   540  C  CD1 . TYR A 1 65  ? -8.995  -5.808  -9.423  1.00 20.95 ? 65  TYR A CD1 1 
ATOM   541  C  CD2 . TYR A 1 65  ? -7.717  -4.659  -7.712  1.00 17.11 ? 65  TYR A CD2 1 
ATOM   542  C  CE1 . TYR A 1 65  ? -8.783  -7.018  -8.799  1.00 20.29 ? 65  TYR A CE1 1 
ATOM   543  C  CE2 . TYR A 1 65  ? -7.503  -5.899  -7.083  1.00 16.02 ? 65  TYR A CE2 1 
ATOM   544  C  CZ  . TYR A 1 65  ? -7.988  -7.057  -7.605  1.00 20.59 ? 65  TYR A CZ  1 
ATOM   545  O  OH  . TYR A 1 65  ? -7.769  -8.226  -6.928  1.00 18.74 ? 65  TYR A OH  1 
ATOM   546  N  N   . TYR A 1 66  ? -9.204  -0.342  -8.576  1.00 17.37 ? 66  TYR A N   1 
ATOM   547  C  CA  . TYR A 1 66  ? -9.112  1.113   -8.669  1.00 18.20 ? 66  TYR A CA  1 
ATOM   548  C  C   . TYR A 1 66  ? -7.701  1.569   -8.431  1.00 19.94 ? 66  TYR A C   1 
ATOM   549  O  O   . TYR A 1 66  ? -6.900  0.889   -7.769  1.00 18.57 ? 66  TYR A O   1 
ATOM   550  C  CB  . TYR A 1 66  ? -9.997  1.844   -7.639  1.00 17.06 ? 66  TYR A CB  1 
ATOM   551  C  CG  . TYR A 1 66  ? -11.427 1.360   -7.688  1.00 16.22 ? 66  TYR A CG  1 
ATOM   552  C  CD1 . TYR A 1 66  ? -12.407 2.142   -8.325  1.00 22.22 ? 66  TYR A CD1 1 
ATOM   553  C  CD2 . TYR A 1 66  ? -11.820 0.145   -7.100  1.00 17.11 ? 66  TYR A CD2 1 
ATOM   554  C  CE1 . TYR A 1 66  ? -13.732 1.681   -8.414  1.00 24.81 ? 66  TYR A CE1 1 
ATOM   555  C  CE2 . TYR A 1 66  ? -13.125 -0.330  -7.185  1.00 21.82 ? 66  TYR A CE2 1 
ATOM   556  C  CZ  . TYR A 1 66  ? -14.092 0.478   -7.839  1.00 26.15 ? 66  TYR A CZ  1 
ATOM   557  O  OH  . TYR A 1 66  ? -15.424 0.071   -7.902  1.00 24.36 ? 66  TYR A OH  1 
ATOM   558  N  N   . LEU A 1 67  ? -7.399  2.695   -9.010  1.00 18.79 ? 67  LEU A N   1 
ATOM   559  C  CA  . LEU A 1 67  ? -6.100  3.348   -8.836  1.00 21.44 ? 67  LEU A CA  1 
ATOM   560  C  C   . LEU A 1 67  ? -6.279  4.754   -8.397  1.00 21.73 ? 67  LEU A C   1 
ATOM   561  O  O   . LEU A 1 67  ? -7.209  5.462   -8.839  1.00 22.58 ? 67  LEU A O   1 
ATOM   562  C  CB  . LEU A 1 67  ? -5.324  3.292   -10.177 1.00 21.78 ? 67  LEU A CB  1 
ATOM   563  C  CG  . LEU A 1 67  ? -4.792  1.946   -10.666 1.00 27.33 ? 67  LEU A CG  1 
ATOM   564  C  CD1 . LEU A 1 67  ? -4.145  2.060   -12.102 1.00 29.44 ? 67  LEU A CD1 1 
ATOM   565  C  CD2 . LEU A 1 67  ? -3.869  1.308   -9.661  1.00 29.91 ? 67  LEU A CD2 1 
ATOM   566  N  N   . PRO A 1 68  ? -5.379  5.247   -7.573  1.00 21.96 ? 68  PRO A N   1 
ATOM   567  C  CA  . PRO A 1 68  ? -5.468  6.618   -7.127  1.00 25.35 ? 68  PRO A CA  1 
ATOM   568  C  C   . PRO A 1 68  ? -4.835  7.526   -8.144  1.00 28.17 ? 68  PRO A C   1 
ATOM   569  O  O   . PRO A 1 68  ? -3.982  7.119   -8.925  1.00 29.53 ? 68  PRO A O   1 
ATOM   570  C  CB  . PRO A 1 68  ? -4.667  6.601   -5.840  1.00 25.09 ? 68  PRO A CB  1 
ATOM   571  C  CG  . PRO A 1 68  ? -3.748  5.549   -5.954  1.00 22.98 ? 68  PRO A CG  1 
ATOM   572  C  CD  . PRO A 1 68  ? -4.229  4.556   -6.940  1.00 21.97 ? 68  PRO A CD  1 
ATOM   573  N  N   . LYS A 1 69  ? -5.320  8.734   -8.181  1.00 32.95 ? 69  LYS A N   1 
ATOM   574  C  CA  . LYS A 1 69  ? -4.775  9.753   -9.068  1.00 35.12 ? 69  LYS A CA  1 
ATOM   575  C  C   . LYS A 1 69  ? -4.488  10.891  -8.126  1.00 37.38 ? 69  LYS A C   1 
ATOM   576  O  O   . LYS A 1 69  ? -5.256  11.132  -7.229  1.00 37.44 ? 69  LYS A O   1 
ATOM   577  C  CB  . LYS A 1 69  ? -5.825  10.167  -10.099 1.00 35.71 ? 69  LYS A CB  1 
ATOM   578  C  CG  . LYS A 1 69  ? -5.345  11.260  -11.046 1.00 37.37 ? 69  LYS A CG  1 
ATOM   579  C  CD  . LYS A 1 69  ? -6.460  11.774  -11.879 1.00 41.22 ? 69  LYS A CD  1 
ATOM   580  C  CE  . LYS A 1 69  ? -6.137  13.111  -12.474 1.00 41.82 ? 69  LYS A CE  1 
ATOM   581  N  NZ  . LYS A 1 69  ? -7.414  13.626  -13.005 1.00 43.36 ? 69  LYS A NZ  1 
ATOM   582  N  N   . VAL A 1 70  ? -3.367  11.571  -8.313  1.00 40.49 ? 70  VAL A N   1 
ATOM   583  C  CA  . VAL A 1 70  ? -3.100  12.816  -7.595  1.00 43.16 ? 70  VAL A CA  1 
ATOM   584  C  C   . VAL A 1 70  ? -3.930  13.949  -8.216  1.00 44.96 ? 70  VAL A C   1 
ATOM   585  O  O   . VAL A 1 70  ? -3.910  14.142  -9.439  1.00 45.87 ? 70  VAL A O   1 
ATOM   586  C  CB  . VAL A 1 70  ? -1.615  13.199  -7.665  1.00 42.86 ? 70  VAL A CB  1 
ATOM   587  C  CG1 . VAL A 1 70  ? -1.338  14.482  -6.831  1.00 44.30 ? 70  VAL A CG1 1 
ATOM   588  C  CG2 . VAL A 1 70  ? -0.722  12.030  -7.198  1.00 43.13 ? 70  VAL A CG2 1 
ATOM   589  N  N   . ALA A 1 71  ? -4.628  14.702  -7.362  1.00 47.50 ? 71  ALA A N   1 
ATOM   590  C  CA  . ALA A 1 71  ? -5.476  15.824  -7.777  1.00 48.76 ? 71  ALA A CA  1 
ATOM   591  C  C   . ALA A 1 71  ? -5.504  16.844  -6.628  1.00 50.14 ? 71  ALA A C   1 
ATOM   592  O  O   . ALA A 1 71  ? -6.191  16.642  -5.622  1.00 51.07 ? 71  ALA A O   1 
ATOM   593  C  CB  . ALA A 1 71  ? -6.883  15.340  -8.095  1.00 49.19 ? 71  ALA A CB  1 
ATOM   594  N  N   . GLY A 1 72  ? -4.745  17.935  -6.774  1.00 50.74 ? 72  GLY A N   1 
ATOM   595  C  CA  . GLY A 1 72  ? -4.513  18.866  -5.669  1.00 50.37 ? 72  GLY A CA  1 
ATOM   596  C  C   . GLY A 1 72  ? -3.514  18.319  -4.658  1.00 50.01 ? 72  GLY A C   1 
ATOM   597  O  O   . GLY A 1 72  ? -2.420  17.876  -5.023  1.00 49.65 ? 72  GLY A O   1 
ATOM   598  N  N   . LYS A 1 73  ? -3.882  18.362  -3.378  1.00 50.18 ? 73  LYS A N   1 
ATOM   599  C  CA  . LYS A 1 73  ? -3.097  17.705  -2.330  1.00 49.91 ? 73  LYS A CA  1 
ATOM   600  C  C   . LYS A 1 73  ? -3.778  16.384  -1.956  1.00 48.28 ? 73  LYS A C   1 
ATOM   601  O  O   . LYS A 1 73  ? -3.503  15.805  -0.893  1.00 48.37 ? 73  LYS A O   1 
ATOM   602  C  CB  . LYS A 1 73  ? -2.942  18.610  -1.093  1.00 50.41 ? 73  LYS A CB  1 
ATOM   603  C  CG  . LYS A 1 73  ? -2.358  20.008  -1.388  1.00 53.25 ? 73  LYS A CG  1 
ATOM   604  C  CD  . LYS A 1 73  ? -1.900  20.724  -0.107  1.00 53.56 ? 73  LYS A CD  1 
ATOM   605  C  CE  . LYS A 1 73  ? -3.074  21.370  0.625   1.00 54.98 ? 73  LYS A CE  1 
ATOM   606  N  NZ  . LYS A 1 73  ? -2.652  22.370  1.672   1.00 53.59 ? 73  LYS A NZ  1 
ATOM   607  N  N   . GLY A 1 74  ? -4.632  15.888  -2.862  1.00 46.46 ? 74  GLY A N   1 
ATOM   608  C  CA  . GLY A 1 74  ? -5.506  14.770  -2.571  1.00 44.13 ? 74  GLY A CA  1 
ATOM   609  C  C   . GLY A 1 74  ? -5.326  13.603  -3.528  1.00 42.41 ? 74  GLY A C   1 
ATOM   610  O  O   . GLY A 1 74  ? -4.844  13.755  -4.663  1.00 41.96 ? 74  GLY A O   1 
ATOM   611  N  N   . LEU A 1 75  ? -5.737  12.431  -3.058  1.00 39.86 ? 75  LEU A N   1 
ATOM   612  C  CA  . LEU A 1 75  ? -5.888  11.260  -3.924  1.00 36.84 ? 75  LEU A CA  1 
ATOM   613  C  C   . LEU A 1 75  ? -7.371  11.128  -4.261  1.00 35.08 ? 75  LEU A C   1 
ATOM   614  O  O   . LEU A 1 75  ? -8.242  11.236  -3.391  1.00 32.90 ? 75  LEU A O   1 
ATOM   615  C  CB  . LEU A 1 75  ? -5.401  9.985   -3.222  1.00 36.58 ? 75  LEU A CB  1 
ATOM   616  C  CG  . LEU A 1 75  ? -3.922  9.844   -2.952  1.00 32.41 ? 75  LEU A CG  1 
ATOM   617  C  CD1 . LEU A 1 75  ? -3.596  8.433   -2.378  1.00 28.68 ? 75  LEU A CD1 1 
ATOM   618  C  CD2 . LEU A 1 75  ? -3.090  10.114  -4.210  1.00 30.25 ? 75  LEU A CD2 1 
ATOM   619  N  N   . THR A 1 76  ? -7.643  10.851  -5.537  1.00 33.70 ? 76  THR A N   1 
ATOM   620  C  CA  . THR A 1 76  ? -8.998  10.572  -6.010  1.00 32.30 ? 76  THR A CA  1 
ATOM   621  C  C   . THR A 1 76  ? -9.018  9.152   -6.543  1.00 30.41 ? 76  THR A C   1 
ATOM   622  O  O   . THR A 1 76  ? -7.956  8.592   -6.876  1.00 31.25 ? 76  THR A O   1 
ATOM   623  C  CB  . THR A 1 76  ? -9.431  11.609  -7.073  1.00 33.31 ? 76  THR A CB  1 
ATOM   624  O  OG1 . THR A 1 76  ? -8.518  11.605  -8.174  1.00 33.30 ? 76  THR A OG1 1 
ATOM   625  C  CG2 . THR A 1 76  ? -9.302  13.029  -6.504  1.00 34.78 ? 76  THR A CG2 1 
ATOM   626  N  N   . VAL A 1 77  ? -10.198 8.543   -6.648  1.00 29.15 ? 77  VAL A N   1 
ATOM   627  C  CA  . VAL A 1 77  ? -10.227 7.114   -6.985  1.00 26.35 ? 77  VAL A CA  1 
ATOM   628  C  C   . VAL A 1 77  ? -10.836 6.918   -8.365  1.00 25.63 ? 77  VAL A C   1 
ATOM   629  O  O   . VAL A 1 77  ? -11.910 7.440   -8.640  1.00 24.81 ? 77  VAL A O   1 
ATOM   630  C  CB  . VAL A 1 77  ? -11.005 6.382   -5.847  1.00 26.78 ? 77  VAL A CB  1 
ATOM   631  C  CG1 . VAL A 1 77  ? -11.385 5.024   -6.178  1.00 27.24 ? 77  VAL A CG1 1 
ATOM   632  C  CG2 . VAL A 1 77  ? -10.197 6.482   -4.512  1.00 25.55 ? 77  VAL A CG2 1 
ATOM   633  N  N   . HIS A 1 78  ? -10.124 6.207   -9.261  1.00 22.22 ? 78  HIS A N   1 
ATOM   634  C  CA  . HIS A 1 78  ? -10.636 5.887   -10.562 1.00 24.02 ? 78  HIS A CA  1 
ATOM   635  C  C   . HIS A 1 78  ? -10.577 4.394   -10.762 1.00 22.39 ? 78  HIS A C   1 
ATOM   636  O  O   . HIS A 1 78  ? -9.640  3.758   -10.348 1.00 19.30 ? 78  HIS A O   1 
ATOM   637  C  CB  . HIS A 1 78  ? -9.863  6.636   -11.650 1.00 24.51 ? 78  HIS A CB  1 
ATOM   638  C  CG  . HIS A 1 78  ? -10.118 8.107   -11.627 1.00 30.82 ? 78  HIS A CG  1 
ATOM   639  N  ND1 . HIS A 1 78  ? -10.900 8.750   -12.564 1.00 37.82 ? 78  HIS A ND1 1 
ATOM   640  C  CD2 . HIS A 1 78  ? -9.716  9.062   -10.756 1.00 35.73 ? 78  HIS A CD2 1 
ATOM   641  C  CE1 . HIS A 1 78  ? -10.950 10.041  -12.279 1.00 40.03 ? 78  HIS A CE1 1 
ATOM   642  N  NE2 . HIS A 1 78  ? -10.242 10.258  -11.190 1.00 35.74 ? 78  HIS A NE2 1 
ATOM   643  N  N   . PRO A 1 79  ? -11.553 3.816   -11.421 1.00 24.20 ? 79  PRO A N   1 
ATOM   644  C  CA  . PRO A 1 79  ? -11.421 2.415   -11.815 1.00 25.14 ? 79  PRO A CA  1 
ATOM   645  C  C   . PRO A 1 79  ? -10.152 2.201   -12.609 1.00 24.49 ? 79  PRO A C   1 
ATOM   646  O  O   . PRO A 1 79  ? -9.719  3.069   -13.350 1.00 24.21 ? 79  PRO A O   1 
ATOM   647  C  CB  . PRO A 1 79  ? -12.637 2.181   -12.718 1.00 25.89 ? 79  PRO A CB  1 
ATOM   648  C  CG  . PRO A 1 79  ? -13.559 3.274   -12.454 1.00 28.30 ? 79  PRO A CG  1 
ATOM   649  C  CD  . PRO A 1 79  ? -12.841 4.408   -11.845 1.00 26.56 ? 79  PRO A CD  1 
ATOM   650  N  N   . PHE A 1 80  ? -9.549  1.024   -12.462 1.00 25.96 ? 80  PHE A N   1 
ATOM   651  C  CA  . PHE A 1 80  ? -8.507  0.557   -13.376 1.00 25.44 ? 80  PHE A CA  1 
ATOM   652  C  C   . PHE A 1 80  ? -9.066  0.708   -14.815 1.00 25.21 ? 80  PHE A C   1 
ATOM   653  O  O   . PHE A 1 80  ? -10.194 0.332   -15.084 1.00 27.46 ? 80  PHE A O   1 
ATOM   654  C  CB  . PHE A 1 80  ? -8.156  -0.909  -13.109 1.00 25.28 ? 80  PHE A CB  1 
ATOM   655  C  CG  . PHE A 1 80  ? -7.039  -1.445  -13.987 1.00 26.19 ? 80  PHE A CG  1 
ATOM   656  C  CD1 . PHE A 1 80  ? -5.731  -1.011  -13.806 1.00 25.76 ? 80  PHE A CD1 1 
ATOM   657  C  CD2 . PHE A 1 80  ? -7.305  -2.302  -15.045 1.00 28.51 ? 80  PHE A CD2 1 
ATOM   658  C  CE1 . PHE A 1 80  ? -4.723  -1.456  -14.629 1.00 28.56 ? 80  PHE A CE1 1 
ATOM   659  C  CE2 . PHE A 1 80  ? -6.273  -2.766  -15.842 1.00 28.39 ? 80  PHE A CE2 1 
ATOM   660  C  CZ  . PHE A 1 80  ? -4.988  -2.344  -15.615 1.00 27.48 ? 80  PHE A CZ  1 
ATOM   661  N  N   . GLY A 1 81  ? -8.306  1.341   -15.676 1.00 25.46 ? 81  GLY A N   1 
ATOM   662  C  CA  . GLY A 1 81  ? -8.851  1.690   -16.984 1.00 28.88 ? 81  GLY A CA  1 
ATOM   663  C  C   . GLY A 1 81  ? -7.888  2.382   -17.905 1.00 29.46 ? 81  GLY A C   1 
ATOM   664  O  O   . GLY A 1 81  ? -6.700  2.567   -17.579 1.00 30.38 ? 81  GLY A O   1 
ATOM   665  N  N   . PRO A 1 82  ? -8.427  2.839   -19.047 1.00 30.15 ? 82  PRO A N   1 
ATOM   666  C  CA  . PRO A 1 82  ? -7.627  3.561   -20.033 1.00 31.46 ? 82  PRO A CA  1 
ATOM   667  C  C   . PRO A 1 82  ? -7.053  4.869   -19.477 1.00 32.68 ? 82  PRO A C   1 
ATOM   668  O  O   . PRO A 1 82  ? -7.660  5.515   -18.604 1.00 33.15 ? 82  PRO A O   1 
ATOM   669  C  CB  . PRO A 1 82  ? -8.646  3.896   -21.145 1.00 31.97 ? 82  PRO A CB  1 
ATOM   670  C  CG  . PRO A 1 82  ? -9.819  3.030   -20.958 1.00 32.14 ? 82  PRO A CG  1 
ATOM   671  C  CD  . PRO A 1 82  ? -9.845  2.757   -19.445 1.00 29.69 ? 82  PRO A CD  1 
ATOM   672  N  N   . LEU A 1 83  ? -5.880  5.223   -19.984 1.00 33.52 ? 83  LEU A N   1 
ATOM   673  C  CA  . LEU A 1 83  ? -5.300  6.545   -19.762 1.00 34.50 ? 83  LEU A CA  1 
ATOM   674  C  C   . LEU A 1 83  ? -5.262  7.279   -21.114 1.00 36.07 ? 83  LEU A C   1 
ATOM   675  O  O   . LEU A 1 83  ? -5.626  6.717   -22.141 1.00 40.29 ? 83  LEU A O   1 
ATOM   676  C  CB  . LEU A 1 83  ? -3.897  6.398   -19.161 1.00 33.97 ? 83  LEU A CB  1 
ATOM   677  C  CG  . LEU A 1 83  ? -3.768  5.772   -17.769 1.00 33.15 ? 83  LEU A CG  1 
ATOM   678  C  CD1 . LEU A 1 83  ? -2.313  5.743   -17.330 1.00 35.10 ? 83  LEU A CD1 1 
ATOM   679  C  CD2 . LEU A 1 83  ? -4.489  6.582   -16.738 1.00 34.24 ? 83  LEU A CD2 1 
ATOM   680  N  N   . ALA A 1 84  ? -4.856  8.543   -21.103 1.00 37.99 ? 84  ALA A N   1 
ATOM   681  C  CA  . ALA A 1 84  ? -4.734  9.335   -22.335 1.00 37.19 ? 84  ALA A CA  1 
ATOM   682  C  C   . ALA A 1 84  ? -3.688  8.736   -23.321 1.00 37.94 ? 84  ALA A C   1 
ATOM   683  O  O   . ALA A 1 84  ? -3.883  8.699   -24.558 1.00 40.41 ? 84  ALA A O   1 
ATOM   684  C  CB  . ALA A 1 84  ? -4.364  10.756  -21.944 1.00 37.93 ? 84  ALA A CB  1 
ATOM   685  N  N   . GLU A 1 92  ? -3.349  10.516  -17.711 1.00 51.67 ? 92  GLU A N   1 
ATOM   686  C  CA  . GLU A 1 92  ? -4.527  10.814  -16.897 1.00 51.90 ? 92  GLU A CA  1 
ATOM   687  C  C   . GLU A 1 92  ? -5.661  9.794   -17.184 1.00 51.22 ? 92  GLU A C   1 
ATOM   688  O  O   . GLU A 1 92  ? -5.931  9.506   -18.360 1.00 50.16 ? 92  GLU A O   1 
ATOM   689  C  CB  . GLU A 1 92  ? -5.007  12.243  -17.190 1.00 52.28 ? 92  GLU A CB  1 
ATOM   690  C  CG  . GLU A 1 92  ? -5.708  12.954  -16.023 1.00 54.15 ? 92  GLU A CG  1 
ATOM   691  C  CD  . GLU A 1 92  ? -6.952  13.754  -16.441 1.00 56.51 ? 92  GLU A CD  1 
ATOM   692  O  OE1 . GLU A 1 92  ? -7.668  13.318  -17.376 1.00 55.63 ? 92  GLU A OE1 1 
ATOM   693  O  OE2 . GLU A 1 92  ? -7.222  14.817  -15.824 1.00 56.66 ? 92  GLU A OE2 1 
ATOM   694  N  N   . PRO A 1 93  ? -6.306  9.229   -16.145 1.00 50.24 ? 93  PRO A N   1 
ATOM   695  C  CA  . PRO A 1 93  ? -7.410  8.276   -16.374 1.00 49.79 ? 93  PRO A CA  1 
ATOM   696  C  C   . PRO A 1 93  ? -8.594  8.865   -17.116 1.00 49.60 ? 93  PRO A C   1 
ATOM   697  O  O   . PRO A 1 93  ? -8.861  10.060  -16.981 1.00 49.15 ? 93  PRO A O   1 
ATOM   698  C  CB  . PRO A 1 93  ? -7.839  7.862   -14.950 1.00 49.98 ? 93  PRO A CB  1 
ATOM   699  C  CG  . PRO A 1 93  ? -7.343  8.965   -14.073 1.00 50.06 ? 93  PRO A CG  1 
ATOM   700  C  CD  . PRO A 1 93  ? -6.034  9.390   -14.704 1.00 50.06 ? 93  PRO A CD  1 
ATOM   701  N  N   . THR A 1 94  ? -9.288  8.006   -17.871 1.00 49.31 ? 94  THR A N   1 
ATOM   702  C  CA  . THR A 1 94  ? -10.513 8.342   -18.596 1.00 48.92 ? 94  THR A CA  1 
ATOM   703  C  C   . THR A 1 94  ? -11.750 7.835   -17.869 1.00 48.68 ? 94  THR A C   1 
ATOM   704  O  O   . THR A 1 94  ? -12.844 8.298   -18.135 1.00 48.85 ? 94  THR A O   1 
ATOM   705  C  CB  . THR A 1 94  ? -10.509 7.712   -20.019 1.00 49.36 ? 94  THR A CB  1 
ATOM   706  O  OG1 . THR A 1 94  ? -10.651 6.282   -19.925 1.00 47.71 ? 94  THR A OG1 1 
ATOM   707  C  CG2 . THR A 1 94  ? -9.184  7.927   -20.723 1.00 48.87 ? 94  THR A CG2 1 
ATOM   708  N  N   . THR A 1 95  ? -11.590 6.829   -17.010 1.00 48.38 ? 95  THR A N   1 
ATOM   709  C  CA  . THR A 1 95  ? -12.677 6.402   -16.152 1.00 47.37 ? 95  THR A CA  1 
ATOM   710  C  C   . THR A 1 95  ? -13.064 7.569   -15.246 1.00 47.41 ? 95  THR A C   1 
ATOM   711  O  O   . THR A 1 95  ? -12.215 8.361   -14.858 1.00 46.58 ? 95  THR A O   1 
ATOM   712  C  CB  . THR A 1 95  ? -12.257 5.215   -15.301 1.00 47.57 ? 95  THR A CB  1 
ATOM   713  O  OG1 . THR A 1 95  ? -10.930 5.431   -14.794 1.00 44.98 ? 95  THR A OG1 1 
ATOM   714  C  CG2 . THR A 1 95  ? -12.147 3.965   -16.151 1.00 47.55 ? 95  THR A CG2 1 
ATOM   715  N  N   . PRO A 1 96  ? -14.354 7.707   -14.970 1.00 47.44 ? 96  PRO A N   1 
ATOM   716  C  CA  . PRO A 1 96  ? -14.851 8.659   -13.971 1.00 46.72 ? 96  PRO A CA  1 
ATOM   717  C  C   . PRO A 1 96  ? -14.186 8.586   -12.596 1.00 45.90 ? 96  PRO A C   1 
ATOM   718  O  O   . PRO A 1 96  ? -13.749 7.500   -12.181 1.00 43.99 ? 96  PRO A O   1 
ATOM   719  C  CB  . PRO A 1 96  ? -16.321 8.255   -13.822 1.00 47.28 ? 96  PRO A CB  1 
ATOM   720  C  CG  . PRO A 1 96  ? -16.698 7.750   -15.160 1.00 47.36 ? 96  PRO A CG  1 
ATOM   721  C  CD  . PRO A 1 96  ? -15.458 7.057   -15.698 1.00 47.34 ? 96  PRO A CD  1 
ATOM   722  N  N   . PRO A 1 97  ? -14.106 9.734   -11.906 1.00 44.93 ? 97  PRO A N   1 
ATOM   723  C  CA  . PRO A 1 97  ? -13.759 9.748   -10.487 1.00 44.51 ? 97  PRO A CA  1 
ATOM   724  C  C   . PRO A 1 97  ? -14.878 9.126   -9.695  1.00 44.06 ? 97  PRO A C   1 
ATOM   725  O  O   . PRO A 1 97  ? -16.040 9.141   -10.139 1.00 44.63 ? 97  PRO A O   1 
ATOM   726  C  CB  . PRO A 1 97  ? -13.614 11.243  -10.150 1.00 44.79 ? 97  PRO A CB  1 
ATOM   727  C  CG  . PRO A 1 97  ? -14.310 11.982  -11.237 1.00 44.82 ? 97  PRO A CG  1 
ATOM   728  C  CD  . PRO A 1 97  ? -14.327 11.096  -12.437 1.00 45.46 ? 97  PRO A CD  1 
ATOM   729  N  N   . GLU A 1 98  ? -14.533 8.558   -8.559  1.00 42.01 ? 98  GLU A N   1 
ATOM   730  C  CA  . GLU A 1 98  ? -15.499 7.887   -7.715  1.00 41.33 ? 98  GLU A CA  1 
ATOM   731  C  C   . GLU A 1 98  ? -15.244 8.177   -6.249  1.00 40.04 ? 98  GLU A C   1 
ATOM   732  O  O   . GLU A 1 98  ? -14.111 8.375   -5.817  1.00 40.30 ? 98  GLU A O   1 
ATOM   733  C  CB  . GLU A 1 98  ? -15.447 6.395   -7.965  1.00 42.05 ? 98  GLU A CB  1 
ATOM   734  C  CG  . GLU A 1 98  ? -15.836 6.009   -9.392  1.00 44.66 ? 98  GLU A CG  1 
ATOM   735  C  CD  . GLU A 1 98  ? -16.064 4.521   -9.538  1.00 47.12 ? 98  GLU A CD  1 
ATOM   736  O  OE1 . GLU A 1 98  ? -16.211 3.823   -8.493  1.00 49.36 ? 98  GLU A OE1 1 
ATOM   737  O  OE2 . GLU A 1 98  ? -16.085 4.043   -10.685 1.00 50.17 ? 98  GLU A OE2 1 
ATOM   738  N  N   . ASP A 1 99  ? -16.300 8.173   -5.455  1.00 37.44 ? 99  ASP A N   1 
ATOM   739  C  CA  . ASP A 1 99  ? -16.122 8.416   -4.049  1.00 36.19 ? 99  ASP A CA  1 
ATOM   740  C  C   . ASP A 1 99  ? -15.396 7.277   -3.344  1.00 33.28 ? 99  ASP A C   1 
ATOM   741  O  O   . ASP A 1 99  ? -15.736 6.120   -3.535  1.00 32.24 ? 99  ASP A O   1 
ATOM   742  C  CB  . ASP A 1 99  ? -17.447 8.606   -3.377  1.00 36.31 ? 99  ASP A CB  1 
ATOM   743  C  CG  . ASP A 1 99  ? -17.304 9.218   -2.028  1.00 37.89 ? 99  ASP A CG  1 
ATOM   744  O  OD1 . ASP A 1 99  ? -17.256 10.510  -1.947  1.00 41.29 ? 99  ASP A OD1 1 
ATOM   745  O  OD2 . ASP A 1 99  ? -17.239 8.475   -1.010  1.00 27.99 ? 99  ASP A OD2 1 
ATOM   746  N  N   . PRO A 1 100 ? -14.443 7.602   -2.489  1.00 31.33 ? 100 PRO A N   1 
ATOM   747  C  CA  . PRO A 1 100 ? -13.648 6.555   -1.822  1.00 30.26 ? 100 PRO A CA  1 
ATOM   748  C  C   . PRO A 1 100 ? -14.391 5.589   -0.949  1.00 30.70 ? 100 PRO A C   1 
ATOM   749  O  O   . PRO A 1 100 ? -13.834 4.553   -0.619  1.00 28.92 ? 100 PRO A O   1 
ATOM   750  C  CB  . PRO A 1 100 ? -12.668 7.339   -0.931  1.00 29.88 ? 100 PRO A CB  1 
ATOM   751  C  CG  . PRO A 1 100 ? -12.702 8.697   -1.372  1.00 30.90 ? 100 PRO A CG  1 
ATOM   752  C  CD  . PRO A 1 100 ? -13.971 8.956   -2.114  1.00 31.57 ? 100 PRO A CD  1 
ATOM   753  N  N   . ARG A 1 101 ? -15.619 5.912   -0.539  1.00 31.75 ? 101 ARG A N   1 
ATOM   754  C  CA  . ARG A 1 101 ? -16.359 5.006   0.314   1.00 32.23 ? 101 ARG A CA  1 
ATOM   755  C  C   . ARG A 1 101 ? -16.769 3.717   -0.362  1.00 30.03 ? 101 ARG A C   1 
ATOM   756  O  O   . ARG A 1 101 ? -17.189 2.817   0.341   1.00 30.48 ? 101 ARG A O   1 
ATOM   757  C  CB  . ARG A 1 101 ? -17.619 5.696   0.866   1.00 33.64 ? 101 ARG A CB  1 
ATOM   758  C  CG  . ARG A 1 101 ? -17.730 5.619   2.344   1.00 39.55 ? 101 ARG A CG  1 
ATOM   759  C  CD  . ARG A 1 101 ? -17.034 6.743   3.100   1.00 42.98 ? 101 ARG A CD  1 
ATOM   760  N  NE  . ARG A 1 101 ? -17.553 6.835   4.486   1.00 47.87 ? 101 ARG A NE  1 
ATOM   761  C  CZ  . ARG A 1 101 ? -17.138 7.725   5.390   1.00 51.45 ? 101 ARG A CZ  1 
ATOM   762  N  NH1 . ARG A 1 101 ? -16.191 8.619   5.088   1.00 53.86 ? 101 ARG A NH1 1 
ATOM   763  N  NH2 . ARG A 1 101 ? -17.651 7.718   6.613   1.00 53.43 ? 101 ARG A NH2 1 
ATOM   764  N  N   . VAL A 1 102 ? -16.691 3.648   -1.682  1.00 28.03 ? 102 VAL A N   1 
ATOM   765  C  CA  . VAL A 1 102 ? -16.956 2.407   -2.440  1.00 28.99 ? 102 VAL A CA  1 
ATOM   766  C  C   . VAL A 1 102 ? -15.919 1.287   -2.184  1.00 26.14 ? 102 VAL A C   1 
ATOM   767  O  O   . VAL A 1 102 ? -16.224 0.114   -2.384  1.00 26.45 ? 102 VAL A O   1 
ATOM   768  C  CB  . VAL A 1 102 ? -17.056 2.593   -3.921  1.00 28.32 ? 102 VAL A CB  1 
ATOM   769  C  CG1 . VAL A 1 102 ? -18.206 3.587   -4.281  1.00 32.03 ? 102 VAL A CG1 1 
ATOM   770  C  CG2 . VAL A 1 102 ? -15.672 2.982   -4.599  1.00 29.82 ? 102 VAL A CG2 1 
ATOM   771  N  N   . LEU A 1 103 ? -14.734 1.671   -1.720  1.00 24.15 ? 103 LEU A N   1 
ATOM   772  C  CA  . LEU A 1 103 ? -13.631 0.710   -1.491  1.00 21.15 ? 103 LEU A CA  1 
ATOM   773  C  C   . LEU A 1 103 ? -13.839 -0.070  -0.229  1.00 21.20 ? 103 LEU A C   1 
ATOM   774  O  O   . LEU A 1 103 ? -14.277 0.487   0.803   1.00 22.30 ? 103 LEU A O   1 
ATOM   775  C  CB  . LEU A 1 103 ? -12.337 1.480   -1.330  1.00 20.28 ? 103 LEU A CB  1 
ATOM   776  C  CG  . LEU A 1 103 ? -11.933 2.418   -2.455  1.00 18.28 ? 103 LEU A CG  1 
ATOM   777  C  CD1 . LEU A 1 103 ? -10.758 3.309   -2.154  1.00 17.16 ? 103 LEU A CD1 1 
ATOM   778  C  CD2 . LEU A 1 103 ? -11.718 1.493   -3.703  1.00 17.76 ? 103 LEU A CD2 1 
ATOM   779  N  N   . ASP A 1 104 ? -13.521 -1.366  -0.251  1.00 19.09 ? 104 ASP A N   1 
ATOM   780  C  CA  . ASP A 1 104 ? -13.462 -2.128  0.954   1.00 19.11 ? 104 ASP A CA  1 
ATOM   781  C  C   . ASP A 1 104 ? -12.051 -2.603  1.351   1.00 17.60 ? 104 ASP A C   1 
ATOM   782  O  O   . ASP A 1 104 ? -11.868 -3.166  2.435   1.00 17.53 ? 104 ASP A O   1 
ATOM   783  C  CB  . ASP A 1 104 ? -14.460 -3.311  0.975   1.00 20.09 ? 104 ASP A CB  1 
ATOM   784  C  CG  . ASP A 1 104 ? -14.312 -4.239  -0.163  1.00 23.84 ? 104 ASP A CG  1 
ATOM   785  O  OD1 . ASP A 1 104 ? -13.288 -4.154  -0.908  1.00 20.45 ? 104 ASP A OD1 1 
ATOM   786  O  OD2 . ASP A 1 104 ? -15.170 -5.178  -0.350  1.00 24.11 ? 104 ASP A OD2 1 
ATOM   787  N  N   . LEU A 1 105 ? -11.068 -2.254  0.509   1.00 16.66 ? 105 LEU A N   1 
ATOM   788  C  CA  . LEU A 1 105 ? -9.658  -2.554  0.816   1.00 15.42 ? 105 LEU A CA  1 
ATOM   789  C  C   . LEU A 1 105 ? -8.779  -1.517  0.129   1.00 14.07 ? 105 LEU A C   1 
ATOM   790  O  O   . LEU A 1 105 ? -8.927  -1.258  -1.072  1.00 15.06 ? 105 LEU A O   1 
ATOM   791  C  CB  . LEU A 1 105 ? -9.235  -3.969  0.370   1.00 13.92 ? 105 LEU A CB  1 
ATOM   792  C  CG  . LEU A 1 105 ? -7.739  -4.316  0.654   1.00 16.60 ? 105 LEU A CG  1 
ATOM   793  C  CD1 . LEU A 1 105 ? -7.418  -4.275  2.152   1.00 14.06 ? 105 LEU A CD1 1 
ATOM   794  C  CD2 . LEU A 1 105 ? -7.313  -5.613  0.084   1.00 17.09 ? 105 LEU A CD2 1 
ATOM   795  N  N   . VAL A 1 106 ? -7.865  -0.973  0.896   1.00 15.81 ? 106 VAL A N   1 
ATOM   796  C  CA  . VAL A 1 106 ? -6.829  -0.093  0.374   1.00 14.67 ? 106 VAL A CA  1 
ATOM   797  C  C   . VAL A 1 106 ? -5.477  -0.793  0.544   1.00 14.94 ? 106 VAL A C   1 
ATOM   798  O  O   . VAL A 1 106 ? -5.109  -1.139  1.657   1.00 13.97 ? 106 VAL A O   1 
ATOM   799  C  CB  . VAL A 1 106 ? -6.816  1.282   1.045   1.00 16.23 ? 106 VAL A CB  1 
ATOM   800  C  CG1 . VAL A 1 106 ? -5.676  2.097   0.448   1.00 17.48 ? 106 VAL A CG1 1 
ATOM   801  C  CG2 . VAL A 1 106 ? -8.101  2.018   0.773   1.00 17.43 ? 106 VAL A CG2 1 
ATOM   802  N  N   . VAL A 1 107 ? -4.771  -1.047  -0.573  1.00 13.16 ? 107 VAL A N   1 
ATOM   803  C  CA  . VAL A 1 107 ? -3.399  -1.616  -0.512  1.00 13.41 ? 107 VAL A CA  1 
ATOM   804  C  C   . VAL A 1 107 ? -2.380  -0.473  -0.639  1.00 13.52 ? 107 VAL A C   1 
ATOM   805  O  O   . VAL A 1 107 ? -2.414  0.259   -1.607  1.00 15.44 ? 107 VAL A O   1 
ATOM   806  C  CB  . VAL A 1 107 ? -3.185  -2.636  -1.616  1.00 14.02 ? 107 VAL A CB  1 
ATOM   807  C  CG1 . VAL A 1 107 ? -1.741  -3.203  -1.582  1.00 14.91 ? 107 VAL A CG1 1 
ATOM   808  C  CG2 . VAL A 1 107 ? -4.236  -3.713  -1.550  1.00 15.63 ? 107 VAL A CG2 1 
ATOM   809  N  N   . VAL A 1 108 ? -1.573  -0.316  0.385   1.00 12.49 ? 108 VAL A N   1 
ATOM   810  C  CA  . VAL A 1 108 ? -0.667  0.849   0.558   1.00 13.93 ? 108 VAL A CA  1 
ATOM   811  C  C   . VAL A 1 108 ? 0.799   0.413   0.364   1.00 14.43 ? 108 VAL A C   1 
ATOM   812  O  O   . VAL A 1 108 ? 1.297   -0.400  1.101   1.00 14.11 ? 108 VAL A O   1 
ATOM   813  C  CB  . VAL A 1 108 ? -0.824  1.411   1.945   1.00 14.38 ? 108 VAL A CB  1 
ATOM   814  C  CG1 . VAL A 1 108 ? -0.039  2.701   2.052   1.00 14.68 ? 108 VAL A CG1 1 
ATOM   815  C  CG2 . VAL A 1 108 ? -2.336  1.757   2.261   1.00 15.53 ? 108 VAL A CG2 1 
ATOM   816  N  N   . PRO A 1 109 ? 1.500   1.005   -0.621  1.00 15.12 ? 109 PRO A N   1 
ATOM   817  C  CA  . PRO A 1 109 ? 2.932   0.719   -0.822  1.00 15.95 ? 109 PRO A CA  1 
ATOM   818  C  C   . PRO A 1 109 ? 3.710   1.552   0.199   1.00 18.00 ? 109 PRO A C   1 
ATOM   819  O  O   . PRO A 1 109 ? 3.173   2.466   0.791   1.00 18.95 ? 109 PRO A O   1 
ATOM   820  C  CB  . PRO A 1 109 ? 3.191   1.254   -2.240  1.00 16.52 ? 109 PRO A CB  1 
ATOM   821  C  CG  . PRO A 1 109 ? 2.251   2.373   -2.352  1.00 17.13 ? 109 PRO A CG  1 
ATOM   822  C  CD  . PRO A 1 109 ? 0.988   2.036   -1.544  1.00 16.03 ? 109 PRO A CD  1 
ATOM   823  N  N   . GLY A 1 110 ? 4.968   1.262   0.342   1.00 19.72 ? 110 GLY A N   1 
ATOM   824  C  CA  . GLY A 1 110 ? 5.805   2.065   1.178   1.00 19.97 ? 110 GLY A CA  1 
ATOM   825  C  C   . GLY A 1 110 ? 7.271   1.673   0.981   1.00 18.56 ? 110 GLY A C   1 
ATOM   826  O  O   . GLY A 1 110 ? 7.620   0.541   0.636   1.00 21.31 ? 110 GLY A O   1 
ATOM   827  N  N   . LEU A 1 111 ? 8.118   2.658   1.313   1.00 20.07 ? 111 LEU A N   1 
ATOM   828  C  CA  . LEU A 1 111 ? 9.555   2.394   1.373   1.00 19.77 ? 111 LEU A CA  1 
ATOM   829  C  C   . LEU A 1 111 ? 9.894   1.428   2.504   1.00 18.41 ? 111 LEU A C   1 
ATOM   830  O  O   . LEU A 1 111 ? 10.720  0.577   2.360   1.00 17.43 ? 111 LEU A O   1 
ATOM   831  C  CB  . LEU A 1 111 ? 10.323  3.728   1.502   1.00 21.71 ? 111 LEU A CB  1 
ATOM   832  C  CG  . LEU A 1 111 ? 10.873  4.493   0.302   1.00 27.69 ? 111 LEU A CG  1 
ATOM   833  C  CD1 . LEU A 1 111 ? 11.613  5.693   0.818   1.00 31.98 ? 111 LEU A CD1 1 
ATOM   834  C  CD2 . LEU A 1 111 ? 11.884  3.596   -0.504  1.00 30.44 ? 111 LEU A CD2 1 
ATOM   835  N  N   . ALA A 1 112 ? 9.209   1.580   3.617   1.00 16.94 ? 112 ALA A N   1 
ATOM   836  C  CA  . ALA A 1 112 ? 9.300   0.724   4.799   1.00 17.44 ? 112 ALA A CA  1 
ATOM   837  C  C   . ALA A 1 112 ? 8.031   0.934   5.604   1.00 15.74 ? 112 ALA A C   1 
ATOM   838  O  O   . ALA A 1 112 ? 7.321   1.921   5.462   1.00 17.12 ? 112 ALA A O   1 
ATOM   839  C  CB  . ALA A 1 112 ? 10.505  1.072   5.692   1.00 18.39 ? 112 ALA A CB  1 
ATOM   840  N  N   . PHE A 1 113 ? 7.772   0.015   6.501   1.00 16.64 ? 113 PHE A N   1 
ATOM   841  C  CA  . PHE A 1 113 ? 6.688   0.126   7.502   1.00 16.38 ? 113 PHE A CA  1 
ATOM   842  C  C   . PHE A 1 113 ? 7.284   -0.355  8.831   1.00 17.11 ? 113 PHE A C   1 
ATOM   843  O  O   . PHE A 1 113 ? 8.249   -1.105  8.857   1.00 17.84 ? 113 PHE A O   1 
ATOM   844  C  CB  . PHE A 1 113 ? 5.521   -0.795  7.181   1.00 15.47 ? 113 PHE A CB  1 
ATOM   845  C  CG  . PHE A 1 113 ? 4.641   -0.322  6.055   1.00 16.70 ? 113 PHE A CG  1 
ATOM   846  C  CD1 . PHE A 1 113 ? 3.450   0.357   6.311   1.00 13.79 ? 113 PHE A CD1 1 
ATOM   847  C  CD2 . PHE A 1 113 ? 4.973   -0.605  4.719   1.00 16.76 ? 113 PHE A CD2 1 
ATOM   848  C  CE1 . PHE A 1 113 ? 2.662   0.786   5.307   1.00 17.60 ? 113 PHE A CE1 1 
ATOM   849  C  CE2 . PHE A 1 113 ? 4.162   -0.200  3.718   1.00 16.10 ? 113 PHE A CE2 1 
ATOM   850  C  CZ  . PHE A 1 113 ? 3.016   0.512   3.979   1.00 17.53 ? 113 PHE A CZ  1 
ATOM   851  N  N   . ASP A 1 114 ? 6.712   0.092   9.932   1.00 14.87 ? 114 ASP A N   1 
ATOM   852  C  CA  . ASP A 1 114 ? 6.945   -0.551  11.195  1.00 17.02 ? 114 ASP A CA  1 
ATOM   853  C  C   . ASP A 1 114 ? 5.782   -1.476  11.544  1.00 18.13 ? 114 ASP A C   1 
ATOM   854  O  O   . ASP A 1 114 ? 4.760   -1.502  10.853  1.00 18.08 ? 114 ASP A O   1 
ATOM   855  C  CB  . ASP A 1 114 ? 7.314   0.448   12.322  1.00 16.66 ? 114 ASP A CB  1 
ATOM   856  C  CG  . ASP A 1 114 ? 6.172   1.374   12.693  1.00 17.03 ? 114 ASP A CG  1 
ATOM   857  O  OD1 . ASP A 1 114 ? 4.963   1.017   12.521  1.00 17.88 ? 114 ASP A OD1 1 
ATOM   858  O  OD2 . ASP A 1 114 ? 6.402   2.493   13.265  1.00 19.47 ? 114 ASP A OD2 1 
ATOM   859  N  N   . ARG A 1 115 ? 5.951   -2.299  12.594  1.00 16.75 ? 115 ARG A N   1 
ATOM   860  C  CA  . ARG A 1 115 ? 4.920   -3.291  12.883  1.00 18.39 ? 115 ARG A CA  1 
ATOM   861  C  C   . ARG A 1 115 ? 3.631   -2.690  13.461  1.00 19.52 ? 115 ARG A C   1 
ATOM   862  O  O   . ARG A 1 115 ? 2.609   -3.405  13.649  1.00 19.22 ? 115 ARG A O   1 
ATOM   863  C  CB  . ARG A 1 115 ? 5.473   -4.360  13.813  1.00 19.17 ? 115 ARG A CB  1 
ATOM   864  C  CG  . ARG A 1 115 ? 6.530   -5.128  13.170  1.00 25.22 ? 115 ARG A CG  1 
ATOM   865  C  CD  . ARG A 1 115 ? 7.280   -6.187  13.989  1.00 30.66 ? 115 ARG A CD  1 
ATOM   866  N  NE  . ARG A 1 115 ? 8.321   -6.786  13.138  1.00 35.69 ? 115 ARG A NE  1 
ATOM   867  C  CZ  . ARG A 1 115 ? 9.526   -6.236  12.834  1.00 37.63 ? 115 ARG A CZ  1 
ATOM   868  N  NH1 . ARG A 1 115 ? 9.902   -5.050  13.318  1.00 35.98 ? 115 ARG A NH1 1 
ATOM   869  N  NH2 . ARG A 1 115 ? 10.382  -6.894  12.031  1.00 40.12 ? 115 ARG A NH2 1 
ATOM   870  N  N   . GLU A 1 116 ? 3.689   -1.391  13.803  1.00 19.09 ? 116 GLU A N   1 
ATOM   871  C  CA  . GLU A 1 116 ? 2.514   -0.606  14.175  1.00 19.05 ? 116 GLU A CA  1 
ATOM   872  C  C   . GLU A 1 116 ? 1.741   -0.027  12.979  1.00 17.61 ? 116 GLU A C   1 
ATOM   873  O  O   . GLU A 1 116 ? 0.759   0.709   13.119  1.00 20.84 ? 116 GLU A O   1 
ATOM   874  C  CB  . GLU A 1 116 ? 2.967   0.517   15.103  1.00 20.08 ? 116 GLU A CB  1 
ATOM   875  C  CG  . GLU A 1 116 ? 3.430   -0.037  16.451  1.00 19.44 ? 116 GLU A CG  1 
ATOM   876  C  CD  . GLU A 1 116 ? 4.779   -0.673  16.475  1.00 24.38 ? 116 GLU A CD  1 
ATOM   877  O  OE1 . GLU A 1 116 ? 5.717   -0.099  15.899  1.00 24.03 ? 116 GLU A OE1 1 
ATOM   878  O  OE2 . GLU A 1 116 ? 4.857   -1.809  17.019  1.00 29.17 ? 116 GLU A OE2 1 
ATOM   879  N  N   . GLY A 1 117 ? 2.231   -0.285  11.787  1.00 17.27 ? 117 GLY A N   1 
ATOM   880  C  CA  . GLY A 1 117 ? 1.494   0.101   10.603  1.00 17.17 ? 117 GLY A CA  1 
ATOM   881  C  C   . GLY A 1 117 ? 1.840   1.448   10.049  1.00 16.03 ? 117 GLY A C   1 
ATOM   882  O  O   . GLY A 1 117 ? 1.238   1.884   9.076   1.00 16.22 ? 117 GLY A O   1 
ATOM   883  N  N   . TYR A 1 118 ? 2.775   2.129   10.687  1.00 16.43 ? 118 TYR A N   1 
ATOM   884  C  CA  . TYR A 1 118 ? 3.277   3.401   10.162  1.00 15.91 ? 118 TYR A CA  1 
ATOM   885  C  C   . TYR A 1 118 ? 4.219   3.193   8.993   1.00 17.18 ? 118 TYR A C   1 
ATOM   886  O  O   . TYR A 1 118 ? 4.879   2.161   8.887   1.00 16.11 ? 118 TYR A O   1 
ATOM   887  C  CB  . TYR A 1 118 ? 3.928   4.248   11.265  1.00 15.66 ? 118 TYR A CB  1 
ATOM   888  C  CG  . TYR A 1 118 ? 2.907   4.706   12.261  1.00 16.77 ? 118 TYR A CG  1 
ATOM   889  C  CD1 . TYR A 1 118 ? 2.177   5.807   12.005  1.00 18.51 ? 118 TYR A CD1 1 
ATOM   890  C  CD2 . TYR A 1 118 ? 2.563   3.917   13.327  1.00 20.29 ? 118 TYR A CD2 1 
ATOM   891  C  CE1 . TYR A 1 118 ? 1.149   6.223   12.874  1.00 20.05 ? 118 TYR A CE1 1 
ATOM   892  C  CE2 . TYR A 1 118 ? 1.549   4.302   14.211  1.00 20.11 ? 118 TYR A CE2 1 
ATOM   893  C  CZ  . TYR A 1 118 ? 0.861   5.472   13.975  1.00 20.61 ? 118 TYR A CZ  1 
ATOM   894  O  OH  . TYR A 1 118 ? -0.219  5.875   14.800  1.00 25.21 ? 118 TYR A OH  1 
ATOM   895  N  N   . ARG A 1 119 ? 4.194   4.123   8.049   1.00 19.78 ? 119 ARG A N   1 
ATOM   896  C  CA  . ARG A 1 119 ? 4.963   3.985   6.837   1.00 21.35 ? 119 ARG A CA  1 
ATOM   897  C  C   . ARG A 1 119 ? 5.935   5.163   6.622   1.00 20.77 ? 119 ARG A C   1 
ATOM   898  O  O   . ARG A 1 119 ? 5.683   6.308   7.037   1.00 21.48 ? 119 ARG A O   1 
ATOM   899  C  CB  . ARG A 1 119 ? 4.073   3.749   5.627   1.00 23.52 ? 119 ARG A CB  1 
ATOM   900  C  CG  . ARG A 1 119 ? 3.599   4.925   4.851   1.00 25.76 ? 119 ARG A CG  1 
ATOM   901  C  CD  . ARG A 1 119 ? 2.551   4.614   3.731   1.00 23.23 ? 119 ARG A CD  1 
ATOM   902  N  NE  . ARG A 1 119 ? 3.045   4.743   2.357   1.00 22.24 ? 119 ARG A NE  1 
ATOM   903  C  CZ  . ARG A 1 119 ? 3.162   5.863   1.688   1.00 22.31 ? 119 ARG A CZ  1 
ATOM   904  N  NH1 . ARG A 1 119 ? 2.897   7.059   2.251   1.00 19.25 ? 119 ARG A NH1 1 
ATOM   905  N  NH2 . ARG A 1 119 ? 3.646   5.830   0.435   1.00 25.16 ? 119 ARG A NH2 1 
ATOM   906  N  N   . LEU A 1 120 ? 6.972   4.808   5.950   1.00 20.99 ? 120 LEU A N   1 
ATOM   907  C  CA  . LEU A 1 120 ? 7.950   5.725   5.351   1.00 21.11 ? 120 LEU A CA  1 
ATOM   908  C  C   . LEU A 1 120 ? 7.523   5.915   3.922   1.00 20.28 ? 120 LEU A C   1 
ATOM   909  O  O   . LEU A 1 120 ? 7.658   4.980   3.110   1.00 20.70 ? 120 LEU A O   1 
ATOM   910  C  CB  . LEU A 1 120 ? 9.320   5.040   5.388   1.00 24.54 ? 120 LEU A CB  1 
ATOM   911  C  CG  . LEU A 1 120 ? 10.549  5.833   5.623   1.00 28.15 ? 120 LEU A CG  1 
ATOM   912  C  CD1 . LEU A 1 120 ? 10.408  6.823   6.808   1.00 26.59 ? 120 LEU A CD1 1 
ATOM   913  C  CD2 . LEU A 1 120 ? 11.649  4.841   5.884   1.00 27.61 ? 120 LEU A CD2 1 
ATOM   914  N  N   . GLY A 1 121 ? 6.937   7.076   3.623   1.00 23.17 ? 121 GLY A N   1 
ATOM   915  C  CA  . GLY A 1 121 ? 6.331   7.358   2.332   1.00 23.75 ? 121 GLY A CA  1 
ATOM   916  C  C   . GLY A 1 121 ? 7.201   8.271   1.515   1.00 26.26 ? 121 GLY A C   1 
ATOM   917  O  O   . GLY A 1 121 ? 8.397   8.359   1.807   1.00 27.92 ? 121 GLY A O   1 
ATOM   918  N  N   . HIS A 1 122 ? 6.558   8.887   0.506   1.00 27.92 ? 122 HIS A N   1 
ATOM   919  C  CA  . HIS A 1 122 ? 7.183   9.808   -0.469  1.00 29.98 ? 122 HIS A CA  1 
ATOM   920  C  C   . HIS A 1 122 ? 7.165   11.254  -0.006  1.00 29.41 ? 122 HIS A C   1 
ATOM   921  O  O   . HIS A 1 122 ? 7.630   12.135  -0.735  1.00 31.36 ? 122 HIS A O   1 
ATOM   922  C  CB  . HIS A 1 122 ? 6.530   9.655   -1.842  1.00 30.19 ? 122 HIS A CB  1 
ATOM   923  C  CG  . HIS A 1 122 ? 6.817   8.331   -2.464  1.00 34.92 ? 122 HIS A CG  1 
ATOM   924  N  ND1 . HIS A 1 122 ? 8.108   7.906   -2.727  1.00 40.26 ? 122 HIS A ND1 1 
ATOM   925  C  CD2 . HIS A 1 122 ? 6.001   7.302   -2.789  1.00 35.98 ? 122 HIS A CD2 1 
ATOM   926  C  CE1 . HIS A 1 122 ? 8.071   6.671   -3.206  1.00 38.43 ? 122 HIS A CE1 1 
ATOM   927  N  NE2 . HIS A 1 122 ? 6.804   6.288   -3.272  1.00 38.87 ? 122 HIS A NE2 1 
ATOM   928  N  N   . GLY A 1 123 ? 6.688   11.486  1.221   1.00 29.12 ? 123 GLY A N   1 
ATOM   929  C  CA  . GLY A 1 123 ? 6.812   12.764  1.898   1.00 28.11 ? 123 GLY A CA  1 
ATOM   930  C  C   . GLY A 1 123 ? 5.798   13.823  1.482   1.00 27.21 ? 123 GLY A C   1 
ATOM   931  O  O   . GLY A 1 123 ? 5.991   15.023  1.753   1.00 28.16 ? 123 GLY A O   1 
ATOM   932  N  N   . GLN A 1 124 ? 4.770   13.416  0.750   1.00 27.98 ? 124 GLN A N   1 
ATOM   933  C  CA  . GLN A 1 124 ? 3.797   14.374  0.180   1.00 26.81 ? 124 GLN A CA  1 
ATOM   934  C  C   . GLN A 1 124 ? 2.478   14.422  0.966   1.00 25.20 ? 124 GLN A C   1 
ATOM   935  O  O   . GLN A 1 124 ? 1.620   15.271  0.718   1.00 25.90 ? 124 GLN A O   1 
ATOM   936  C  CB  . GLN A 1 124 ? 3.508   14.015  -1.284  1.00 28.27 ? 124 GLN A CB  1 
ATOM   937  C  CG  . GLN A 1 124 ? 4.705   13.796  -2.124  1.00 32.06 ? 124 GLN A CG  1 
ATOM   938  C  CD  . GLN A 1 124 ? 5.521   15.043  -2.252  1.00 34.81 ? 124 GLN A CD  1 
ATOM   939  O  OE1 . GLN A 1 124 ? 4.954   16.114  -2.489  1.00 34.34 ? 124 GLN A OE1 1 
ATOM   940  N  NE2 . GLN A 1 124 ? 6.850   14.935  -2.046  1.00 36.83 ? 124 GLN A NE2 1 
ATOM   941  N  N   . GLY A 1 125 ? 2.283   13.505  1.909   1.00 23.10 ? 125 GLY A N   1 
ATOM   942  C  CA  . GLY A 1 125 ? 1.073   13.460  2.700   1.00 24.35 ? 125 GLY A CA  1 
ATOM   943  C  C   . GLY A 1 125 ? -0.170  12.875  2.067   1.00 23.89 ? 125 GLY A C   1 
ATOM   944  O  O   . GLY A 1 125 ? -1.217  12.955  2.633   1.00 23.40 ? 125 GLY A O   1 
ATOM   945  N  N   . PHE A 1 126 ? -0.054  12.315  0.871   1.00 23.07 ? 126 PHE A N   1 
ATOM   946  C  CA  . PHE A 1 126 ? -1.207  11.818  0.145   1.00 23.59 ? 126 PHE A CA  1 
ATOM   947  C  C   . PHE A 1 126 ? -1.917  10.699  0.867   1.00 21.83 ? 126 PHE A C   1 
ATOM   948  O  O   . PHE A 1 126 ? -3.126  10.741  1.049   1.00 20.67 ? 126 PHE A O   1 
ATOM   949  C  CB  . PHE A 1 126 ? -0.802  11.364  -1.245  1.00 25.13 ? 126 PHE A CB  1 
ATOM   950  C  CG  . PHE A 1 126 ? -0.383  12.513  -2.156  1.00 30.97 ? 126 PHE A CG  1 
ATOM   951  C  CD1 . PHE A 1 126 ? -1.254  13.578  -2.407  1.00 35.40 ? 126 PHE A CD1 1 
ATOM   952  C  CD2 . PHE A 1 126 ? 0.857   12.501  -2.794  1.00 35.34 ? 126 PHE A CD2 1 
ATOM   953  C  CE1 . PHE A 1 126 ? -0.889  14.611  -3.263  1.00 37.50 ? 126 PHE A CE1 1 
ATOM   954  C  CE2 . PHE A 1 126 ? 1.232   13.533  -3.665  1.00 38.96 ? 126 PHE A CE2 1 
ATOM   955  C  CZ  . PHE A 1 126 ? 0.365   14.593  -3.887  1.00 38.02 ? 126 PHE A CZ  1 
ATOM   956  N  N   . TYR A 1 127 ? -1.176  9.683   1.273   1.00 20.24 ? 127 TYR A N   1 
ATOM   957  C  CA  . TYR A 1 127 ? -1.807  8.566   2.044   1.00 19.50 ? 127 TYR A CA  1 
ATOM   958  C  C   . TYR A 1 127 ? -2.269  9.020   3.414   1.00 21.28 ? 127 TYR A C   1 
ATOM   959  O  O   . TYR A 1 127 ? -3.335  8.582   3.883   1.00 21.73 ? 127 TYR A O   1 
ATOM   960  C  CB  . TYR A 1 127 ? -0.926  7.313   2.119   1.00 20.39 ? 127 TYR A CB  1 
ATOM   961  C  CG  . TYR A 1 127 ? -1.011  6.505   0.832   1.00 19.31 ? 127 TYR A CG  1 
ATOM   962  C  CD1 . TYR A 1 127 ? -2.088  5.689   0.569   1.00 20.08 ? 127 TYR A CD1 1 
ATOM   963  C  CD2 . TYR A 1 127 ? -0.030  6.598   -0.153  1.00 18.94 ? 127 TYR A CD2 1 
ATOM   964  C  CE1 . TYR A 1 127 ? -2.191  4.988   -0.598  1.00 17.93 ? 127 TYR A CE1 1 
ATOM   965  C  CE2 . TYR A 1 127 ? -0.132  5.878   -1.361  1.00 17.37 ? 127 TYR A CE2 1 
ATOM   966  C  CZ  . TYR A 1 127 ? -1.182  5.039   -1.550  1.00 17.44 ? 127 TYR A CZ  1 
ATOM   967  O  OH  . TYR A 1 127 ? -1.288  4.338   -2.760  1.00 18.50 ? 127 TYR A OH  1 
ATOM   968  N  N   . ASP A 1 128 ? -1.514  9.895   4.064   1.00 21.11 ? 128 ASP A N   1 
ATOM   969  C  CA  . ASP A 1 128 ? -2.002  10.441  5.323   1.00 23.41 ? 128 ASP A CA  1 
ATOM   970  C  C   . ASP A 1 128 ? -3.376  11.094  5.196   1.00 24.25 ? 128 ASP A C   1 
ATOM   971  O  O   . ASP A 1 128 ? -4.255  10.810  6.030   1.00 25.05 ? 128 ASP A O   1 
ATOM   972  C  CB  . ASP A 1 128 ? -1.041  11.475  5.910   1.00 23.45 ? 128 ASP A CB  1 
ATOM   973  C  CG  . ASP A 1 128 ? 0.242   10.903  6.357   1.00 25.20 ? 128 ASP A CG  1 
ATOM   974  O  OD1 . ASP A 1 128 ? 0.313   9.747   6.832   1.00 21.79 ? 128 ASP A OD1 1 
ATOM   975  O  OD2 . ASP A 1 128 ? 1.265   11.651  6.370   1.00 26.08 ? 128 ASP A OD2 1 
ATOM   976  N  N   . ARG A 1 129 ? -3.586  11.918  4.173   1.00 23.42 ? 129 ARG A N   1 
ATOM   977  C  CA  . ARG A 1 129 ? -4.872  12.581  3.959   1.00 24.51 ? 129 ARG A CA  1 
ATOM   978  C  C   . ARG A 1 129 ? -5.945  11.565  3.471   1.00 24.55 ? 129 ARG A C   1 
ATOM   979  O  O   . ARG A 1 129 ? -7.070  11.555  3.933   1.00 25.28 ? 129 ARG A O   1 
ATOM   980  C  CB  . ARG A 1 129 ? -4.720  13.744  2.982   1.00 24.37 ? 129 ARG A CB  1 
ATOM   981  C  CG  . ARG A 1 129 ? -4.467  15.050  3.706   1.00 31.67 ? 129 ARG A CG  1 
ATOM   982  C  CD  . ARG A 1 129 ? -3.808  16.172  2.947   1.00 34.77 ? 129 ARG A CD  1 
ATOM   983  N  NE  . ARG A 1 129 ? -3.077  15.873  1.708   1.00 37.53 ? 129 ARG A NE  1 
ATOM   984  C  CZ  . ARG A 1 129 ? -1.736  15.999  1.585   1.00 38.88 ? 129 ARG A CZ  1 
ATOM   985  N  NH1 . ARG A 1 129 ? -0.981  16.363  2.618   1.00 40.19 ? 129 ARG A NH1 1 
ATOM   986  N  NH2 . ARG A 1 129 ? -1.141  15.759  0.436   1.00 37.36 ? 129 ARG A NH2 1 
ATOM   987  N  N   . PHE A 1 130 ? -5.540  10.684  2.575   1.00 23.59 ? 130 PHE A N   1 
ATOM   988  C  CA  . PHE A 1 130 ? -6.477  9.747   1.953   1.00 22.09 ? 130 PHE A CA  1 
ATOM   989  C  C   . PHE A 1 130 ? -7.000  8.739   2.941   1.00 21.51 ? 130 PHE A C   1 
ATOM   990  O  O   . PHE A 1 130 ? -8.198  8.434   2.941   1.00 24.90 ? 130 PHE A O   1 
ATOM   991  C  CB  . PHE A 1 130 ? -5.828  9.047   0.756   1.00 20.95 ? 130 PHE A CB  1 
ATOM   992  C  CG  . PHE A 1 130 ? -6.792  8.165   0.035   1.00 18.59 ? 130 PHE A CG  1 
ATOM   993  C  CD1 . PHE A 1 130 ? -7.800  8.701   -0.718  1.00 24.01 ? 130 PHE A CD1 1 
ATOM   994  C  CD2 . PHE A 1 130 ? -6.757  6.788   0.199   1.00 21.69 ? 130 PHE A CD2 1 
ATOM   995  C  CE1 . PHE A 1 130 ? -8.698  7.912   -1.365  1.00 21.25 ? 130 PHE A CE1 1 
ATOM   996  C  CE2 . PHE A 1 130 ? -7.721  5.978   -0.426  1.00 21.37 ? 130 PHE A CE2 1 
ATOM   997  C  CZ  . PHE A 1 130 ? -8.661  6.521   -1.219  1.00 22.64 ? 130 PHE A CZ  1 
ATOM   998  N  N   . LEU A 1 131 ? -6.161  8.199   3.796   1.00 21.25 ? 131 LEU A N   1 
ATOM   999  C  CA  . LEU A 1 131 ? -6.577  7.126   4.709   1.00 22.74 ? 131 LEU A CA  1 
ATOM   1000 C  C   . LEU A 1 131 ? -7.556  7.614   5.776   1.00 24.65 ? 131 LEU A C   1 
ATOM   1001 O  O   . LEU A 1 131 ? -8.313  6.810   6.309   1.00 25.06 ? 131 LEU A O   1 
ATOM   1002 C  CB  . LEU A 1 131 ? -5.409  6.418   5.316   1.00 22.18 ? 131 LEU A CB  1 
ATOM   1003 C  CG  . LEU A 1 131 ? -4.545  5.631   4.297   1.00 22.04 ? 131 LEU A CG  1 
ATOM   1004 C  CD1 . LEU A 1 131 ? -3.388  5.047   5.005   1.00 25.09 ? 131 LEU A CD1 1 
ATOM   1005 C  CD2 . LEU A 1 131 ? -5.365  4.563   3.598   1.00 23.79 ? 131 LEU A CD2 1 
ATOM   1006 N  N   . LYS A 1 132 ? -7.623  8.929   5.999   1.00 26.56 ? 132 LYS A N   1 
ATOM   1007 C  CA  . LYS A 1 132 ? -8.678  9.476   6.861   1.00 28.81 ? 132 LYS A CA  1 
ATOM   1008 C  C   . LYS A 1 132 ? -10.063 9.521   6.181   1.00 29.40 ? 132 LYS A C   1 
ATOM   1009 O  O   . LYS A 1 132 ? -11.087 9.564   6.867   1.00 30.84 ? 132 LYS A O   1 
ATOM   1010 C  CB  . LYS A 1 132 ? -8.279  10.888  7.333   1.00 29.19 ? 132 LYS A CB  1 
ATOM   1011 C  CG  . LYS A 1 132 ? -7.101  10.929  8.258   1.00 33.73 ? 132 LYS A CG  1 
ATOM   1012 C  CD  . LYS A 1 132 ? -7.464  11.625  9.608   1.00 41.07 ? 132 LYS A CD  1 
ATOM   1013 C  CE  . LYS A 1 132 ? -6.483  11.255  10.740  1.00 43.35 ? 132 LYS A CE  1 
ATOM   1014 N  NZ  . LYS A 1 132 ? -5.189  12.039  10.744  1.00 40.42 ? 132 LYS A NZ  1 
ATOM   1015 N  N   . GLU A 1 133 ? -10.127 9.467   4.855   1.00 30.79 ? 133 GLU A N   1 
ATOM   1016 C  CA  . GLU A 1 133 ? -11.414 9.513   4.133   1.00 31.94 ? 133 GLU A CA  1 
ATOM   1017 C  C   . GLU A 1 133 ? -12.016 8.136   3.800   1.00 30.79 ? 133 GLU A C   1 
ATOM   1018 O  O   . GLU A 1 133 ? -13.149 8.070   3.282   1.00 31.08 ? 133 GLU A O   1 
ATOM   1019 C  CB  . GLU A 1 133 ? -11.326 10.341  2.839   1.00 33.70 ? 133 GLU A CB  1 
ATOM   1020 C  CG  . GLU A 1 133 ? -10.121 10.159  1.937   1.00 38.68 ? 133 GLU A CG  1 
ATOM   1021 C  CD  . GLU A 1 133 ? -10.085 11.168  0.780   1.00 40.14 ? 133 GLU A CD  1 
ATOM   1022 O  OE1 . GLU A 1 133 ? -10.938 11.075  -0.116  1.00 45.87 ? 133 GLU A OE1 1 
ATOM   1023 O  OE2 . GLU A 1 133 ? -9.237  12.060  0.784   1.00 43.64 ? 133 GLU A OE2 1 
ATOM   1024 N  N   . VAL A 1 134 ? -11.290 7.049   4.047   1.00 27.85 ? 134 VAL A N   1 
ATOM   1025 C  CA  . VAL A 1 134 ? -11.861 5.757   3.793   1.00 27.28 ? 134 VAL A CA  1 
ATOM   1026 C  C   . VAL A 1 134 ? -12.333 5.081   5.083   1.00 26.00 ? 134 VAL A C   1 
ATOM   1027 O  O   . VAL A 1 134 ? -11.800 5.330   6.128   1.00 27.58 ? 134 VAL A O   1 
ATOM   1028 C  CB  . VAL A 1 134 ? -10.859 4.770   3.127   1.00 27.06 ? 134 VAL A CB  1 
ATOM   1029 C  CG1 . VAL A 1 134 ? -10.343 5.325   1.856   1.00 30.45 ? 134 VAL A CG1 1 
ATOM   1030 C  CG2 . VAL A 1 134 ? -9.723  4.461   4.072   1.00 27.24 ? 134 VAL A CG2 1 
ATOM   1031 N  N   . ARG A 1 135 ? -13.327 4.225   4.933   1.00 25.65 ? 135 ARG A N   1 
ATOM   1032 C  CA  . ARG A 1 135 ? -13.734 3.286   5.972   1.00 26.94 ? 135 ARG A CA  1 
ATOM   1033 C  C   . ARG A 1 135 ? -13.554 1.889   5.383   1.00 27.54 ? 135 ARG A C   1 
ATOM   1034 O  O   . ARG A 1 135 ? -14.467 1.224   4.914   1.00 29.10 ? 135 ARG A O   1 
ATOM   1035 C  CB  . ARG A 1 135 ? -15.175 3.516   6.358   1.00 27.70 ? 135 ARG A CB  1 
ATOM   1036 C  CG  . ARG A 1 135 ? -15.430 4.951   6.812   1.00 33.39 ? 135 ARG A CG  1 
ATOM   1037 C  CD  . ARG A 1 135 ? -14.677 5.402   8.088   1.00 43.14 ? 135 ARG A CD  1 
ATOM   1038 N  NE  . ARG A 1 135 ? -14.603 4.403   9.169   1.00 49.46 ? 135 ARG A NE  1 
ATOM   1039 C  CZ  . ARG A 1 135 ? -13.702 4.423   10.172  1.00 53.87 ? 135 ARG A CZ  1 
ATOM   1040 N  NH1 . ARG A 1 135 ? -12.776 5.388   10.241  1.00 56.11 ? 135 ARG A NH1 1 
ATOM   1041 N  NH2 . ARG A 1 135 ? -13.711 3.456   11.103  1.00 52.63 ? 135 ARG A NH2 1 
ATOM   1042 N  N   . ALA A 1 136 ? -12.338 1.471   5.380   1.00 26.38 ? 136 ALA A N   1 
ATOM   1043 C  CA  . ALA A 1 136 ? -12.024 0.227   4.684   1.00 23.81 ? 136 ALA A CA  1 
ATOM   1044 C  C   . ALA A 1 136 ? -10.889 -0.348  5.391   1.00 22.69 ? 136 ALA A C   1 
ATOM   1045 O  O   . ALA A 1 136 ? -10.128 0.350   6.093   1.00 22.36 ? 136 ALA A O   1 
ATOM   1046 C  CB  . ALA A 1 136 ? -11.661 0.547   3.218   1.00 22.39 ? 136 ALA A CB  1 
ATOM   1047 N  N   . ALA A 1 137 ? -10.773 -1.653  5.260   1.00 19.35 ? 137 ALA A N   1 
ATOM   1048 C  CA  . ALA A 1 137 ? -9.614  -2.347  5.692   1.00 18.39 ? 137 ALA A CA  1 
ATOM   1049 C  C   . ALA A 1 137 ? -8.414  -1.756  4.940   1.00 16.50 ? 137 ALA A C   1 
ATOM   1050 O  O   . ALA A 1 137 ? -8.556  -1.361  3.786   1.00 17.73 ? 137 ALA A O   1 
ATOM   1051 C  CB  . ALA A 1 137 ? -9.735  -3.826  5.466   1.00 18.28 ? 137 ALA A CB  1 
ATOM   1052 N  N   . THR A 1 138 ? -7.254  -1.717  5.584   1.00 15.45 ? 138 THR A N   1 
ATOM   1053 C  CA  . THR A 1 138 ? -6.049  -1.298  4.860   1.00 14.61 ? 138 THR A CA  1 
ATOM   1054 C  C   . THR A 1 138 ? -4.960  -2.341  5.052   1.00 14.42 ? 138 THR A C   1 
ATOM   1055 O  O   . THR A 1 138 ? -4.922  -3.123  6.045   1.00 15.23 ? 138 THR A O   1 
ATOM   1056 C  CB  . THR A 1 138 ? -5.551  0.058   5.376   1.00 13.83 ? 138 THR A CB  1 
ATOM   1057 O  OG1 . THR A 1 138 ? -5.343  0.027   6.797   1.00 16.71 ? 138 THR A OG1 1 
ATOM   1058 C  CG2 . THR A 1 138 ? -6.603  1.139   5.129   1.00 17.63 ? 138 THR A CG2 1 
ATOM   1059 N  N   . VAL A 1 139 ? -4.016  -2.368  4.128   1.00 14.52 ? 139 VAL A N   1 
ATOM   1060 C  CA  . VAL A 1 139 ? -2.876  -3.270  4.291   1.00 14.55 ? 139 VAL A CA  1 
ATOM   1061 C  C   . VAL A 1 139 ? -1.666  -2.592  3.677   1.00 14.09 ? 139 VAL A C   1 
ATOM   1062 O  O   . VAL A 1 139 ? -1.732  -2.100  2.540   1.00 16.33 ? 139 VAL A O   1 
ATOM   1063 C  CB  . VAL A 1 139 ? -3.122  -4.695  3.664   1.00 13.99 ? 139 VAL A CB  1 
ATOM   1064 C  CG1 . VAL A 1 139 ? -3.412  -4.577  2.142   1.00 14.71 ? 139 VAL A CG1 1 
ATOM   1065 C  CG2 . VAL A 1 139 ? -1.963  -5.613  4.019   1.00 14.97 ? 139 VAL A CG2 1 
ATOM   1066 N  N   . GLY A 1 140 ? -0.589  -2.570  4.444   1.00 14.66 ? 140 GLY A N   1 
ATOM   1067 C  CA  . GLY A 1 140 ? 0.714   -2.141  3.967   1.00 13.97 ? 140 GLY A CA  1 
ATOM   1068 C  C   . GLY A 1 140 ? 1.503   -3.324  3.427   1.00 14.22 ? 140 GLY A C   1 
ATOM   1069 O  O   . GLY A 1 140 ? 1.572   -4.348  4.066   1.00 15.81 ? 140 GLY A O   1 
ATOM   1070 N  N   . VAL A 1 141 ? 2.068   -3.192  2.245   1.00 14.43 ? 141 VAL A N   1 
ATOM   1071 C  CA  . VAL A 1 141 ? 2.737   -4.316  1.541   1.00 14.48 ? 141 VAL A CA  1 
ATOM   1072 C  C   . VAL A 1 141 ? 4.207   -3.995  1.536   1.00 15.19 ? 141 VAL A C   1 
ATOM   1073 O  O   . VAL A 1 141 ? 4.608   -2.885  1.146   1.00 16.88 ? 141 VAL A O   1 
ATOM   1074 C  CB  . VAL A 1 141 ? 2.202   -4.574  0.116   1.00 14.58 ? 141 VAL A CB  1 
ATOM   1075 C  CG1 . VAL A 1 141 ? 0.800   -5.166  0.201   1.00 16.91 ? 141 VAL A CG1 1 
ATOM   1076 C  CG2 . VAL A 1 141 ? 2.198   -3.340  -0.760  1.00 16.29 ? 141 VAL A CG2 1 
ATOM   1077 N  N   . VAL A 1 142 ? 5.013   -4.939  2.015   1.00 15.61 ? 142 VAL A N   1 
ATOM   1078 C  CA  . VAL A 1 142 ? 6.448   -4.714  2.111   1.00 17.20 ? 142 VAL A CA  1 
ATOM   1079 C  C   . VAL A 1 142 ? 7.187   -6.049  2.262   1.00 15.71 ? 142 VAL A C   1 
ATOM   1080 O  O   . VAL A 1 142 ? 6.680   -6.954  2.897   1.00 14.32 ? 142 VAL A O   1 
ATOM   1081 C  CB  . VAL A 1 142 ? 6.708   -3.780  3.344   1.00 19.76 ? 142 VAL A CB  1 
ATOM   1082 C  CG1 . VAL A 1 142 ? 6.279   -4.374  4.591   1.00 20.36 ? 142 VAL A CG1 1 
ATOM   1083 C  CG2 . VAL A 1 142 ? 8.021   -3.344  3.415   1.00 25.80 ? 142 VAL A CG2 1 
ATOM   1084 N  N   . PRO A 1 143 ? 8.404   -6.156  1.718   1.00 16.08 ? 143 PRO A N   1 
ATOM   1085 C  CA  . PRO A 1 143 ? 9.261   -7.297  2.086   1.00 16.81 ? 143 PRO A CA  1 
ATOM   1086 C  C   . PRO A 1 143 ? 9.528   -7.283  3.559   1.00 16.74 ? 143 PRO A C   1 
ATOM   1087 O  O   . PRO A 1 143 ? 9.625   -6.173  4.157   1.00 16.06 ? 143 PRO A O   1 
ATOM   1088 C  CB  . PRO A 1 143 ? 10.602  -6.958  1.397   1.00 15.76 ? 143 PRO A CB  1 
ATOM   1089 C  CG  . PRO A 1 143 ? 10.198  -6.123  0.217   1.00 17.54 ? 143 PRO A CG  1 
ATOM   1090 C  CD  . PRO A 1 143 ? 9.084   -5.243  0.794   1.00 16.19 ? 143 PRO A CD  1 
ATOM   1091 N  N   . GLN A 1 144 ? 9.760   -8.448  4.124   1.00 16.79 ? 144 GLN A N   1 
ATOM   1092 C  CA  . GLN A 1 144 ? 10.135  -8.564  5.547   1.00 18.95 ? 144 GLN A CA  1 
ATOM   1093 C  C   . GLN A 1 144 ? 11.326  -7.708  5.916   1.00 19.18 ? 144 GLN A C   1 
ATOM   1094 O  O   . GLN A 1 144 ? 11.367  -7.165  7.009   1.00 19.34 ? 144 GLN A O   1 
ATOM   1095 C  CB  . GLN A 1 144 ? 10.409  -9.992  5.920   1.00 20.33 ? 144 GLN A CB  1 
ATOM   1096 C  CG  . GLN A 1 144 ? 9.177   -10.854 5.977   1.00 27.96 ? 144 GLN A CG  1 
ATOM   1097 C  CD  . GLN A 1 144 ? 9.475   -12.245 6.489   1.00 29.78 ? 144 GLN A CD  1 
ATOM   1098 O  OE1 . GLN A 1 144 ? 9.813   -12.428 7.652   1.00 40.37 ? 144 GLN A OE1 1 
ATOM   1099 N  NE2 . GLN A 1 144 ? 9.341   -13.209 5.649   1.00 24.27 ? 144 GLN A NE2 1 
ATOM   1100 N  N   . ALA A 1 145 ? 12.287  -7.567  5.007   1.00 20.18 ? 145 ALA A N   1 
ATOM   1101 C  CA  . ALA A 1 145 ? 13.513  -6.786  5.248   1.00 20.57 ? 145 ALA A CA  1 
ATOM   1102 C  C   . ALA A 1 145 ? 13.256  -5.295  5.396   1.00 20.85 ? 145 ALA A C   1 
ATOM   1103 O  O   . ALA A 1 145 ? 14.138  -4.558  5.880   1.00 22.94 ? 145 ALA A O   1 
ATOM   1104 C  CB  . ALA A 1 145 ? 14.511  -7.011  4.134   1.00 22.95 ? 145 ALA A CB  1 
ATOM   1105 N  N   . LEU A 1 146 ? 12.067  -4.851  5.023   1.00 18.73 ? 146 LEU A N   1 
ATOM   1106 C  CA  . LEU A 1 146 ? 11.703  -3.459  5.095   1.00 17.51 ? 146 LEU A CA  1 
ATOM   1107 C  C   . LEU A 1 146 ? 10.676  -3.218  6.171   1.00 17.59 ? 146 LEU A C   1 
ATOM   1108 O  O   . LEU A 1 146 ? 10.019  -2.189  6.157   1.00 17.60 ? 146 LEU A O   1 
ATOM   1109 C  CB  . LEU A 1 146 ? 11.249  -2.991  3.760   1.00 17.67 ? 146 LEU A CB  1 
ATOM   1110 C  CG  . LEU A 1 146 ? 12.281  -2.614  2.663   1.00 18.09 ? 146 LEU A CG  1 
ATOM   1111 C  CD1 . LEU A 1 146 ? 13.237  -1.581  3.266   1.00 20.89 ? 146 LEU A CD1 1 
ATOM   1112 C  CD2 . LEU A 1 146 ? 13.050  -3.775  2.065   1.00 22.95 ? 146 LEU A CD2 1 
ATOM   1113 N  N   . LEU A 1 147 ? 10.563  -4.156  7.078   1.00 17.59 ? 147 LEU A N   1 
ATOM   1114 C  CA  . LEU A 1 147 ? 9.854   -3.938  8.328   1.00 19.31 ? 147 LEU A CA  1 
ATOM   1115 C  C   . LEU A 1 147 ? 10.915  -3.396  9.308   1.00 20.48 ? 147 LEU A C   1 
ATOM   1116 O  O   . LEU A 1 147 ? 11.858  -4.115  9.725   1.00 22.18 ? 147 LEU A O   1 
ATOM   1117 C  CB  . LEU A 1 147 ? 9.166   -5.170  8.853   1.00 21.05 ? 147 LEU A CB  1 
ATOM   1118 C  CG  . LEU A 1 147 ? 7.796   -5.479  8.285   1.00 24.48 ? 147 LEU A CG  1 
ATOM   1119 C  CD1 . LEU A 1 147 ? 7.344   -6.813  8.806   1.00 26.97 ? 147 LEU A CD1 1 
ATOM   1120 C  CD2 . LEU A 1 147 ? 6.773   -4.408  8.560   1.00 26.43 ? 147 LEU A CD2 1 
ATOM   1121 N  N   . PHE A 1 148 ? 10.762  -2.119  9.656   1.00 20.62 ? 148 PHE A N   1 
ATOM   1122 C  CA  . PHE A 1 148 ? 11.745  -1.457  10.511  1.00 20.69 ? 148 PHE A CA  1 
ATOM   1123 C  C   . PHE A 1 148 ? 11.269  -1.329  11.934  1.00 21.61 ? 148 PHE A C   1 
ATOM   1124 O  O   . PHE A 1 148 ? 10.073  -1.319  12.203  1.00 19.54 ? 148 PHE A O   1 
ATOM   1125 C  CB  . PHE A 1 148 ? 12.005  -0.067  9.979   1.00 22.88 ? 148 PHE A CB  1 
ATOM   1126 C  CG  . PHE A 1 148 ? 12.976  -0.021  8.831   1.00 23.22 ? 148 PHE A CG  1 
ATOM   1127 C  CD1 . PHE A 1 148 ? 13.435  -1.178  8.222   1.00 25.37 ? 148 PHE A CD1 1 
ATOM   1128 C  CD2 . PHE A 1 148 ? 13.430  1.212   8.379   1.00 28.71 ? 148 PHE A CD2 1 
ATOM   1129 C  CE1 . PHE A 1 148 ? 14.352  -1.095  7.163   1.00 27.31 ? 148 PHE A CE1 1 
ATOM   1130 C  CE2 . PHE A 1 148 ? 14.330  1.282   7.350   1.00 31.05 ? 148 PHE A CE2 1 
ATOM   1131 C  CZ  . PHE A 1 148 ? 14.793  0.121   6.739   1.00 26.04 ? 148 PHE A CZ  1 
ATOM   1132 N  N   . PRO A 1 149 ? 12.183  -1.057  12.865  1.00 22.59 ? 149 PRO A N   1 
ATOM   1133 C  CA  . PRO A 1 149 ? 11.713  -0.720  14.196  1.00 22.47 ? 149 PRO A CA  1 
ATOM   1134 C  C   . PRO A 1 149 ? 10.908  0.594   14.097  1.00 20.86 ? 149 PRO A C   1 
ATOM   1135 O  O   . PRO A 1 149 ? 10.993  1.417   13.143  1.00 20.21 ? 149 PRO A O   1 
ATOM   1136 C  CB  . PRO A 1 149 ? 13.012  -0.550  15.021  1.00 23.51 ? 149 PRO A CB  1 
ATOM   1137 C  CG  . PRO A 1 149 ? 14.060  -1.213  14.205  1.00 24.07 ? 149 PRO A CG  1 
ATOM   1138 C  CD  . PRO A 1 149 ? 13.649  -0.957  12.744  1.00 23.68 ? 149 PRO A CD  1 
ATOM   1139 N  N   . ALA A 1 150 ? 10.126  0.818   15.135  1.00 22.43 ? 150 ALA A N   1 
ATOM   1140 C  CA  . ALA A 1 150 ? 9.201   1.932   15.261  1.00 20.95 ? 150 ALA A CA  1 
ATOM   1141 C  C   . ALA A 1 150 ? 9.732   3.170   14.605  1.00 21.56 ? 150 ALA A C   1 
ATOM   1142 O  O   . ALA A 1 150 ? 10.763  3.704   15.072  1.00 21.68 ? 150 ALA A O   1 
ATOM   1143 C  CB  . ALA A 1 150 ? 8.941   2.240   16.789  1.00 22.98 ? 150 ALA A CB  1 
ATOM   1144 N  N   . LEU A 1 151 ? 8.993   3.677   13.629  1.00 19.79 ? 151 LEU A N   1 
ATOM   1145 C  CA  . LEU A 1 151 ? 9.390   4.854   12.858  1.00 20.21 ? 151 LEU A CA  1 
ATOM   1146 C  C   . LEU A 1 151 ? 9.162   6.108   13.726  1.00 20.40 ? 151 LEU A C   1 
ATOM   1147 O  O   . LEU A 1 151 ? 8.300   6.092   14.651  1.00 18.82 ? 151 LEU A O   1 
ATOM   1148 C  CB  . LEU A 1 151 ? 8.578   4.980   11.573  1.00 20.90 ? 151 LEU A CB  1 
ATOM   1149 C  CG  . LEU A 1 151 ? 8.795   3.828   10.589  1.00 21.78 ? 151 LEU A CG  1 
ATOM   1150 C  CD1 . LEU A 1 151 ? 7.837   4.016   9.408   1.00 21.15 ? 151 LEU A CD1 1 
ATOM   1151 C  CD2 . LEU A 1 151 ? 10.201  3.700   10.166  1.00 21.32 ? 151 LEU A CD2 1 
ATOM   1152 N  N   . PRO A 1 152 ? 9.866   7.187   13.423  1.00 21.05 ? 152 PRO A N   1 
ATOM   1153 C  CA  . PRO A 1 152 ? 9.601   8.455   14.137  1.00 21.49 ? 152 PRO A CA  1 
ATOM   1154 C  C   . PRO A 1 152 ? 8.172   8.832   13.879  1.00 21.94 ? 152 PRO A C   1 
ATOM   1155 O  O   . PRO A 1 152 ? 7.698   8.706   12.753  1.00 19.78 ? 152 PRO A O   1 
ATOM   1156 C  CB  . PRO A 1 152 ? 10.540  9.433   13.465  1.00 21.51 ? 152 PRO A CB  1 
ATOM   1157 C  CG  . PRO A 1 152 ? 11.647  8.599   12.885  1.00 22.70 ? 152 PRO A CG  1 
ATOM   1158 C  CD  . PRO A 1 152 ? 10.939  7.339   12.436  1.00 21.80 ? 152 PRO A CD  1 
ATOM   1159 N  N   . ARG A 1 153 ? 7.487   9.219   14.929  1.00 22.59 ? 153 ARG A N   1 
ATOM   1160 C  CA  . ARG A 1 153 ? 6.056   9.446   14.890  1.00 24.60 ? 153 ARG A CA  1 
ATOM   1161 C  C   . ARG A 1 153 ? 5.662   10.931  14.904  1.00 23.41 ? 153 ARG A C   1 
ATOM   1162 O  O   . ARG A 1 153 ? 6.153   11.652  15.746  1.00 27.32 ? 153 ARG A O   1 
ATOM   1163 C  CB  . ARG A 1 153 ? 5.452   8.755   16.091  1.00 26.74 ? 153 ARG A CB  1 
ATOM   1164 C  CG  . ARG A 1 153 ? 3.932   8.630   16.048  1.00 31.82 ? 153 ARG A CG  1 
ATOM   1165 C  CD  . ARG A 1 153 ? 3.433   7.416   15.335  1.00 34.40 ? 153 ARG A CD  1 
ATOM   1166 N  NE  . ARG A 1 153 ? 3.860   6.144   15.947  1.00 35.92 ? 153 ARG A NE  1 
ATOM   1167 C  CZ  . ARG A 1 153 ? 3.177   5.452   16.873  1.00 40.79 ? 153 ARG A CZ  1 
ATOM   1168 N  NH1 . ARG A 1 153 ? 2.035   5.911   17.436  1.00 41.03 ? 153 ARG A NH1 1 
ATOM   1169 N  NH2 . ARG A 1 153 ? 3.677   4.302   17.292  1.00 40.93 ? 153 ARG A NH2 1 
ATOM   1170 N  N   . ASP A 1 154 ? 4.808   11.357  13.998  1.00 21.41 ? 154 ASP A N   1 
ATOM   1171 C  CA  . ASP A 1 154 ? 4.276   12.701  13.904  1.00 21.78 ? 154 ASP A CA  1 
ATOM   1172 C  C   . ASP A 1 154 ? 2.756   12.662  14.006  1.00 22.22 ? 154 ASP A C   1 
ATOM   1173 O  O   . ASP A 1 154 ? 2.144   11.677  13.574  1.00 21.50 ? 154 ASP A O   1 
ATOM   1174 C  CB  . ASP A 1 154 ? 4.611   13.291  12.541  1.00 19.99 ? 154 ASP A CB  1 
ATOM   1175 C  CG  . ASP A 1 154 ? 6.067   13.280  12.235  1.00 26.11 ? 154 ASP A CG  1 
ATOM   1176 O  OD1 . ASP A 1 154 ? 6.816   13.928  12.956  1.00 22.53 ? 154 ASP A OD1 1 
ATOM   1177 O  OD2 . ASP A 1 154 ? 6.553   12.722  11.242  1.00 33.29 ? 154 ASP A OD2 1 
ATOM   1178 N  N   . PRO A 1 155 ? 2.125   13.724  14.497  1.00 23.50 ? 155 PRO A N   1 
ATOM   1179 C  CA  . PRO A 1 155 ? 0.637   13.728  14.626  1.00 23.49 ? 155 PRO A CA  1 
ATOM   1180 C  C   . PRO A 1 155 ? -0.162  13.515  13.355  1.00 24.72 ? 155 PRO A C   1 
ATOM   1181 O  O   . PRO A 1 155 ? -1.310  13.024  13.473  1.00 22.21 ? 155 PRO A O   1 
ATOM   1182 C  CB  . PRO A 1 155 ? 0.295   15.086  15.225  1.00 24.15 ? 155 PRO A CB  1 
ATOM   1183 C  CG  . PRO A 1 155 ? 1.623   15.623  15.760  1.00 25.73 ? 155 PRO A CG  1 
ATOM   1184 C  CD  . PRO A 1 155 ? 2.735   14.913  15.109  1.00 24.40 ? 155 PRO A CD  1 
ATOM   1185 N  N   . TRP A 1 156 ? 0.396   13.866  12.211  1.00 23.69 ? 156 TRP A N   1 
ATOM   1186 C  CA  . TRP A 1 156 ? -0.289  13.733  10.939  1.00 23.42 ? 156 TRP A CA  1 
ATOM   1187 C  C   . TRP A 1 156 ? -0.123  12.345  10.272  1.00 22.15 ? 156 TRP A C   1 
ATOM   1188 O  O   . TRP A 1 156 ? -0.732  12.111  9.205   1.00 21.44 ? 156 TRP A O   1 
ATOM   1189 C  CB  . TRP A 1 156 ? 0.162   14.824  9.987   1.00 24.63 ? 156 TRP A CB  1 
ATOM   1190 C  CG  . TRP A 1 156 ? 1.628   14.867  9.758   1.00 23.77 ? 156 TRP A CG  1 
ATOM   1191 C  CD1 . TRP A 1 156 ? 2.325   14.186  8.800   1.00 23.63 ? 156 TRP A CD1 1 
ATOM   1192 C  CD2 . TRP A 1 156 ? 2.605   15.650  10.472  1.00 21.66 ? 156 TRP A CD2 1 
ATOM   1193 N  NE1 . TRP A 1 156 ? 3.653   14.482  8.877   1.00 23.18 ? 156 TRP A NE1 1 
ATOM   1194 C  CE2 . TRP A 1 156 ? 3.860   15.390  9.891   1.00 22.39 ? 156 TRP A CE2 1 
ATOM   1195 C  CE3 . TRP A 1 156 ? 2.544   16.528  11.567  1.00 22.30 ? 156 TRP A CE3 1 
ATOM   1196 C  CZ2 . TRP A 1 156 ? 5.057   15.986  10.352  1.00 22.04 ? 156 TRP A CZ2 1 
ATOM   1197 C  CZ3 . TRP A 1 156 ? 3.693   17.088  12.033  1.00 22.66 ? 156 TRP A CZ3 1 
ATOM   1198 C  CH2 . TRP A 1 156 ? 4.957   16.814  11.444  1.00 22.90 ? 156 TRP A CH2 1 
ATOM   1199 N  N   . ASP A 1 157 ? 0.662   11.457  10.884  1.00 21.26 ? 157 ASP A N   1 
ATOM   1200 C  CA  . ASP A 1 157 ? 0.901   10.156  10.298  1.00 20.90 ? 157 ASP A CA  1 
ATOM   1201 C  C   . ASP A 1 157 ? -0.313  9.256   10.547  1.00 20.32 ? 157 ASP A C   1 
ATOM   1202 O  O   . ASP A 1 157 ? -0.896  9.263   11.641  1.00 22.28 ? 157 ASP A O   1 
ATOM   1203 C  CB  . ASP A 1 157 ? 2.139   9.494   10.877  1.00 20.64 ? 157 ASP A CB  1 
ATOM   1204 C  CG  . ASP A 1 157 ? 3.434   10.204  10.630  1.00 23.85 ? 157 ASP A CG  1 
ATOM   1205 O  OD1 . ASP A 1 157 ? 3.577   11.001  9.651   1.00 27.93 ? 157 ASP A OD1 1 
ATOM   1206 O  OD2 . ASP A 1 157 ? 4.410   9.999   11.417  1.00 24.40 ? 157 ASP A OD2 1 
ATOM   1207 N  N   . VAL A 1 158 ? -0.715  8.455   9.549   1.00 20.76 ? 158 VAL A N   1 
ATOM   1208 C  CA  . VAL A 1 158 ? -1.879  7.591   9.690   1.00 20.65 ? 158 VAL A CA  1 
ATOM   1209 C  C   . VAL A 1 158 ? -1.371  6.161   9.350   1.00 20.87 ? 158 VAL A C   1 
ATOM   1210 O  O   . VAL A 1 158 ? -0.784  5.994   8.270   1.00 19.80 ? 158 VAL A O   1 
ATOM   1211 C  CB  . VAL A 1 158 ? -3.042  8.010   8.747   1.00 20.59 ? 158 VAL A CB  1 
ATOM   1212 C  CG1 . VAL A 1 158 ? -4.202  7.082   8.898   1.00 20.88 ? 158 VAL A CG1 1 
ATOM   1213 C  CG2 . VAL A 1 158 ? -3.477  9.467   8.990   1.00 24.95 ? 158 VAL A CG2 1 
ATOM   1214 N  N   . PRO A 1 159 ? -1.526  5.217   10.283  1.00 18.33 ? 159 PRO A N   1 
ATOM   1215 C  CA  . PRO A 1 159 ? -1.087  3.841   10.087  1.00 17.35 ? 159 PRO A CA  1 
ATOM   1216 C  C   . PRO A 1 159 ? -2.157  3.017   9.341   1.00 17.44 ? 159 PRO A C   1 
ATOM   1217 O  O   . PRO A 1 159 ? -3.352  3.363   9.336   1.00 18.70 ? 159 PRO A O   1 
ATOM   1218 C  CB  . PRO A 1 159 ? -0.923  3.302   11.495  1.00 17.66 ? 159 PRO A CB  1 
ATOM   1219 C  CG  . PRO A 1 159 ? -2.019  4.002   12.252  1.00 18.94 ? 159 PRO A CG  1 
ATOM   1220 C  CD  . PRO A 1 159 ? -2.110  5.379   11.638  1.00 20.82 ? 159 PRO A CD  1 
ATOM   1221 N  N   . VAL A 1 160 ? -1.658  1.973   8.671   1.00 16.21 ? 160 VAL A N   1 
ATOM   1222 C  CA  . VAL A 1 160 ? -2.466  0.870   8.161   1.00 15.61 ? 160 VAL A CA  1 
ATOM   1223 C  C   . VAL A 1 160 ? -2.845  -0.049  9.331   1.00 16.17 ? 160 VAL A C   1 
ATOM   1224 O  O   . VAL A 1 160 ? -2.275  -0.009  10.433  1.00 17.32 ? 160 VAL A O   1 
ATOM   1225 C  CB  . VAL A 1 160 ? -1.811  0.085   7.052   1.00 15.37 ? 160 VAL A CB  1 
ATOM   1226 C  CG1 . VAL A 1 160 ? -1.664  0.971   5.822   1.00 15.65 ? 160 VAL A CG1 1 
ATOM   1227 C  CG2 . VAL A 1 160 ? -0.511  -0.554  7.469   1.00 15.54 ? 160 VAL A CG2 1 
ATOM   1228 N  N   . ASP A 1 161 ? -3.843  -0.904  9.129   1.00 15.28 ? 161 ASP A N   1 
ATOM   1229 C  CA  . ASP A 1 161 ? -4.193  -1.883  10.156  1.00 17.32 ? 161 ASP A CA  1 
ATOM   1230 C  C   . ASP A 1 161 ? -3.896  -3.359  9.871   1.00 17.04 ? 161 ASP A C   1 
ATOM   1231 O  O   . ASP A 1 161 ? -4.283  -4.240  10.659  1.00 18.56 ? 161 ASP A O   1 
ATOM   1232 C  CB  . ASP A 1 161 ? -5.609  -1.644  10.686  1.00 18.29 ? 161 ASP A CB  1 
ATOM   1233 C  CG  . ASP A 1 161 ? -6.724  -2.067  9.776   1.00 21.31 ? 161 ASP A CG  1 
ATOM   1234 O  OD1 . ASP A 1 161 ? -6.532  -2.240  8.546   1.00 16.88 ? 161 ASP A OD1 1 
ATOM   1235 O  OD2 . ASP A 1 161 ? -7.919  -2.208  10.248  1.00 23.45 ? 161 ASP A OD2 1 
ATOM   1236 N  N   . HIS A 1 162 ? -3.217  -3.645  8.755   1.00 14.57 ? 162 HIS A N   1 
ATOM   1237 C  CA  . HIS A 1 162 ? -2.657  -4.973  8.499   1.00 13.39 ? 162 HIS A CA  1 
ATOM   1238 C  C   . HIS A 1 162 ? -1.374  -4.792  7.697   1.00 14.85 ? 162 HIS A C   1 
ATOM   1239 O  O   . HIS A 1 162 ? -1.155  -3.755  7.055   1.00 14.65 ? 162 HIS A O   1 
ATOM   1240 C  CB  . HIS A 1 162 ? -3.621  -5.821  7.606   1.00 13.84 ? 162 HIS A CB  1 
ATOM   1241 C  CG  . HIS A 1 162 ? -5.012  -5.932  8.138   1.00 15.70 ? 162 HIS A CG  1 
ATOM   1242 N  ND1 . HIS A 1 162 ? -5.975  -4.971  7.929   1.00 17.98 ? 162 HIS A ND1 1 
ATOM   1243 C  CD2 . HIS A 1 162 ? -5.568  -6.868  8.941   1.00 17.48 ? 162 HIS A CD2 1 
ATOM   1244 C  CE1 . HIS A 1 162 ? -7.073  -5.309  8.600   1.00 16.26 ? 162 HIS A CE1 1 
ATOM   1245 N  NE2 . HIS A 1 162 ? -6.849  -6.451  9.233   1.00 18.20 ? 162 HIS A NE2 1 
ATOM   1246 N  N   . LEU A 1 163 ? -0.520  -5.773  7.784   1.00 14.88 ? 163 LEU A N   1 
ATOM   1247 C  CA  . LEU A 1 163 ? 0.709   -5.785  6.992   1.00 14.91 ? 163 LEU A CA  1 
ATOM   1248 C  C   . LEU A 1 163 ? 0.807   -7.081  6.210   1.00 15.89 ? 163 LEU A C   1 
ATOM   1249 O  O   . LEU A 1 163 ? 0.432   -8.110  6.722   1.00 15.93 ? 163 LEU A O   1 
ATOM   1250 C  CB  . LEU A 1 163 ? 1.904   -5.608  7.889   1.00 16.14 ? 163 LEU A CB  1 
ATOM   1251 C  CG  . LEU A 1 163 ? 2.067   -4.262  8.552   1.00 15.43 ? 163 LEU A CG  1 
ATOM   1252 C  CD1 . LEU A 1 163 ? 2.989   -4.372  9.798   1.00 18.45 ? 163 LEU A CD1 1 
ATOM   1253 C  CD2 . LEU A 1 163 ? 2.535   -3.234  7.493   1.00 16.52 ? 163 LEU A CD2 1 
ATOM   1254 N  N   . ALA A 1 164 ? 1.313   -7.024  4.979   1.00 15.11 ? 164 ALA A N   1 
ATOM   1255 C  CA  . ALA A 1 164 ? 1.510   -8.222  4.164   1.00 15.45 ? 164 ALA A CA  1 
ATOM   1256 C  C   . ALA A 1 164 ? 2.959   -8.251  3.693   1.00 15.30 ? 164 ALA A C   1 
ATOM   1257 O  O   . ALA A 1 164 ? 3.434   -7.256  3.106   1.00 14.48 ? 164 ALA A O   1 
ATOM   1258 C  CB  . ALA A 1 164 ? 0.615   -8.199  2.964   1.00 16.64 ? 164 ALA A CB  1 
ATOM   1259 N  N   . THR A 1 165 ? 3.597   -9.379  3.961   1.00 14.78 ? 165 THR A N   1 
ATOM   1260 C  CA  . THR A 1 165 ? 4.945   -9.666  3.532   1.00 15.35 ? 165 THR A CA  1 
ATOM   1261 C  C   . THR A 1 165 ? 4.944   -10.981 2.808   1.00 13.81 ? 165 THR A C   1 
ATOM   1262 O  O   . THR A 1 165 ? 3.908   -11.543 2.552   1.00 14.69 ? 165 THR A O   1 
ATOM   1263 C  CB  . THR A 1 165 ? 5.924   -9.758  4.711   1.00 14.67 ? 165 THR A CB  1 
ATOM   1264 O  OG1 . THR A 1 165 ? 5.667   -10.964 5.424   1.00 16.43 ? 165 THR A OG1 1 
ATOM   1265 C  CG2 . THR A 1 165 ? 5.782   -8.605  5.649   1.00 16.57 ? 165 THR A CG2 1 
ATOM   1266 N  N   . GLU A 1 166 ? 6.125   -11.414 2.373   1.00 16.24 ? 166 GLU A N   1 
ATOM   1267 C  CA  . GLU A 1 166 ? 6.236   -12.716 1.739   1.00 16.34 ? 166 GLU A CA  1 
ATOM   1268 C  C   . GLU A 1 166 ? 5.875   -13.897 2.654   1.00 18.11 ? 166 GLU A C   1 
ATOM   1269 O  O   . GLU A 1 166 ? 5.672   -15.005 2.206   1.00 19.80 ? 166 GLU A O   1 
ATOM   1270 C  CB  . GLU A 1 166 ? 7.637   -12.893 1.152   1.00 16.40 ? 166 GLU A CB  1 
ATOM   1271 C  CG  . GLU A 1 166 ? 8.780   -12.949 2.170   1.00 17.39 ? 166 GLU A CG  1 
ATOM   1272 C  CD  . GLU A 1 166 ? 9.454   -11.636 2.427   1.00 18.34 ? 166 GLU A CD  1 
ATOM   1273 O  OE1 . GLU A 1 166 ? 8.756   -10.573 2.444   1.00 16.57 ? 166 GLU A OE1 1 
ATOM   1274 O  OE2 . GLU A 1 166 ? 10.681  -11.653 2.680   1.00 17.08 ? 166 GLU A OE2 1 
ATOM   1275 N  N   . ALA A 1 167 ? 5.788   -13.650 3.978   1.00 17.96 ? 167 ALA A N   1 
ATOM   1276 C  CA  . ALA A 1 167 ? 5.340   -14.670 4.938   1.00 20.70 ? 167 ALA A CA  1 
ATOM   1277 C  C   . ALA A 1 167 ? 3.816   -14.747 5.072   1.00 22.87 ? 167 ALA A C   1 
ATOM   1278 O  O   . ALA A 1 167 ? 3.304   -15.681 5.654   1.00 27.26 ? 167 ALA A O   1 
ATOM   1279 C  CB  . ALA A 1 167 ? 5.977   -14.437 6.234   1.00 21.19 ? 167 ALA A CB  1 
ATOM   1280 N  N   . GLY A 1 168 ? 3.086   -13.771 4.540   1.00 20.82 ? 168 GLY A N   1 
ATOM   1281 C  CA  . GLY A 1 168 ? 1.634   -13.662 4.597   1.00 20.77 ? 168 GLY A CA  1 
ATOM   1282 C  C   . GLY A 1 168 ? 1.193   -12.338 5.261   1.00 19.68 ? 168 GLY A C   1 
ATOM   1283 O  O   . GLY A 1 168 ? 1.996   -11.434 5.499   1.00 17.68 ? 168 GLY A O   1 
ATOM   1284 N  N   . VAL A 1 169 ? -0.098  -12.292 5.577   1.00 19.86 ? 169 VAL A N   1 
ATOM   1285 C  CA  . VAL A 1 169 ? -0.770  -11.132 6.155   1.00 18.55 ? 169 VAL A CA  1 
ATOM   1286 C  C   . VAL A 1 169 ? -0.852  -11.287 7.653   1.00 19.28 ? 169 VAL A C   1 
ATOM   1287 O  O   . VAL A 1 169 ? -1.094  -12.417 8.179   1.00 17.14 ? 169 VAL A O   1 
ATOM   1288 C  CB  . VAL A 1 169 ? -2.175  -10.957 5.582   1.00 17.68 ? 169 VAL A CB  1 
ATOM   1289 C  CG1 . VAL A 1 169 ? -2.806  -9.734  6.085   1.00 16.90 ? 169 VAL A CG1 1 
ATOM   1290 C  CG2 . VAL A 1 169 ? -2.108  -11.007 3.968   1.00 20.72 ? 169 VAL A CG2 1 
ATOM   1291 N  N   . GLU A 1 170 ? -0.680  -10.148 8.344   1.00 18.88 ? 170 GLU A N   1 
ATOM   1292 C  CA  . GLU A 1 170 ? -0.718  -10.125 9.814   1.00 19.25 ? 170 GLU A CA  1 
ATOM   1293 C  C   . GLU A 1 170 ? -1.445  -8.844  10.252  1.00 19.55 ? 170 GLU A C   1 
ATOM   1294 O  O   . GLU A 1 170 ? -1.469  -7.805  9.542   1.00 19.20 ? 170 GLU A O   1 
ATOM   1295 C  CB  . GLU A 1 170 ? 0.687   -10.264 10.425  1.00 19.81 ? 170 GLU A CB  1 
ATOM   1296 C  CG  . GLU A 1 170 ? 1.554   -9.029  10.188  1.00 22.88 ? 170 GLU A CG  1 
ATOM   1297 C  CD  . GLU A 1 170 ? 3.011   -9.206  10.570  1.00 29.44 ? 170 GLU A CD  1 
ATOM   1298 O  OE1 . GLU A 1 170 ? 3.288   -10.101 11.392  1.00 32.29 ? 170 GLU A OE1 1 
ATOM   1299 O  OE2 . GLU A 1 170 ? 3.872   -8.438  10.051  1.00 31.30 ? 170 GLU A OE2 1 
ATOM   1300 N  N   . ALA A 1 171 ? -2.098  -8.913  11.406  1.00 20.01 ? 171 ALA A N   1 
ATOM   1301 C  CA  . ALA A 1 171 ? -2.726  -7.720  11.982  1.00 20.46 ? 171 ALA A CA  1 
ATOM   1302 C  C   . ALA A 1 171 ? -1.615  -6.810  12.541  1.00 21.46 ? 171 ALA A C   1 
ATOM   1303 O  O   . ALA A 1 171 ? -0.499  -7.246  12.886  1.00 21.47 ? 171 ALA A O   1 
ATOM   1304 C  CB  . ALA A 1 171 ? -3.708  -8.089  13.094  1.00 21.55 ? 171 ALA A CB  1 
ATOM   1305 N  N   . VAL A 1 172 ? -1.934  -5.540  12.552  1.00 22.46 ? 172 VAL A N   1 
ATOM   1306 C  CA  . VAL A 1 172 ? -1.214  -4.582  13.313  1.00 24.76 ? 172 VAL A CA  1 
ATOM   1307 C  C   . VAL A 1 172 ? -2.058  -4.565  14.618  1.00 26.73 ? 172 VAL A C   1 
ATOM   1308 O  O   . VAL A 1 172 ? -3.301  -4.375  14.600  1.00 27.65 ? 172 VAL A O   1 
ATOM   1309 C  CB  . VAL A 1 172 ? -1.293  -3.205  12.721  1.00 24.43 ? 172 VAL A CB  1 
ATOM   1310 C  CG1 . VAL A 1 172 ? -0.672  -2.220  13.611  1.00 24.63 ? 172 VAL A CG1 1 
ATOM   1311 C  CG2 . VAL A 1 172 ? -0.663  -3.169  11.353  1.00 22.86 ? 172 VAL A CG2 1 
ATOM   1312 N  N   . LYS A 1 173 ? -1.380  -4.785  15.698  1.00 27.97 ? 173 LYS A N   1 
ATOM   1313 C  CA  . LYS A 1 173 ? -1.986  -4.621  17.050  1.00 32.65 ? 173 LYS A CA  1 
ATOM   1314 C  C   . LYS A 1 173 ? -2.723  -3.264  17.211  1.00 34.64 ? 173 LYS A C   1 
ATOM   1315 O  O   . LYS A 1 173 ? -2.184  -2.211  16.831  1.00 35.19 ? 173 LYS A O   1 
ATOM   1316 C  CB  . LYS A 1 173 ? -0.922  -4.805  18.135  1.00 33.35 ? 173 LYS A CB  1 
ATOM   1317 C  CG  . LYS A 1 173 ? -0.261  -6.177  18.090  1.00 34.98 ? 173 LYS A CG  1 
ATOM   1318 C  CD  . LYS A 1 173 ? 0.323   -6.633  19.398  1.00 37.30 ? 173 LYS A CD  1 
ATOM   1319 C  CE  . LYS A 1 173 ? 0.905   -8.059  19.250  1.00 40.31 ? 173 LYS A CE  1 
ATOM   1320 N  NZ  . LYS A 1 173 ? 1.914   -8.352  20.327  1.00 43.94 ? 173 LYS A NZ  1 
ATOM   1321 N  N   . ARG A 1 174 ? -3.937  -3.279  17.766  1.00 35.67 ? 174 ARG A N   1 
ATOM   1322 C  CA  . ARG A 1 174 ? -4.703  -2.037  17.913  1.00 37.08 ? 174 ARG A CA  1 
ATOM   1323 C  C   . ARG A 1 174 ? -3.980  -1.067  18.872  1.00 37.72 ? 174 ARG A C   1 
ATOM   1324 O  O   . ARG A 1 174 ? -3.561  -1.477  19.951  1.00 36.91 ? 174 ARG A O   1 
ATOM   1325 C  CB  . ARG A 1 174 ? -6.137  -2.259  18.416  1.00 37.92 ? 174 ARG A CB  1 
ATOM   1326 C  CG  . ARG A 1 174 ? -6.744  -0.982  19.024  1.00 41.15 ? 174 ARG A CG  1 
ATOM   1327 C  CD  . ARG A 1 174 ? -8.264  -0.842  19.076  1.00 45.14 ? 174 ARG A CD  1 
ATOM   1328 N  NE  . ARG A 1 174 ? -8.955  -1.990  19.624  1.00 49.32 ? 174 ARG A NE  1 
ATOM   1329 C  CZ  . ARG A 1 174 ? -9.318  -3.052  18.919  1.00 49.46 ? 174 ARG A CZ  1 
ATOM   1330 N  NH1 . ARG A 1 174 ? -9.031  -3.126  17.634  1.00 53.00 ? 174 ARG A NH1 1 
ATOM   1331 N  NH2 . ARG A 1 174 ? -9.971  -4.051  19.491  1.00 50.56 ? 174 ARG A NH2 1 
ATOM   1332 N  N   . PRO A 1 175 ? -3.826  0.197   18.463  1.00 38.12 ? 175 PRO A N   1 
ATOM   1333 C  CA  . PRO A 1 175 ? -2.998  1.155   19.216  1.00 39.31 ? 175 PRO A CA  1 
ATOM   1334 C  C   . PRO A 1 175 ? -3.490  1.398   20.648  1.00 39.90 ? 175 PRO A C   1 
ATOM   1335 O  O   . PRO A 1 175 ? -4.716  1.353   20.768  1.00 41.62 ? 175 PRO A O   1 
ATOM   1336 C  CB  . PRO A 1 175 ? -3.092  2.458   18.389  1.00 39.19 ? 175 PRO A CB  1 
ATOM   1337 C  CG  . PRO A 1 175 ? -3.758  2.126   17.112  1.00 38.71 ? 175 PRO A CG  1 
ATOM   1338 C  CD  . PRO A 1 175 ? -4.389  0.790   17.224  1.00 38.52 ? 175 PRO A CD  1 
HETATM 1339 S  S   . SO4 B 2 .   ? 2.850   9.794   -0.187  0.98 32.05 ? 200 SO4 A S   1 
HETATM 1340 O  O1  . SO4 B 2 .   ? 2.430   9.355   -1.527  0.98 34.28 ? 200 SO4 A O1  1 
HETATM 1341 O  O2  . SO4 B 2 .   ? 3.693   8.722   0.323   0.98 32.45 ? 200 SO4 A O2  1 
HETATM 1342 O  O3  . SO4 B 2 .   ? 1.637   9.792   0.652   0.98 29.19 ? 200 SO4 A O3  1 
HETATM 1343 O  O4  . SO4 B 2 .   ? 3.621   10.942  -0.181  0.98 30.42 ? 200 SO4 A O4  1 
HETATM 1344 S  S   . SO4 C 2 .   ? 6.720   10.442  4.828   0.98 25.28 ? 201 SO4 A S   1 
HETATM 1345 O  O1  . SO4 C 2 .   ? 5.875   10.137  3.663   0.98 27.96 ? 201 SO4 A O1  1 
HETATM 1346 O  O2  . SO4 C 2 .   ? 7.103   9.250   5.605   0.98 29.91 ? 201 SO4 A O2  1 
HETATM 1347 O  O3  . SO4 C 2 .   ? 5.917   11.133  5.790   0.98 26.27 ? 201 SO4 A O3  1 
HETATM 1348 O  O4  . SO4 C 2 .   ? 7.910   11.163  4.413   0.98 32.42 ? 201 SO4 A O4  1 
HETATM 1349 S  S   . SO4 D 2 .   ? 12.632  14.345  10.047  0.98 27.97 ? 202 SO4 A S   1 
HETATM 1350 O  O1  . SO4 D 2 .   ? 13.257  15.692  9.854   0.98 25.42 ? 202 SO4 A O1  1 
HETATM 1351 O  O2  . SO4 D 2 .   ? 13.236  13.652  11.138  0.98 30.72 ? 202 SO4 A O2  1 
HETATM 1352 O  O3  . SO4 D 2 .   ? 12.812  13.737  8.811   0.98 30.87 ? 202 SO4 A O3  1 
HETATM 1353 O  O4  . SO4 D 2 .   ? 11.281  14.430  10.550  0.98 34.65 ? 202 SO4 A O4  1 
HETATM 1354 S  S   . SO4 E 2 .   ? 8.806   -1.651  17.515  0.98 38.89 ? 203 SO4 A S   1 
HETATM 1355 O  O1  . SO4 E 2 .   ? 10.190  -1.226  17.265  0.98 33.22 ? 203 SO4 A O1  1 
HETATM 1356 O  O2  . SO4 E 2 .   ? 8.854   -3.053  17.913  0.98 38.35 ? 203 SO4 A O2  1 
HETATM 1357 O  O3  . SO4 E 2 .   ? 7.953   -1.404  16.318  0.98 34.82 ? 203 SO4 A O3  1 
HETATM 1358 O  O4  . SO4 E 2 .   ? 8.219   -0.898  18.642  0.98 38.57 ? 203 SO4 A O4  1 
HETATM 1359 O  O   . HOH F 3 .   ? 1.275   10.105  3.426   1.00 19.05 ? 204 HOH A O   1 
HETATM 1360 O  O   . HOH F 3 .   ? -3.163  2.486   -2.876  1.00 18.59 ? 205 HOH A O   1 
HETATM 1361 O  O   . HOH F 3 .   ? 5.645   5.108   14.165  1.00 26.08 ? 206 HOH A O   1 
HETATM 1362 O  O   . HOH F 3 .   ? 1.822   7.761   4.739   1.00 22.74 ? 207 HOH A O   1 
HETATM 1363 O  O   . HOH F 3 .   ? 15.876  -11.188 -3.118  1.00 19.01 ? 208 HOH A O   1 
HETATM 1364 O  O   . HOH F 3 .   ? 8.389   -2.521  14.022  1.00 22.59 ? 209 HOH A O   1 
HETATM 1365 O  O   . HOH F 3 .   ? 6.243   -1.522  -0.513  1.00 21.85 ? 210 HOH A O   1 
HETATM 1366 O  O   . HOH F 3 .   ? 9.183   2.336   -10.957 1.00 61.37 ? 211 HOH A O   1 
HETATM 1367 O  O   . HOH F 3 .   ? -11.479 -4.299  -11.888 1.00 22.37 ? 212 HOH A O   1 
HETATM 1368 O  O   . HOH F 3 .   ? 3.051   4.099   -5.804  1.00 26.45 ? 213 HOH A O   1 
HETATM 1369 O  O   . HOH F 3 .   ? -3.337  0.647   12.975  1.00 27.85 ? 214 HOH A O   1 
HETATM 1370 O  O   . HOH F 3 .   ? 10.260  -15.373 4.435   1.00 17.99 ? 215 HOH A O   1 
HETATM 1371 O  O   . HOH F 3 .   ? 2.208   6.409   8.526   1.00 23.08 ? 216 HOH A O   1 
HETATM 1372 O  O   . HOH F 3 .   ? -1.111  1.523   14.902  1.00 26.30 ? 217 HOH A O   1 
HETATM 1373 O  O   . HOH F 3 .   ? 8.677   9.136   17.549  1.00 26.26 ? 218 HOH A O   1 
HETATM 1374 O  O   . HOH F 3 .   ? 4.694   -17.287 -8.332  1.00 39.76 ? 219 HOH A O   1 
HETATM 1375 O  O   . HOH F 3 .   ? -4.587  -1.805  14.096  1.00 26.08 ? 220 HOH A O   1 
HETATM 1376 O  O   . HOH F 3 .   ? -13.413 -3.423  4.567   1.00 25.81 ? 221 HOH A O   1 
HETATM 1377 O  O   . HOH F 3 .   ? -13.896 3.094   1.943   1.00 25.21 ? 222 HOH A O   1 
HETATM 1378 O  O   . HOH F 3 .   ? -1.739  -11.383 13.009  1.00 24.21 ? 223 HOH A O   1 
HETATM 1379 O  O   . HOH F 3 .   ? 11.269  -0.761  -9.409  1.00 37.28 ? 224 HOH A O   1 
HETATM 1380 O  O   . HOH F 3 .   ? 13.210  2.630   12.293  1.00 30.22 ? 225 HOH A O   1 
HETATM 1381 O  O   . HOH F 3 .   ? -1.727  8.012   14.689  1.00 41.10 ? 226 HOH A O   1 
HETATM 1382 O  O   . HOH F 3 .   ? 13.593  -7.328  -9.879  1.00 31.15 ? 227 HOH A O   1 
HETATM 1383 O  O   . HOH F 3 .   ? 3.428   10.707  7.202   1.00 32.98 ? 228 HOH A O   1 
HETATM 1384 O  O   . HOH F 3 .   ? -0.158  5.647   -4.921  1.00 27.20 ? 229 HOH A O   1 
HETATM 1385 O  O   . HOH F 3 .   ? -0.220  -16.632 3.226   1.00 27.40 ? 230 HOH A O   1 
HETATM 1386 O  O   . HOH F 3 .   ? 1.196   -4.511  15.592  1.00 27.76 ? 231 HOH A O   1 
HETATM 1387 O  O   . HOH F 3 .   ? -8.553  -7.630  10.863  1.00 26.40 ? 232 HOH A O   1 
HETATM 1388 O  O   . HOH F 3 .   ? 3.624   11.618  3.534   1.00 22.17 ? 233 HOH A O   1 
HETATM 1389 O  O   . HOH F 3 .   ? 0.463   -9.258  14.370  1.00 40.01 ? 234 HOH A O   1 
HETATM 1390 O  O   . HOH F 3 .   ? -3.425  -9.021  -13.173 1.00 32.99 ? 235 HOH A O   1 
HETATM 1391 O  O   . HOH F 3 .   ? -5.862  -5.332  15.126  1.00 25.50 ? 236 HOH A O   1 
HETATM 1392 O  O   . HOH F 3 .   ? 5.506   7.147   11.923  1.00 26.92 ? 237 HOH A O   1 
HETATM 1393 O  O   . HOH F 3 .   ? -16.291 -6.129  1.708   1.00 40.27 ? 238 HOH A O   1 
HETATM 1394 O  O   . HOH F 3 .   ? 0.970   -2.309  -7.443  1.00 26.89 ? 239 HOH A O   1 
HETATM 1395 O  O   . HOH F 3 .   ? -17.051 2.466   3.288   1.00 34.83 ? 240 HOH A O   1 
HETATM 1396 O  O   . HOH F 3 .   ? 5.236   7.672   9.470   1.00 36.82 ? 241 HOH A O   1 
HETATM 1397 O  O   . HOH F 3 .   ? -7.342  4.218   -13.969 1.00 29.66 ? 242 HOH A O   1 
HETATM 1398 O  O   . HOH F 3 .   ? -12.487 -13.343 -6.708  1.00 33.27 ? 243 HOH A O   1 
HETATM 1399 O  O   . HOH F 3 .   ? 12.876  -6.469  9.207   1.00 38.42 ? 244 HOH A O   1 
HETATM 1400 O  O   . HOH F 3 .   ? -1.673  -13.159 -6.051  1.00 33.22 ? 245 HOH A O   1 
HETATM 1401 O  O   . HOH F 3 .   ? -17.471 -11.124 -1.389  1.00 40.81 ? 246 HOH A O   1 
HETATM 1402 O  O   . HOH F 3 .   ? -11.925 -1.616  -14.420 1.00 26.69 ? 247 HOH A O   1 
HETATM 1403 O  O   . HOH F 3 .   ? 4.120   16.072  3.281   1.00 31.25 ? 248 HOH A O   1 
HETATM 1404 O  O   . HOH F 3 .   ? 3.419   -11.306 7.859   1.00 28.74 ? 249 HOH A O   1 
HETATM 1405 O  O   . HOH F 3 .   ? -8.473  -18.246 2.120   1.00 30.85 ? 250 HOH A O   1 
HETATM 1406 O  O   . HOH F 3 .   ? -6.912  1.234   8.486   1.00 30.56 ? 251 HOH A O   1 
HETATM 1407 O  O   . HOH F 3 .   ? 5.478   -1.680  -2.853  1.00 34.58 ? 252 HOH A O   1 
HETATM 1408 O  O   . HOH F 3 .   ? -6.600  6.257   -11.683 1.00 34.65 ? 253 HOH A O   1 
HETATM 1409 O  O   . HOH F 3 .   ? 6.305   13.916  5.921   1.00 34.79 ? 254 HOH A O   1 
HETATM 1410 O  O   . HOH F 3 .   ? 1.234   -11.169 1.631   1.00 25.90 ? 255 HOH A O   1 
HETATM 1411 O  O   . HOH F 3 .   ? -14.486 1.579   16.681  1.00 43.52 ? 256 HOH A O   1 
HETATM 1412 O  O   . HOH F 3 .   ? 0.249   9.740   14.325  1.00 35.51 ? 257 HOH A O   1 
HETATM 1413 O  O   . HOH F 3 .   ? 18.643  13.792  8.491   1.00 35.76 ? 258 HOH A O   1 
HETATM 1414 O  O   . HOH F 3 .   ? -7.950  4.262   7.349   1.00 36.18 ? 259 HOH A O   1 
HETATM 1415 O  O   . HOH F 3 .   ? 7.595   5.560   -0.122  1.00 32.67 ? 260 HOH A O   1 
HETATM 1416 O  O   . HOH F 3 .   ? 5.733   1.932   18.702  1.00 41.59 ? 261 HOH A O   1 
HETATM 1417 O  O   . HOH F 3 .   ? -17.141 1.574   -8.946  1.00 32.23 ? 262 HOH A O   1 
HETATM 1418 O  O   . HOH F 3 .   ? -14.645 -16.394 4.755   1.00 43.21 ? 263 HOH A O   1 
HETATM 1419 O  O   . HOH F 3 .   ? -1.419  -13.222 -10.992 1.00 45.28 ? 264 HOH A O   1 
HETATM 1420 O  O   . HOH F 3 .   ? -3.146  -14.096 3.609   1.00 33.67 ? 265 HOH A O   1 
HETATM 1421 O  O   . HOH F 3 .   ? -9.178  0.696   8.415   1.00 34.84 ? 266 HOH A O   1 
HETATM 1422 O  O   . HOH F 3 .   ? 10.241  14.250  7.266   1.00 33.14 ? 267 HOH A O   1 
HETATM 1423 O  O   . HOH F 3 .   ? -0.012  -0.941  16.865  1.00 36.78 ? 268 HOH A O   1 
HETATM 1424 O  O   . HOH F 3 .   ? -14.073 -14.924 -1.268  1.00 48.40 ? 269 HOH A O   1 
HETATM 1425 O  O   . HOH F 3 .   ? -20.847 -9.854  -3.818  1.00 62.50 ? 270 HOH A O   1 
HETATM 1426 O  O   . HOH F 3 .   ? -1.335  3.813   16.295  1.00 31.21 ? 271 HOH A O   1 
HETATM 1427 O  O   . HOH F 3 .   ? -8.188  13.669  4.936   1.00 34.85 ? 272 HOH A O   1 
HETATM 1428 O  O   . HOH F 3 .   ? 5.536   2.687   16.158  1.00 33.88 ? 273 HOH A O   1 
HETATM 1429 O  O   . HOH F 3 .   ? -4.764  12.483  -0.456  1.00 33.82 ? 274 HOH A O   1 
HETATM 1430 O  O   . HOH F 3 .   ? -15.426 0.123   -11.406 1.00 34.34 ? 275 HOH A O   1 
HETATM 1431 O  O   . HOH F 3 .   ? -0.801  14.751  5.722   1.00 49.32 ? 276 HOH A O   1 
HETATM 1432 O  O   . HOH F 3 .   ? 8.859   6.385   17.293  1.00 34.23 ? 277 HOH A O   1 
HETATM 1433 O  O   . HOH F 3 .   ? 10.039  12.541  5.332   1.00 28.68 ? 278 HOH A O   1 
HETATM 1434 O  O   . HOH F 3 .   ? -2.415  -14.362 6.918   1.00 42.38 ? 279 HOH A O   1 
HETATM 1435 O  O   . HOH F 3 .   ? -20.055 8.516   -1.192  1.00 44.67 ? 280 HOH A O   1 
HETATM 1436 O  O   . HOH F 3 .   ? 2.289   -6.316  12.945  1.00 31.28 ? 281 HOH A O   1 
HETATM 1437 O  O   . HOH F 3 .   ? -1.259  0.540   -13.956 1.00 36.60 ? 282 HOH A O   1 
HETATM 1438 O  O   . HOH F 3 .   ? -13.943 -9.913  -5.294  1.00 25.28 ? 283 HOH A O   1 
HETATM 1439 O  O   . HOH F 3 .   ? 0.425   -12.101 -7.480  1.00 43.32 ? 284 HOH A O   1 
HETATM 1440 O  O   . HOH F 3 .   ? -0.541  7.141   5.812   1.00 29.63 ? 285 HOH A O   1 
HETATM 1441 O  O   . HOH F 3 .   ? -17.825 2.171   -12.735 1.00 34.58 ? 286 HOH A O   1 
HETATM 1442 O  O   . HOH F 3 .   ? 9.099   3.740   -2.179  1.00 36.52 ? 287 HOH A O   1 
HETATM 1443 O  O   . HOH F 3 .   ? -2.702  2.583   -14.957 1.00 30.47 ? 288 HOH A O   1 
HETATM 1444 O  O   . HOH F 3 .   ? -5.668  2.647   -15.175 1.00 28.45 ? 289 HOH A O   1 
HETATM 1445 O  O   . HOH F 3 .   ? -8.611  5.066   -16.348 1.00 44.95 ? 290 HOH A O   1 
HETATM 1446 O  O   . HOH F 3 .   ? -3.801  -0.973  22.683  1.00 55.62 ? 291 HOH A O   1 
HETATM 1447 O  O   . HOH F 3 .   ? 3.707   14.047  5.220   1.00 31.04 ? 292 HOH A O   1 
HETATM 1448 O  O   . HOH F 3 .   ? -0.521  5.272   -7.562  1.00 30.84 ? 293 HOH A O   1 
HETATM 1449 O  O   . HOH F 3 .   ? 18.472  2.190   -6.716  1.00 52.02 ? 294 HOH A O   1 
HETATM 1450 O  O   . HOH F 3 .   ? 15.232  -6.328  -8.288  1.00 34.04 ? 295 HOH A O   1 
HETATM 1451 O  O   . HOH F 3 .   ? 9.723   5.419   -5.314  1.00 34.03 ? 296 HOH A O   1 
HETATM 1452 O  O   . HOH F 3 .   ? 1.423   15.554  5.963   1.00 27.76 ? 297 HOH A O   1 
HETATM 1453 O  O   . HOH F 3 .   ? 6.575   12.854  8.549   1.00 43.16 ? 298 HOH A O   1 
HETATM 1454 O  O   . HOH F 3 .   ? 9.771   8.660   4.261   1.00 35.23 ? 299 HOH A O   1 
HETATM 1455 O  O   . HOH F 3 .   ? 14.342  13.810  7.390   1.00 34.59 ? 300 HOH A O   1 
HETATM 1456 O  O   . HOH F 3 .   ? 20.969  6.722   7.305   1.00 54.45 ? 301 HOH A O   1 
HETATM 1457 O  O   . HOH F 3 .   ? -11.040 12.829  5.661   1.00 50.33 ? 302 HOH A O   1 
HETATM 1458 O  O   . HOH F 3 .   ? -2.654  13.513  8.347   1.00 35.12 ? 303 HOH A O   1 
HETATM 1459 O  O   . HOH F 3 .   ? -1.448  -10.921 -14.233 1.00 31.68 ? 304 HOH A O   1 
HETATM 1460 O  O   . HOH F 3 .   ? -8.889  -4.931  -12.958 1.00 32.99 ? 305 HOH A O   1 
HETATM 1461 O  O   . HOH F 3 .   ? -15.150 -11.906 -4.203  1.00 39.56 ? 306 HOH A O   1 
HETATM 1462 O  O   . HOH F 3 .   ? -4.599  -4.946  -13.492 1.00 44.05 ? 307 HOH A O   1 
HETATM 1463 O  O   . HOH F 3 .   ? -20.871 -3.462  -5.671  1.00 63.49 ? 308 HOH A O   1 
HETATM 1464 O  O   . HOH F 3 .   ? -21.871 -2.104  -10.499 1.00 59.81 ? 309 HOH A O   1 
HETATM 1465 O  O   . HOH F 3 .   ? 10.476  7.724   -0.535  1.00 40.27 ? 310 HOH A O   1 
HETATM 1466 O  O   . HOH F 3 .   ? 1.191   -16.481 7.545   1.00 56.15 ? 311 HOH A O   1 
HETATM 1467 O  O   . HOH F 3 .   ? -17.699 -1.321  -14.397 1.00 40.58 ? 312 HOH A O   1 
HETATM 1468 O  O   . HOH F 3 .   ? 3.566   10.864  -3.460  1.00 45.31 ? 313 HOH A O   1 
HETATM 1469 O  O   . HOH F 3 .   ? 2.615   6.099   -4.457  1.00 38.22 ? 314 HOH A O   1 
HETATM 1470 O  O   . HOH F 3 .   ? 3.762   4.535   -11.655 1.00 52.82 ? 315 HOH A O   1 
HETATM 1471 O  O   . HOH F 3 .   ? 6.485   6.313   -5.579  1.00 60.70 ? 316 HOH A O   1 
HETATM 1472 O  O   . HOH F 3 .   ? 5.586   3.980   -1.129  1.00 37.33 ? 317 HOH A O   1 
HETATM 1473 O  O   . HOH F 3 .   ? -18.434 8.723   9.311   1.00 40.43 ? 318 HOH A O   1 
HETATM 1474 O  O   . HOH F 3 .   ? 17.011  -6.719  1.631   1.00 33.77 ? 319 HOH A O   1 
HETATM 1475 O  O   . HOH F 3 .   ? 2.064   -14.121 -7.147  1.00 32.65 ? 320 HOH A O   1 
HETATM 1476 O  O   . HOH F 3 .   ? -20.465 5.986   -0.662  0.50 40.13 ? 321 HOH A O   1 
HETATM 1477 O  O   . HOH F 3 .   ? 22.537  -1.977  -0.785  1.00 43.75 ? 322 HOH A O   1 
HETATM 1478 O  O   . HOH F 3 .   ? -0.966  -13.563 11.219  1.00 37.16 ? 323 HOH A O   1 
HETATM 1479 O  O   . HOH F 3 .   ? 6.449   -9.825  -9.959  1.00 42.00 ? 324 HOH A O   1 
HETATM 1480 O  O   . HOH F 3 .   ? -13.446 7.635   7.137   1.00 42.85 ? 325 HOH A O   1 
HETATM 1481 O  O   . HOH F 3 .   ? 7.744   -16.467 3.691   1.00 37.57 ? 326 HOH A O   1 
HETATM 1482 O  O   . HOH F 3 .   ? 6.114   -10.785 8.085   1.00 30.87 ? 327 HOH A O   1 
HETATM 1483 O  O   . HOH F 3 .   ? 4.701   -7.468  13.156  1.00 46.71 ? 328 HOH A O   1 
HETATM 1484 O  O   . HOH F 3 .   ? 12.472  2.905   17.057  1.00 40.30 ? 329 HOH A O   1 
HETATM 1485 O  O   . HOH F 3 .   ? 3.563   8.122   6.769   1.00 32.26 ? 330 HOH A O   1 
HETATM 1486 O  O   . HOH F 3 .   ? -0.079  -1.163  -15.645 1.00 34.71 ? 331 HOH A O   1 
HETATM 1487 O  O   . HOH F 3 .   ? 13.214  -0.101  -7.365  1.00 35.34 ? 332 HOH A O   1 
HETATM 1488 O  O   . HOH F 3 .   ? -17.051 -3.940  -1.573  1.00 37.00 ? 333 HOH A O   1 
HETATM 1489 O  O   . HOH F 3 .   ? -12.182 10.027  -5.354  1.00 34.59 ? 334 HOH A O   1 
HETATM 1490 O  O   . HOH F 3 .   ? -18.292 5.998   -5.986  1.00 39.18 ? 335 HOH A O   1 
HETATM 1491 O  O   . HOH F 3 .   ? -6.114  -5.267  12.380  1.00 33.62 ? 336 HOH A O   1 
HETATM 1492 O  O   . HOH F 3 .   ? -12.483 -1.232  -12.054 1.00 32.28 ? 337 HOH A O   1 
HETATM 1493 O  O   . HOH F 3 .   ? 11.184  -2.473  -11.406 1.00 46.69 ? 338 HOH A O   1 
HETATM 1494 O  O   . HOH F 3 .   ? -10.439 13.773  -10.946 1.00 44.13 ? 339 HOH A O   1 
HETATM 1495 O  O   . HOH F 3 .   ? 7.115   -12.437 -12.161 1.00 56.79 ? 340 HOH A O   1 
HETATM 1496 O  O   . HOH F 3 .   ? -5.412  4.132   10.702  1.00 42.39 ? 341 HOH A O   1 
HETATM 1497 O  O   . HOH F 3 .   ? 19.960  6.722   -1.495  1.00 48.95 ? 342 HOH A O   1 
HETATM 1498 O  O   . HOH F 3 .   ? -20.048 -3.368  -9.052  1.00 41.49 ? 343 HOH A O   1 
HETATM 1499 O  O   . HOH F 3 .   ? -13.852 -1.756  24.355  1.00 31.44 ? 344 HOH A O   1 
HETATM 1500 O  O   . HOH F 3 .   ? 0.940   2.443   19.292  1.00 43.65 ? 345 HOH A O   1 
HETATM 1501 O  O   . HOH F 3 .   ? -20.594 4.019   4.181   1.00 43.22 ? 346 HOH A O   1 
HETATM 1502 O  O   . HOH F 3 .   ? 18.249  -6.156  4.538   1.00 30.20 ? 347 HOH A O   1 
HETATM 1503 O  O   . HOH F 3 .   ? 0.816   3.794   6.839   1.00 32.28 ? 348 HOH A O   1 
HETATM 1504 O  O   . HOH F 3 .   ? -11.568 1.410   18.020  1.00 33.56 ? 349 HOH A O   1 
# 
